data_9EKZ
#
_entry.id   9EKZ
#
_cell.length_a   1.00
_cell.length_b   1.00
_cell.length_c   1.00
_cell.angle_alpha   90.00
_cell.angle_beta   90.00
_cell.angle_gamma   90.00
#
_symmetry.space_group_name_H-M   'P 1'
#
loop_
_entity.id
_entity.type
_entity.pdbx_description
1 polymer Mucolipin-2
2 non-polymer N-{(1S,2S)-2-[4-(2-methoxyphenyl)piperazin-1-yl]cyclohexyl}benzenesulfonamide
#
_entity_poly.entity_id   1
_entity_poly.type   'polypeptide(L)'
_entity_poly.pdbx_seq_one_letter_code
;MARQPYRFPQARIPERGSGVFRLTVRNAMAHRDSEMKEECLREDLKFYFMSPCEKYRARRQIPWKLGLQILKIVMVTTQL
VRFGLSNQLVVAFKEDNTVAFKHLFLKGYSGTDEDDYSCSVYTQEDAYESIFFAINQYHQLKDITLGTLGYGENEDNRIG
LKVCKQHYKKGTMFPSNETLNIDNDVELDCVQLDLQDLSKKPPDWKNSSFFRLEFYRLLQVEISFHLKGIDLQTIHSREL
PDCYVFQNTIIFDNKAHSGKIKIYFDSDAKIEECKDLNIFGSTQKNAQYVLVFDAFVIVICLASLILCTRSIVLALRLRK
RFLNFFLEKYKRPVCDTDQWEFINGWYVLVIISDLMTIIGSILKMEIKAKNLTNYDLCSIFLGTSTLLVWVGVIRYLGYF
QAYNVLILTMQASLPKVLRFCACAGMIYLGYTFCGWIVLGPYHDKFENLNTVAECLFSLVNGDDMFATFAQIQQKSILVW
LFSRLYLYSFISLFIYMILSLFIALITDSYDTIKKFQQNGFPETDLQEFLKECSSKEEYQKESSAFLSCICCRRRKRSDD
HLIPIS
;
_entity_poly.pdbx_strand_id   A,B,C,D
#
loop_
_chem_comp.id
_chem_comp.type
_chem_comp.name
_chem_comp.formula
ZB4 non-polymer N-{(1S,2S)-2-[4-(2-methoxyphenyl)piperazin-1-yl]cyclohexyl}benzenesulfonamide 'C23 H31 N3 O3 S'
#
# COMPACT_ATOMS: atom_id res chain seq x y z
N MET A 36 -50.13 51.75 -0.24
CA MET A 36 -50.24 50.44 0.41
C MET A 36 -49.52 49.38 -0.40
N LYS A 37 -49.42 49.62 -1.72
CA LYS A 37 -48.75 48.66 -2.58
C LYS A 37 -47.28 48.52 -2.22
N GLU A 38 -46.68 49.58 -1.66
CA GLU A 38 -45.32 49.45 -1.14
C GLU A 38 -45.26 48.46 0.01
N GLU A 39 -46.23 48.52 0.92
CA GLU A 39 -46.30 47.55 2.01
C GLU A 39 -46.52 46.14 1.47
N CYS A 40 -47.36 46.02 0.44
CA CYS A 40 -47.61 44.71 -0.16
C CYS A 40 -46.33 44.16 -0.79
N LEU A 41 -45.58 45.01 -1.48
CA LEU A 41 -44.31 44.56 -2.08
C LEU A 41 -43.32 44.13 -1.00
N ARG A 42 -43.23 44.90 0.08
CA ARG A 42 -42.34 44.52 1.18
C ARG A 42 -42.76 43.21 1.81
N GLU A 43 -44.07 43.01 2.03
CA GLU A 43 -44.54 41.76 2.61
C GLU A 43 -44.28 40.58 1.67
N ASP A 44 -44.41 40.79 0.36
CA ASP A 44 -44.12 39.72 -0.59
C ASP A 44 -42.63 39.36 -0.55
N LEU A 45 -41.76 40.36 -0.55
CA LEU A 45 -40.33 40.07 -0.48
C LEU A 45 -39.95 39.40 0.82
N LYS A 46 -40.62 39.77 1.92
CA LYS A 46 -40.38 39.09 3.20
C LYS A 46 -40.86 37.64 3.15
N PHE A 47 -41.99 37.40 2.49
CA PHE A 47 -42.51 36.04 2.36
C PHE A 47 -41.56 35.17 1.56
N TYR A 48 -41.04 35.70 0.45
CA TYR A 48 -40.20 34.92 -0.44
C TYR A 48 -38.87 34.51 0.20
N PHE A 49 -38.45 35.17 1.29
CA PHE A 49 -37.13 34.96 1.87
C PHE A 49 -37.16 34.15 3.16
N MET A 50 -38.31 33.69 3.60
CA MET A 50 -38.40 32.95 4.85
C MET A 50 -38.51 31.45 4.61
N SER A 51 -38.08 30.68 5.61
CA SER A 51 -38.09 29.24 5.49
C SER A 51 -39.53 28.70 5.53
N PRO A 52 -39.77 27.54 4.93
CA PRO A 52 -41.12 26.95 4.99
C PRO A 52 -41.62 26.73 6.40
N CYS A 53 -40.72 26.39 7.33
CA CYS A 53 -41.11 26.31 8.73
C CYS A 53 -41.62 27.65 9.23
N GLU A 54 -40.92 28.73 8.88
CA GLU A 54 -41.38 30.06 9.25
C GLU A 54 -42.63 30.46 8.49
N LYS A 55 -42.77 30.02 7.23
CA LYS A 55 -43.99 30.32 6.50
C LYS A 55 -45.20 29.67 7.17
N TYR A 56 -45.07 28.44 7.63
CA TYR A 56 -46.17 27.79 8.34
C TYR A 56 -46.39 28.39 9.72
N ARG A 57 -45.30 28.79 10.40
CA ARG A 57 -45.45 29.43 11.70
C ARG A 57 -46.18 30.76 11.59
N ALA A 58 -45.94 31.51 10.50
CA ALA A 58 -46.51 32.84 10.36
C ALA A 58 -47.90 32.81 9.71
N ARG A 59 -47.99 32.30 8.48
CA ARG A 59 -49.22 32.41 7.70
C ARG A 59 -49.96 31.08 7.55
N ARG A 60 -49.57 30.05 8.30
CA ARG A 60 -50.26 28.77 8.33
C ARG A 60 -50.35 28.13 6.94
N GLN A 61 -49.34 28.37 6.10
CA GLN A 61 -49.28 27.81 4.78
C GLN A 61 -48.61 26.44 4.85
N ILE A 62 -49.34 25.40 4.44
CA ILE A 62 -48.81 24.04 4.56
C ILE A 62 -47.65 23.87 3.59
N PRO A 63 -46.56 23.23 4.01
CA PRO A 63 -45.40 23.05 3.10
C PRO A 63 -45.52 21.76 2.29
N TRP A 64 -46.51 21.71 1.40
CA TRP A 64 -46.70 20.50 0.62
C TRP A 64 -45.60 20.34 -0.42
N LYS A 65 -44.96 21.43 -0.83
CA LYS A 65 -43.78 21.31 -1.69
C LYS A 65 -42.65 20.61 -0.97
N LEU A 66 -42.44 20.93 0.30
CA LEU A 66 -41.40 20.24 1.08
C LEU A 66 -41.73 18.77 1.26
N GLY A 67 -43.01 18.44 1.50
CA GLY A 67 -43.39 17.05 1.58
C GLY A 67 -43.18 16.31 0.27
N LEU A 68 -43.48 16.99 -0.85
CA LEU A 68 -43.23 16.41 -2.16
C LEU A 68 -41.75 16.13 -2.35
N GLN A 69 -40.89 17.05 -1.92
CA GLN A 69 -39.45 16.85 -2.05
C GLN A 69 -38.96 15.69 -1.19
N ILE A 70 -39.49 15.55 0.03
CA ILE A 70 -39.08 14.44 0.88
C ILE A 70 -39.53 13.11 0.27
N LEU A 71 -40.76 13.07 -0.23
CA LEU A 71 -41.23 11.88 -0.95
C LEU A 71 -40.34 11.57 -2.15
N LYS A 72 -39.91 12.61 -2.86
CA LYS A 72 -39.03 12.41 -4.01
C LYS A 72 -37.70 11.80 -3.58
N ILE A 73 -37.13 12.30 -2.48
CA ILE A 73 -35.88 11.75 -1.98
C ILE A 73 -36.05 10.26 -1.67
N VAL A 74 -37.13 9.92 -0.97
CA VAL A 74 -37.33 8.53 -0.54
C VAL A 74 -37.50 7.62 -1.76
N MET A 75 -38.35 8.04 -2.71
CA MET A 75 -38.61 7.17 -3.86
C MET A 75 -37.43 7.08 -4.82
N VAL A 76 -36.69 8.16 -5.02
CA VAL A 76 -35.51 8.08 -5.87
C VAL A 76 -34.49 7.14 -5.28
N THR A 77 -34.24 7.23 -3.96
CA THR A 77 -33.29 6.33 -3.34
C THR A 77 -33.78 4.88 -3.40
N THR A 78 -35.09 4.66 -3.20
CA THR A 78 -35.63 3.32 -3.26
C THR A 78 -35.45 2.71 -4.64
N GLN A 79 -35.77 3.47 -5.68
CA GLN A 79 -35.60 2.97 -7.05
C GLN A 79 -34.14 2.65 -7.32
N LEU A 80 -33.23 3.51 -6.90
CA LEU A 80 -31.81 3.24 -7.13
C LEU A 80 -31.36 1.98 -6.42
N VAL A 81 -31.80 1.76 -5.19
CA VAL A 81 -31.36 0.57 -4.45
C VAL A 81 -31.91 -0.69 -5.08
N ARG A 82 -33.20 -0.68 -5.46
CA ARG A 82 -33.77 -1.86 -6.10
C ARG A 82 -33.06 -2.18 -7.42
N PHE A 83 -32.81 -1.15 -8.23
CA PHE A 83 -32.11 -1.32 -9.49
C PHE A 83 -30.72 -1.88 -9.27
N GLY A 84 -30.01 -1.35 -8.27
CA GLY A 84 -28.68 -1.85 -7.98
C GLY A 84 -28.67 -3.31 -7.58
N LEU A 85 -29.62 -3.71 -6.73
CA LEU A 85 -29.66 -5.11 -6.29
C LEU A 85 -29.93 -6.06 -7.46
N SER A 86 -30.94 -5.74 -8.28
CA SER A 86 -31.28 -6.65 -9.38
C SER A 86 -30.16 -6.73 -10.41
N ASN A 87 -29.63 -5.57 -10.81
CA ASN A 87 -28.58 -5.60 -11.82
C ASN A 87 -27.29 -6.22 -11.27
N GLN A 88 -27.08 -6.11 -9.94
CA GLN A 88 -25.98 -6.82 -9.30
C GLN A 88 -26.12 -8.32 -9.48
N LEU A 89 -27.34 -8.84 -9.27
CA LEU A 89 -27.57 -10.27 -9.48
C LEU A 89 -27.23 -10.68 -10.91
N VAL A 90 -27.74 -9.94 -11.89
CA VAL A 90 -27.54 -10.33 -13.29
C VAL A 90 -26.05 -10.30 -13.64
N VAL A 91 -25.36 -9.22 -13.24
CA VAL A 91 -23.94 -9.10 -13.57
C VAL A 91 -23.15 -10.21 -12.90
N ALA A 92 -23.51 -10.56 -11.67
CA ALA A 92 -22.80 -11.65 -10.99
C ALA A 92 -22.94 -12.97 -11.75
N PHE A 93 -24.16 -13.27 -12.22
CA PHE A 93 -24.34 -14.49 -13.00
C PHE A 93 -23.46 -14.47 -14.25
N LYS A 94 -23.46 -13.36 -14.97
CA LYS A 94 -22.68 -13.32 -16.21
C LYS A 94 -21.19 -13.46 -15.93
N GLU A 95 -20.68 -12.80 -14.90
CA GLU A 95 -19.25 -12.88 -14.61
C GLU A 95 -18.85 -14.28 -14.15
N ASP A 96 -19.70 -14.93 -13.37
CA ASP A 96 -19.38 -16.29 -12.94
C ASP A 96 -19.33 -17.24 -14.12
N ASN A 97 -20.28 -17.10 -15.04
CA ASN A 97 -20.24 -17.95 -16.24
C ASN A 97 -19.00 -17.67 -17.08
N THR A 98 -18.60 -16.41 -17.20
CA THR A 98 -17.40 -16.09 -17.97
C THR A 98 -16.16 -16.72 -17.34
N VAL A 99 -16.05 -16.66 -16.01
CA VAL A 99 -14.91 -17.28 -15.34
C VAL A 99 -14.90 -18.79 -15.58
N ALA A 100 -16.06 -19.43 -15.47
CA ALA A 100 -16.13 -20.87 -15.74
C ALA A 100 -15.72 -21.17 -17.17
N PHE A 101 -16.14 -20.36 -18.13
CA PHE A 101 -15.76 -20.58 -19.53
C PHE A 101 -14.25 -20.46 -19.71
N LYS A 102 -13.63 -19.46 -19.08
CA LYS A 102 -12.18 -19.33 -19.17
C LYS A 102 -11.48 -20.55 -18.60
N HIS A 103 -11.97 -21.08 -17.49
CA HIS A 103 -11.36 -22.29 -16.94
C HIS A 103 -11.58 -23.50 -17.84
N LEU A 104 -12.73 -23.57 -18.53
CA LEU A 104 -13.00 -24.71 -19.38
C LEU A 104 -12.20 -24.70 -20.67
N PHE A 105 -12.03 -23.53 -21.30
CA PHE A 105 -11.53 -23.48 -22.66
C PHE A 105 -10.12 -22.93 -22.81
N LEU A 106 -9.59 -22.23 -21.81
CA LEU A 106 -8.22 -21.72 -21.89
C LEU A 106 -7.28 -22.68 -21.18
N LYS A 107 -6.28 -23.16 -21.90
CA LYS A 107 -5.40 -24.19 -21.36
C LYS A 107 -4.48 -23.59 -20.30
N GLY A 108 -4.43 -24.26 -19.14
CA GLY A 108 -3.58 -23.80 -18.07
C GLY A 108 -3.92 -22.41 -17.59
N TYR A 109 -5.20 -22.06 -17.55
CA TYR A 109 -5.61 -20.75 -17.09
C TYR A 109 -5.38 -20.64 -15.59
N SER A 110 -4.68 -19.58 -15.18
CA SER A 110 -4.26 -19.45 -13.80
C SER A 110 -5.37 -19.02 -12.86
N GLY A 111 -6.52 -18.62 -13.39
CA GLY A 111 -7.60 -18.13 -12.58
C GLY A 111 -7.71 -16.62 -12.52
N THR A 112 -6.67 -15.89 -12.92
CA THR A 112 -6.70 -14.44 -12.99
C THR A 112 -6.11 -14.00 -14.32
N ASP A 113 -6.66 -12.92 -14.88
CA ASP A 113 -6.19 -12.44 -16.17
C ASP A 113 -4.81 -11.82 -16.05
N GLU A 114 -3.95 -12.14 -17.03
CA GLU A 114 -2.64 -11.52 -17.09
C GLU A 114 -2.74 -10.02 -17.31
N ASP A 115 -3.65 -9.61 -18.18
CA ASP A 115 -3.86 -8.23 -18.59
C ASP A 115 -5.27 -8.16 -19.14
N ASP A 116 -5.55 -7.15 -19.97
CA ASP A 116 -6.80 -7.15 -20.72
C ASP A 116 -7.03 -8.47 -21.46
N TYR A 117 -5.96 -9.17 -21.81
CA TYR A 117 -6.04 -10.53 -22.33
C TYR A 117 -5.91 -11.53 -21.19
N SER A 118 -6.47 -12.72 -21.41
CA SER A 118 -6.52 -13.71 -20.33
C SER A 118 -5.20 -14.43 -20.13
N CYS A 119 -4.59 -14.91 -21.21
CA CYS A 119 -3.33 -15.63 -21.11
C CYS A 119 -2.54 -15.43 -22.39
N SER A 120 -1.30 -15.91 -22.39
CA SER A 120 -0.40 -15.72 -23.52
C SER A 120 0.48 -16.96 -23.69
N VAL A 121 0.96 -17.16 -24.92
CA VAL A 121 1.87 -18.23 -25.24
C VAL A 121 3.05 -17.65 -26.03
N TYR A 122 4.17 -18.37 -26.01
CA TYR A 122 5.38 -17.92 -26.66
C TYR A 122 6.00 -18.94 -27.60
N THR A 123 5.37 -20.09 -27.80
CA THR A 123 5.93 -21.18 -28.58
C THR A 123 4.89 -21.65 -29.58
N GLN A 124 5.35 -22.13 -30.73
CA GLN A 124 4.42 -22.61 -31.78
C GLN A 124 3.67 -23.83 -31.25
N GLU A 125 4.26 -24.56 -30.31
CA GLU A 125 3.65 -25.81 -29.76
C GLU A 125 2.63 -25.46 -28.70
N ASP A 126 2.93 -24.50 -27.84
CA ASP A 126 1.94 -24.03 -26.84
C ASP A 126 0.76 -23.42 -27.59
N ALA A 127 1.01 -22.73 -28.69
CA ALA A 127 -0.08 -22.12 -29.48
C ALA A 127 -1.00 -23.20 -30.03
N TYR A 128 -0.45 -24.24 -30.65
CA TYR A 128 -1.28 -25.32 -31.23
C TYR A 128 -2.04 -26.04 -30.14
N GLU A 129 -1.40 -26.28 -28.99
CA GLU A 129 -2.03 -26.99 -27.86
C GLU A 129 -3.15 -26.15 -27.26
N SER A 130 -2.97 -24.82 -27.18
CA SER A 130 -4.09 -24.01 -26.71
C SER A 130 -5.27 -24.08 -27.66
N ILE A 131 -5.03 -23.97 -28.96
CA ILE A 131 -6.11 -24.04 -29.94
C ILE A 131 -6.82 -25.40 -29.85
N PHE A 132 -6.02 -26.47 -29.86
CA PHE A 132 -6.59 -27.82 -29.85
C PHE A 132 -7.31 -28.10 -28.55
N PHE A 133 -6.79 -27.58 -27.42
CA PHE A 133 -7.45 -27.75 -26.14
C PHE A 133 -8.81 -27.08 -26.14
N ALA A 134 -8.89 -25.86 -26.67
CA ALA A 134 -10.19 -25.19 -26.74
C ALA A 134 -11.19 -26.00 -27.56
N ILE A 135 -10.76 -26.48 -28.73
CA ILE A 135 -11.68 -27.23 -29.58
C ILE A 135 -12.10 -28.54 -28.90
N ASN A 136 -11.16 -29.25 -28.29
CA ASN A 136 -11.47 -30.51 -27.63
C ASN A 136 -12.39 -30.32 -26.44
N GLN A 137 -12.18 -29.27 -25.65
CA GLN A 137 -13.07 -29.00 -24.53
C GLN A 137 -14.47 -28.66 -25.01
N TYR A 138 -14.59 -27.95 -26.14
CA TYR A 138 -15.91 -27.71 -26.70
C TYR A 138 -16.57 -29.01 -27.12
N HIS A 139 -15.80 -29.94 -27.68
CA HIS A 139 -16.37 -31.21 -28.11
C HIS A 139 -16.97 -31.98 -26.94
N GLN A 140 -16.30 -31.95 -25.78
CA GLN A 140 -16.69 -32.72 -24.61
C GLN A 140 -17.40 -31.86 -23.57
N LEU A 141 -18.19 -30.87 -23.99
CA LEU A 141 -18.75 -29.90 -23.06
C LEU A 141 -19.70 -30.56 -22.06
N LYS A 142 -20.55 -31.47 -22.53
CA LYS A 142 -21.60 -32.01 -21.67
C LYS A 142 -21.03 -32.80 -20.50
N ASP A 143 -19.86 -33.39 -20.66
CA ASP A 143 -19.23 -34.22 -19.63
C ASP A 143 -18.28 -33.44 -18.75
N ILE A 144 -18.10 -32.14 -18.98
CA ILE A 144 -17.10 -31.37 -18.28
C ILE A 144 -17.75 -30.26 -17.46
N THR A 145 -18.84 -29.70 -17.97
CA THR A 145 -19.40 -28.51 -17.35
C THR A 145 -20.12 -28.87 -16.05
N LEU A 146 -20.03 -27.98 -15.07
CA LEU A 146 -20.74 -28.15 -13.82
C LEU A 146 -22.09 -27.46 -13.80
N GLY A 147 -22.31 -26.49 -14.69
CA GLY A 147 -23.56 -25.76 -14.74
C GLY A 147 -24.55 -26.37 -15.71
N THR A 148 -25.63 -25.63 -15.94
CA THR A 148 -26.67 -26.03 -16.88
C THR A 148 -26.36 -25.40 -18.23
N LEU A 149 -25.38 -25.97 -18.92
CA LEU A 149 -24.91 -25.49 -20.21
C LEU A 149 -25.30 -26.44 -21.31
N GLY A 150 -25.53 -25.89 -22.49
CA GLY A 150 -25.79 -26.69 -23.66
C GLY A 150 -25.27 -25.99 -24.89
N TYR A 151 -25.17 -26.75 -25.98
CA TYR A 151 -24.77 -26.16 -27.25
C TYR A 151 -25.85 -25.24 -27.77
N GLY A 152 -25.46 -24.14 -28.39
CA GLY A 152 -26.38 -23.19 -28.95
C GLY A 152 -26.23 -23.09 -30.46
N GLU A 153 -27.35 -22.88 -31.13
CA GLU A 153 -27.33 -22.63 -32.57
C GLU A 153 -26.63 -21.32 -32.86
N ASN A 154 -25.84 -21.31 -33.93
CA ASN A 154 -25.06 -20.12 -34.29
C ASN A 154 -25.94 -19.16 -35.10
N GLU A 155 -25.31 -18.15 -35.70
CA GLU A 155 -26.04 -17.18 -36.49
C GLU A 155 -26.64 -17.79 -37.76
N ASP A 156 -26.11 -18.91 -38.23
CA ASP A 156 -26.64 -19.62 -39.38
C ASP A 156 -27.59 -20.74 -38.97
N ASN A 157 -27.93 -20.84 -37.69
CA ASN A 157 -28.85 -21.84 -37.16
C ASN A 157 -28.31 -23.26 -37.40
N ARG A 158 -27.12 -23.50 -36.88
CA ARG A 158 -26.49 -24.82 -36.94
C ARG A 158 -25.53 -24.94 -35.78
N ILE A 159 -25.63 -26.03 -35.03
CA ILE A 159 -24.78 -26.23 -33.86
C ILE A 159 -23.39 -26.63 -34.33
N GLY A 160 -22.39 -25.88 -33.90
CA GLY A 160 -21.02 -26.21 -34.26
C GLY A 160 -20.05 -25.14 -33.80
N LEU A 161 -18.82 -25.29 -34.26
CA LEU A 161 -17.71 -24.45 -33.89
C LEU A 161 -17.11 -23.86 -35.15
N LYS A 162 -16.79 -22.57 -35.13
CA LYS A 162 -16.20 -21.90 -36.26
C LYS A 162 -14.79 -21.45 -35.91
N VAL A 163 -13.85 -21.75 -36.80
CA VAL A 163 -12.46 -21.31 -36.64
C VAL A 163 -12.11 -20.47 -37.86
N CYS A 164 -11.70 -19.22 -37.63
CA CYS A 164 -11.23 -18.36 -38.69
C CYS A 164 -9.80 -17.93 -38.42
N LYS A 165 -9.00 -17.87 -39.48
CA LYS A 165 -7.61 -17.47 -39.38
C LYS A 165 -7.29 -16.42 -40.44
N GLN A 166 -6.42 -15.48 -40.07
CA GLN A 166 -6.00 -14.40 -40.95
C GLN A 166 -4.49 -14.45 -41.12
N HIS A 167 -4.05 -14.47 -42.37
CA HIS A 167 -2.64 -14.44 -42.73
C HIS A 167 -2.40 -13.31 -43.70
N TYR A 168 -1.17 -12.80 -43.70
CA TYR A 168 -0.71 -11.96 -44.80
C TYR A 168 -0.46 -12.86 -46.00
N LYS A 169 -1.22 -12.69 -47.07
CA LYS A 169 -1.05 -13.54 -48.23
C LYS A 169 0.34 -13.36 -48.82
N LYS A 170 0.93 -14.45 -49.27
CA LYS A 170 2.30 -14.43 -49.76
C LYS A 170 2.38 -14.38 -51.27
N LEU A 180 9.10 -12.68 -45.75
CA LEU A 180 10.13 -12.40 -46.79
C LEU A 180 9.43 -11.92 -48.05
N ASN A 181 8.33 -12.58 -48.43
CA ASN A 181 7.54 -12.15 -49.61
C ASN A 181 6.07 -12.07 -49.21
N ILE A 182 5.67 -11.02 -48.49
CA ILE A 182 4.28 -10.95 -47.98
C ILE A 182 3.60 -9.65 -48.45
N ASP A 183 2.32 -9.74 -48.86
CA ASP A 183 1.57 -8.54 -49.31
C ASP A 183 0.76 -8.02 -48.11
N ASN A 184 0.24 -6.80 -48.19
CA ASN A 184 -0.50 -6.18 -47.06
C ASN A 184 -1.94 -6.69 -46.98
N ASP A 185 -2.40 -7.34 -48.04
CA ASP A 185 -3.76 -7.94 -48.02
C ASP A 185 -3.77 -9.12 -47.04
N VAL A 186 -4.76 -9.16 -46.16
CA VAL A 186 -4.91 -10.28 -45.20
C VAL A 186 -5.83 -11.34 -45.81
N GLU A 187 -5.38 -12.60 -45.86
CA GLU A 187 -6.22 -13.70 -46.40
C GLU A 187 -6.98 -14.37 -45.26
N LEU A 188 -8.30 -14.16 -45.19
CA LEU A 188 -9.13 -14.80 -44.14
C LEU A 188 -9.52 -16.20 -44.63
N ASP A 189 -9.52 -17.19 -43.74
CA ASP A 189 -9.99 -18.55 -44.12
C ASP A 189 -10.72 -19.14 -42.91
N CYS A 190 -11.96 -19.56 -43.09
CA CYS A 190 -12.74 -20.12 -42.00
C CYS A 190 -13.11 -21.58 -42.26
N VAL A 191 -13.42 -22.29 -41.18
CA VAL A 191 -13.94 -23.65 -41.26
C VAL A 191 -15.02 -23.80 -40.20
N GLN A 192 -16.10 -24.48 -40.55
CA GLN A 192 -17.20 -24.74 -39.63
C GLN A 192 -17.11 -26.19 -39.17
N LEU A 193 -16.84 -26.40 -37.90
CA LEU A 193 -16.70 -27.73 -37.32
C LEU A 193 -17.99 -28.09 -36.60
N ASP A 194 -18.72 -29.07 -37.14
CA ASP A 194 -19.94 -29.56 -36.53
C ASP A 194 -19.62 -30.50 -35.37
N LEU A 195 -20.66 -30.87 -34.63
CA LEU A 195 -20.49 -31.88 -33.60
C LEU A 195 -20.25 -33.25 -34.21
N GLN A 196 -20.83 -33.53 -35.38
CA GLN A 196 -20.52 -34.75 -36.10
C GLN A 196 -19.06 -34.79 -36.52
N ASP A 197 -18.53 -33.67 -37.01
CA ASP A 197 -17.14 -33.63 -37.44
C ASP A 197 -16.18 -33.85 -36.28
N LEU A 198 -16.44 -33.22 -35.14
CA LEU A 198 -15.56 -33.39 -33.99
C LEU A 198 -15.75 -34.74 -33.32
N SER A 199 -16.92 -35.35 -33.49
CA SER A 199 -17.24 -36.61 -32.84
C SER A 199 -16.80 -37.83 -33.64
N LYS A 200 -16.26 -37.65 -34.84
CA LYS A 200 -15.71 -38.78 -35.56
C LYS A 200 -14.58 -39.40 -34.76
N LYS A 201 -14.67 -40.71 -34.54
CA LYS A 201 -13.73 -41.37 -33.63
C LYS A 201 -12.29 -41.23 -34.09
N PRO A 202 -11.94 -41.41 -35.36
CA PRO A 202 -10.68 -40.86 -35.84
C PRO A 202 -10.87 -39.40 -36.24
N PRO A 203 -10.31 -38.46 -35.49
CA PRO A 203 -10.55 -37.05 -35.79
C PRO A 203 -9.77 -36.60 -37.01
N ASP A 204 -10.49 -36.02 -37.97
CA ASP A 204 -9.87 -35.58 -39.22
C ASP A 204 -9.52 -34.09 -39.21
N TRP A 205 -10.12 -33.29 -38.33
CA TRP A 205 -9.81 -31.87 -38.31
C TRP A 205 -8.40 -31.60 -37.83
N LYS A 206 -7.87 -32.42 -36.92
CA LYS A 206 -6.53 -32.16 -36.39
C LYS A 206 -5.48 -32.26 -37.48
N ASN A 207 -5.63 -33.21 -38.39
CA ASN A 207 -4.66 -33.45 -39.45
C ASN A 207 -4.92 -32.63 -40.70
N SER A 208 -6.02 -31.87 -40.73
CA SER A 208 -6.37 -31.13 -41.93
C SER A 208 -5.37 -30.01 -42.21
N SER A 209 -5.30 -29.61 -43.47
CA SER A 209 -4.37 -28.56 -43.89
C SER A 209 -4.75 -27.20 -43.34
N PHE A 210 -5.94 -27.05 -42.77
CA PHE A 210 -6.33 -25.76 -42.22
C PHE A 210 -5.46 -25.35 -41.05
N PHE A 211 -5.18 -26.33 -40.17
CA PHE A 211 -4.51 -26.02 -38.89
C PHE A 211 -3.01 -26.05 -39.00
N ARG A 212 -2.46 -25.97 -40.21
CA ARG A 212 -1.00 -25.83 -40.38
C ARG A 212 -0.78 -24.32 -40.53
N LEU A 213 -0.48 -23.63 -39.43
CA LEU A 213 -0.38 -22.15 -39.46
C LEU A 213 1.06 -21.73 -39.74
N GLU A 214 1.28 -20.73 -40.60
CA GLU A 214 2.63 -20.17 -40.85
C GLU A 214 2.77 -19.03 -39.87
N PHE A 215 3.34 -19.29 -38.69
CA PHE A 215 3.21 -18.26 -37.67
C PHE A 215 3.91 -16.94 -38.03
N TYR A 216 4.82 -16.94 -39.00
CA TYR A 216 5.51 -15.70 -39.32
C TYR A 216 4.62 -14.71 -40.07
N ARG A 217 3.53 -15.19 -40.68
CA ARG A 217 2.55 -14.31 -41.30
C ARG A 217 1.24 -14.25 -40.54
N LEU A 218 1.06 -15.07 -39.52
CA LEU A 218 -0.23 -15.16 -38.85
C LEU A 218 -0.57 -13.85 -38.17
N LEU A 219 -1.80 -13.40 -38.38
CA LEU A 219 -2.33 -12.24 -37.66
C LEU A 219 -3.14 -12.67 -36.44
N GLN A 220 -4.07 -13.59 -36.61
CA GLN A 220 -4.84 -14.11 -35.49
C GLN A 220 -5.57 -15.36 -35.91
N VAL A 221 -6.01 -16.12 -34.91
CA VAL A 221 -6.94 -17.23 -35.08
C VAL A 221 -8.10 -16.97 -34.12
N GLU A 222 -9.33 -17.08 -34.62
CA GLU A 222 -10.51 -16.82 -33.79
C GLU A 222 -11.38 -18.06 -33.77
N ILE A 223 -11.83 -18.44 -32.58
CA ILE A 223 -12.73 -19.56 -32.38
C ILE A 223 -14.04 -19.01 -31.81
N SER A 224 -15.14 -19.28 -32.48
CA SER A 224 -16.44 -18.75 -32.10
C SER A 224 -17.44 -19.87 -31.90
N PHE A 225 -18.23 -19.77 -30.84
CA PHE A 225 -19.28 -20.74 -30.59
C PHE A 225 -20.32 -20.11 -29.67
N HIS A 226 -21.47 -20.76 -29.58
CA HIS A 226 -22.59 -20.31 -28.76
C HIS A 226 -22.90 -21.36 -27.70
N LEU A 227 -23.28 -20.90 -26.51
CA LEU A 227 -23.73 -21.77 -25.44
C LEU A 227 -25.04 -21.25 -24.87
N LYS A 228 -25.91 -22.15 -24.45
CA LYS A 228 -27.17 -21.83 -23.81
C LYS A 228 -27.10 -22.18 -22.33
N GLY A 229 -27.46 -21.23 -21.48
CA GLY A 229 -27.37 -21.42 -20.04
C GLY A 229 -28.66 -21.04 -19.35
N ILE A 230 -28.88 -21.67 -18.19
CA ILE A 230 -30.02 -21.37 -17.33
C ILE A 230 -29.49 -21.14 -15.93
N ASP A 231 -29.95 -20.07 -15.29
CA ASP A 231 -29.66 -19.88 -13.87
C ASP A 231 -30.82 -20.45 -13.07
N LEU A 232 -30.56 -21.57 -12.39
CA LEU A 232 -31.53 -22.18 -11.51
C LEU A 232 -31.56 -21.51 -10.15
N GLN A 233 -30.80 -20.44 -9.96
CA GLN A 233 -30.82 -19.74 -8.69
C GLN A 233 -32.15 -19.06 -8.43
N THR A 234 -33.00 -18.93 -9.44
CA THR A 234 -34.25 -18.20 -9.32
C THR A 234 -35.46 -19.07 -9.01
N ILE A 235 -35.41 -20.37 -9.32
CA ILE A 235 -36.63 -21.19 -9.25
C ILE A 235 -37.14 -21.35 -7.83
N HIS A 236 -36.35 -21.04 -6.81
CA HIS A 236 -36.86 -21.14 -5.45
C HIS A 236 -37.97 -20.12 -5.19
N SER A 237 -38.13 -19.13 -6.06
CA SER A 237 -39.10 -18.07 -5.88
C SER A 237 -40.29 -18.18 -6.83
N ARG A 238 -40.49 -19.35 -7.47
CA ARG A 238 -41.56 -19.60 -8.43
C ARG A 238 -41.39 -18.79 -9.71
N GLU A 239 -40.41 -17.90 -9.77
CA GLU A 239 -40.13 -17.18 -11.00
C GLU A 239 -39.67 -18.15 -12.08
N LEU A 240 -40.21 -18.03 -13.30
CA LEU A 240 -39.68 -18.89 -14.38
C LEU A 240 -38.20 -18.51 -14.55
N PRO A 241 -37.28 -19.47 -14.70
CA PRO A 241 -35.82 -19.19 -14.79
C PRO A 241 -35.52 -18.37 -16.04
N ASP A 242 -34.46 -17.56 -15.99
CA ASP A 242 -34.03 -16.77 -17.18
C ASP A 242 -33.04 -17.59 -18.00
N CYS A 243 -33.30 -17.75 -19.30
CA CYS A 243 -32.38 -18.51 -20.18
C CYS A 243 -31.47 -17.53 -20.91
N TYR A 244 -30.16 -17.77 -20.86
CA TYR A 244 -29.19 -16.84 -21.49
C TYR A 244 -28.49 -17.51 -22.64
N VAL A 245 -28.07 -16.73 -23.62
CA VAL A 245 -27.28 -17.19 -24.75
C VAL A 245 -25.92 -16.53 -24.63
N PHE A 246 -24.87 -17.34 -24.63
CA PHE A 246 -23.51 -16.84 -24.56
C PHE A 246 -22.88 -16.97 -25.94
N GLN A 247 -22.35 -15.86 -26.44
CA GLN A 247 -21.62 -15.84 -27.69
C GLN A 247 -20.14 -15.68 -27.36
N ASN A 248 -19.39 -16.76 -27.42
CA ASN A 248 -18.01 -16.80 -26.96
C ASN A 248 -17.06 -16.77 -28.14
N THR A 249 -16.03 -15.94 -28.04
CA THR A 249 -14.95 -15.90 -29.00
C THR A 249 -13.62 -15.99 -28.27
N ILE A 250 -12.74 -16.87 -28.74
CA ILE A 250 -11.37 -16.95 -28.27
C ILE A 250 -10.48 -16.46 -29.39
N ILE A 251 -9.69 -15.44 -29.13
CA ILE A 251 -8.85 -14.81 -30.15
C ILE A 251 -7.40 -15.08 -29.78
N PHE A 252 -6.71 -15.80 -30.65
CA PHE A 252 -5.28 -16.06 -30.51
C PHE A 252 -4.55 -15.03 -31.37
N ASP A 253 -4.11 -13.96 -30.73
CA ASP A 253 -3.79 -12.71 -31.41
C ASP A 253 -2.29 -12.44 -31.37
N ASN A 254 -1.68 -12.25 -32.52
CA ASN A 254 -0.30 -11.78 -32.59
C ASN A 254 -0.16 -10.70 -33.65
N LYS A 255 -1.05 -9.70 -33.60
CA LYS A 255 -0.89 -8.52 -34.45
C LYS A 255 0.45 -7.85 -34.23
N ALA A 256 0.98 -7.91 -33.00
CA ALA A 256 2.25 -7.28 -32.70
C ALA A 256 3.41 -7.97 -33.40
N HIS A 257 3.32 -9.27 -33.64
CA HIS A 257 4.38 -10.05 -34.23
C HIS A 257 5.68 -9.92 -33.45
N SER A 258 5.57 -9.91 -32.13
CA SER A 258 6.69 -9.72 -31.22
C SER A 258 7.11 -10.99 -30.52
N GLY A 259 6.62 -12.15 -30.97
CA GLY A 259 6.96 -13.40 -30.35
C GLY A 259 6.01 -13.88 -29.29
N LYS A 260 4.92 -13.15 -29.03
CA LYS A 260 3.93 -13.53 -28.04
C LYS A 260 2.55 -13.48 -28.66
N ILE A 261 1.78 -14.54 -28.49
CA ILE A 261 0.37 -14.57 -28.86
C ILE A 261 -0.44 -14.30 -27.61
N LYS A 262 -1.29 -13.28 -27.66
CA LYS A 262 -2.18 -12.94 -26.57
C LYS A 262 -3.53 -13.59 -26.83
N ILE A 263 -4.09 -14.23 -25.80
CA ILE A 263 -5.32 -14.98 -25.92
C ILE A 263 -6.42 -14.19 -25.21
N TYR A 264 -7.38 -13.70 -25.97
CA TYR A 264 -8.52 -12.96 -25.43
C TYR A 264 -9.75 -13.86 -25.41
N PHE A 265 -10.44 -13.91 -24.28
CA PHE A 265 -11.71 -14.61 -24.18
C PHE A 265 -12.79 -13.59 -23.90
N ASP A 266 -13.77 -13.49 -24.80
CA ASP A 266 -14.86 -12.55 -24.68
C ASP A 266 -16.17 -13.33 -24.72
N SER A 267 -17.00 -13.13 -23.71
CA SER A 267 -18.32 -13.76 -23.63
C SER A 267 -19.39 -12.67 -23.62
N ASP A 268 -20.26 -12.69 -24.61
CA ASP A 268 -21.37 -11.76 -24.71
C ASP A 268 -22.66 -12.52 -24.43
N ALA A 269 -23.30 -12.20 -23.30
CA ALA A 269 -24.50 -12.89 -22.87
C ALA A 269 -25.72 -12.02 -23.11
N LYS A 270 -26.75 -12.62 -23.70
CA LYS A 270 -28.04 -11.98 -23.89
C LYS A 270 -29.11 -12.91 -23.34
N ILE A 271 -30.29 -12.35 -23.09
CA ILE A 271 -31.40 -13.07 -22.50
C ILE A 271 -32.41 -13.38 -23.59
N GLU A 272 -32.76 -14.64 -23.73
CA GLU A 272 -33.70 -15.10 -24.74
C GLU A 272 -34.82 -15.86 -24.05
N GLU A 273 -35.89 -16.13 -24.81
CA GLU A 273 -36.98 -16.93 -24.27
C GLU A 273 -36.52 -18.36 -24.05
N CYS A 274 -37.03 -18.98 -22.98
CA CYS A 274 -36.76 -20.40 -22.74
C CYS A 274 -37.68 -21.21 -23.65
N LYS A 275 -37.13 -21.66 -24.78
CA LYS A 275 -37.92 -22.42 -25.74
C LYS A 275 -38.42 -23.73 -25.13
N ASP A 276 -37.53 -24.50 -24.52
CA ASP A 276 -37.85 -25.81 -23.95
C ASP A 276 -37.45 -25.82 -22.48
N LEU A 277 -38.45 -25.74 -21.60
CA LEU A 277 -38.21 -25.77 -20.16
C LEU A 277 -39.54 -26.03 -19.47
N ASN A 278 -39.52 -26.93 -18.48
CA ASN A 278 -40.71 -27.30 -17.73
C ASN A 278 -40.40 -27.24 -16.25
N ILE A 279 -40.90 -26.20 -15.59
CA ILE A 279 -40.63 -25.97 -14.16
C ILE A 279 -41.98 -26.03 -13.46
N PHE A 280 -42.44 -27.25 -13.17
CA PHE A 280 -43.77 -27.53 -12.58
C PHE A 280 -44.84 -26.48 -12.85
N ASN A 286 -43.56 -10.10 -11.94
CA ASN A 286 -43.18 -8.92 -11.16
C ASN A 286 -42.82 -7.76 -12.10
N ALA A 287 -43.01 -7.97 -13.41
CA ALA A 287 -42.67 -6.93 -14.37
C ALA A 287 -43.56 -5.71 -14.22
N GLN A 288 -44.85 -5.91 -13.92
CA GLN A 288 -45.75 -4.78 -13.78
C GLN A 288 -45.36 -3.89 -12.61
N TYR A 289 -44.99 -4.50 -11.48
CA TYR A 289 -44.71 -3.73 -10.27
C TYR A 289 -43.52 -2.82 -10.45
N VAL A 290 -42.47 -3.30 -11.11
CA VAL A 290 -41.32 -2.45 -11.39
C VAL A 290 -41.71 -1.32 -12.35
N LEU A 291 -42.48 -1.64 -13.39
CA LEU A 291 -42.80 -0.64 -14.40
C LEU A 291 -43.66 0.49 -13.85
N VAL A 292 -44.64 0.17 -13.00
CA VAL A 292 -45.47 1.23 -12.44
C VAL A 292 -44.67 2.09 -11.47
N PHE A 293 -43.77 1.48 -10.71
CA PHE A 293 -42.97 2.26 -9.76
C PHE A 293 -42.08 3.28 -10.48
N ASP A 294 -41.48 2.87 -11.60
CA ASP A 294 -40.70 3.82 -12.40
C ASP A 294 -41.58 4.91 -12.98
N ALA A 295 -42.88 4.63 -13.16
CA ALA A 295 -43.78 5.65 -13.66
C ALA A 295 -44.11 6.66 -12.57
N PHE A 296 -44.25 6.20 -11.33
CA PHE A 296 -44.49 7.12 -10.22
C PHE A 296 -43.26 8.00 -9.97
N VAL A 297 -42.07 7.44 -10.13
CA VAL A 297 -40.85 8.24 -9.98
C VAL A 297 -40.80 9.32 -11.03
N ILE A 298 -41.19 9.00 -12.27
CA ILE A 298 -41.23 10.01 -13.32
C ILE A 298 -42.24 11.10 -12.98
N VAL A 299 -43.43 10.71 -12.52
CA VAL A 299 -44.49 11.67 -12.24
C VAL A 299 -44.07 12.62 -11.13
N ILE A 300 -43.51 12.09 -10.05
CA ILE A 300 -43.08 12.94 -8.93
C ILE A 300 -41.96 13.86 -9.37
N CYS A 301 -40.97 13.33 -10.09
CA CYS A 301 -39.90 14.18 -10.59
C CYS A 301 -40.42 15.19 -11.59
N LEU A 302 -41.37 14.78 -12.43
CA LEU A 302 -41.99 15.73 -13.37
C LEU A 302 -42.75 16.82 -12.61
N ALA A 303 -43.42 16.46 -11.53
CA ALA A 303 -44.13 17.45 -10.72
C ALA A 303 -43.17 18.41 -10.06
N SER A 304 -42.05 17.91 -9.54
CA SER A 304 -41.05 18.77 -8.91
C SER A 304 -40.45 19.75 -9.93
N LEU A 305 -40.32 19.31 -11.18
CA LEU A 305 -39.89 20.22 -12.24
C LEU A 305 -40.89 21.37 -12.42
N ILE A 306 -42.18 21.06 -12.40
CA ILE A 306 -43.19 22.11 -12.57
C ILE A 306 -43.14 23.09 -11.41
N LEU A 307 -43.11 22.57 -10.18
CA LEU A 307 -43.14 23.45 -9.01
C LEU A 307 -41.90 24.32 -8.92
N CYS A 308 -40.73 23.76 -9.18
CA CYS A 308 -39.50 24.55 -9.10
C CYS A 308 -39.46 25.64 -10.16
N THR A 309 -39.86 25.30 -11.40
CA THR A 309 -39.86 26.30 -12.45
C THR A 309 -40.93 27.36 -12.20
N ARG A 310 -42.07 26.95 -11.64
CA ARG A 310 -43.07 27.93 -11.21
C ARG A 310 -42.51 28.84 -10.14
N SER A 311 -41.75 28.27 -9.19
CA SER A 311 -41.14 29.08 -8.14
C SER A 311 -40.13 30.06 -8.71
N ILE A 312 -39.32 29.62 -9.67
CA ILE A 312 -38.31 30.50 -10.26
C ILE A 312 -38.98 31.65 -10.99
N VAL A 313 -40.07 31.37 -11.72
CA VAL A 313 -40.76 32.43 -12.45
C VAL A 313 -41.35 33.45 -11.47
N LEU A 314 -42.02 32.96 -10.43
CA LEU A 314 -42.56 33.89 -9.43
C LEU A 314 -41.46 34.66 -8.73
N ALA A 315 -40.26 34.10 -8.67
CA ALA A 315 -39.12 34.84 -8.12
C ALA A 315 -38.70 35.97 -9.04
N LEU A 316 -38.62 35.71 -10.34
CA LEU A 316 -38.25 36.75 -11.28
C LEU A 316 -39.31 37.84 -11.39
N ARG A 317 -40.56 37.52 -11.10
CA ARG A 317 -41.59 38.56 -11.05
C ARG A 317 -41.33 39.52 -9.90
N LEU A 318 -40.91 38.99 -8.74
CA LEU A 318 -40.60 39.85 -7.61
C LEU A 318 -39.37 40.72 -7.86
N ARG A 319 -38.40 40.19 -8.60
CA ARG A 319 -37.25 41.02 -8.99
C ARG A 319 -37.70 42.19 -9.85
N LYS A 320 -38.61 41.93 -10.79
CA LYS A 320 -39.15 43.00 -11.62
C LYS A 320 -39.85 44.06 -10.77
N ARG A 321 -40.69 43.62 -9.84
CA ARG A 321 -41.41 44.56 -8.98
C ARG A 321 -40.46 45.34 -8.09
N PHE A 322 -39.47 44.67 -7.50
CA PHE A 322 -38.58 45.34 -6.54
C PHE A 322 -37.74 46.41 -7.21
N LEU A 323 -37.31 46.18 -8.44
CA LEU A 323 -36.54 47.20 -9.14
C LEU A 323 -37.37 48.46 -9.40
N ASN A 324 -38.68 48.31 -9.57
CA ASN A 324 -39.54 49.47 -9.77
C ASN A 324 -39.52 50.38 -8.55
N PHE A 325 -39.62 49.81 -7.36
CA PHE A 325 -39.52 50.59 -6.14
C PHE A 325 -38.12 51.15 -5.92
N PHE A 326 -37.11 50.56 -6.55
CA PHE A 326 -35.73 51.03 -6.42
C PHE A 326 -35.23 51.68 -7.71
N LEU A 327 -36.16 52.19 -8.53
CA LEU A 327 -35.81 52.98 -9.70
C LEU A 327 -36.35 54.40 -9.63
N GLU A 328 -37.25 54.69 -8.70
CA GLU A 328 -37.75 56.03 -8.45
C GLU A 328 -37.29 56.55 -7.09
N LYS A 329 -37.36 55.72 -6.05
CA LYS A 329 -36.94 56.14 -4.72
C LYS A 329 -35.46 56.53 -4.71
N TYR A 330 -34.63 55.76 -5.39
CA TYR A 330 -33.21 56.06 -5.50
C TYR A 330 -32.78 55.93 -6.96
N TRP A 340 -28.59 37.11 -7.90
CA TRP A 340 -28.73 35.75 -7.38
C TRP A 340 -29.62 35.73 -6.15
N GLU A 341 -30.04 36.91 -5.70
CA GLU A 341 -30.91 37.00 -4.53
C GLU A 341 -32.26 36.36 -4.80
N PHE A 342 -32.70 36.36 -6.06
CA PHE A 342 -33.97 35.76 -6.44
C PHE A 342 -33.81 34.54 -7.34
N ILE A 343 -32.60 34.20 -7.74
CA ILE A 343 -32.33 32.96 -8.43
C ILE A 343 -31.67 32.04 -7.42
N ASN A 344 -32.46 31.13 -6.85
CA ASN A 344 -31.94 30.18 -5.87
C ASN A 344 -31.13 29.13 -6.61
N GLY A 345 -29.85 29.00 -6.25
CA GLY A 345 -29.00 28.02 -6.89
C GLY A 345 -29.38 26.60 -6.58
N TRP A 346 -30.17 26.38 -5.53
CA TRP A 346 -30.65 25.04 -5.22
C TRP A 346 -31.70 24.59 -6.23
N TYR A 347 -32.51 25.52 -6.73
CA TYR A 347 -33.55 25.14 -7.68
C TYR A 347 -32.97 24.70 -9.01
N VAL A 348 -31.84 25.28 -9.43
CA VAL A 348 -31.16 24.80 -10.62
C VAL A 348 -30.74 23.35 -10.42
N LEU A 349 -30.19 23.03 -9.24
CA LEU A 349 -29.79 21.67 -8.94
C LEU A 349 -30.98 20.73 -8.95
N VAL A 350 -32.11 21.16 -8.41
CA VAL A 350 -33.30 20.32 -8.37
C VAL A 350 -33.83 20.07 -9.77
N ILE A 351 -33.79 21.09 -10.62
CA ILE A 351 -34.25 20.91 -12.00
C ILE A 351 -33.36 19.93 -12.75
N ILE A 352 -32.04 20.06 -12.59
CA ILE A 352 -31.13 19.13 -13.24
C ILE A 352 -31.34 17.71 -12.73
N SER A 353 -31.52 17.56 -11.41
CA SER A 353 -31.75 16.23 -10.84
C SER A 353 -33.03 15.61 -11.37
N ASP A 354 -34.10 16.39 -11.48
CA ASP A 354 -35.35 15.87 -12.00
C ASP A 354 -35.20 15.44 -13.46
N LEU A 355 -34.53 16.25 -14.26
CA LEU A 355 -34.30 15.86 -15.65
C LEU A 355 -33.54 14.55 -15.73
N MET A 356 -32.47 14.42 -14.94
CA MET A 356 -31.66 13.21 -14.97
C MET A 356 -32.43 12.00 -14.48
N THR A 357 -33.25 12.18 -13.44
CA THR A 357 -34.03 11.05 -12.94
C THR A 357 -35.07 10.60 -13.95
N ILE A 358 -35.72 11.55 -14.63
CA ILE A 358 -36.69 11.17 -15.66
C ILE A 358 -36.00 10.43 -16.80
N ILE A 359 -34.84 10.94 -17.24
CA ILE A 359 -34.12 10.28 -18.33
C ILE A 359 -33.68 8.88 -17.92
N GLY A 360 -33.12 8.75 -16.71
CA GLY A 360 -32.68 7.45 -16.24
C GLY A 360 -33.82 6.47 -16.08
N SER A 361 -34.98 6.94 -15.61
CA SER A 361 -36.14 6.07 -15.48
C SER A 361 -36.65 5.63 -16.84
N ILE A 362 -36.64 6.52 -17.83
CA ILE A 362 -37.07 6.13 -19.17
C ILE A 362 -36.14 5.07 -19.74
N LEU A 363 -34.83 5.29 -19.58
CA LEU A 363 -33.87 4.28 -20.05
C LEU A 363 -34.04 2.96 -19.31
N LYS A 364 -34.33 3.02 -18.01
CA LYS A 364 -34.54 1.82 -17.21
C LYS A 364 -35.76 1.05 -17.69
N MET A 365 -36.86 1.75 -17.95
CA MET A 365 -38.06 1.10 -18.44
C MET A 365 -37.82 0.50 -19.82
N GLU A 366 -37.07 1.22 -20.67
CA GLU A 366 -36.74 0.67 -21.98
C GLU A 366 -35.91 -0.59 -21.86
N ILE A 367 -34.94 -0.60 -20.94
CA ILE A 367 -34.10 -1.77 -20.73
C ILE A 367 -34.94 -2.95 -20.26
N LYS A 368 -35.81 -2.73 -19.28
CA LYS A 368 -36.61 -3.83 -18.76
C LYS A 368 -37.64 -4.31 -19.78
N ALA A 369 -38.15 -3.41 -20.62
CA ALA A 369 -39.16 -3.79 -21.59
C ALA A 369 -38.61 -4.73 -22.64
N LYS A 370 -37.46 -4.41 -23.21
CA LYS A 370 -36.88 -5.20 -24.29
C LYS A 370 -35.77 -6.13 -23.83
N ASN A 371 -35.63 -6.33 -22.51
CA ASN A 371 -34.75 -7.35 -21.94
C ASN A 371 -33.29 -7.14 -22.37
N LEU A 372 -32.73 -5.98 -22.04
CA LEU A 372 -31.30 -5.73 -22.32
C LEU A 372 -30.48 -5.87 -21.04
N THR A 373 -29.19 -6.17 -21.15
CA THR A 373 -28.37 -6.41 -19.94
C THR A 373 -27.23 -5.43 -19.76
N ASN A 374 -27.14 -4.40 -20.60
CA ASN A 374 -26.11 -3.34 -20.38
C ASN A 374 -26.82 -2.19 -19.69
N TYR A 375 -26.44 -1.90 -18.45
CA TYR A 375 -27.15 -0.85 -17.67
C TYR A 375 -26.23 0.33 -17.38
N ASP A 376 -25.05 0.41 -17.99
CA ASP A 376 -24.14 1.58 -17.81
C ASP A 376 -24.77 2.98 -17.89
N LEU A 377 -25.29 3.41 -19.03
CA LEU A 377 -25.77 4.80 -19.17
C LEU A 377 -26.91 5.06 -18.17
N CYS A 378 -27.79 4.08 -17.96
CA CYS A 378 -28.95 4.28 -17.05
C CYS A 378 -28.41 4.44 -15.62
N SER A 379 -27.42 3.63 -15.25
CA SER A 379 -26.80 3.74 -13.91
C SER A 379 -26.09 5.09 -13.75
N ILE A 380 -25.48 5.62 -14.81
CA ILE A 380 -24.76 6.92 -14.74
C ILE A 380 -25.78 8.06 -14.56
N PHE A 381 -26.95 7.97 -15.18
CA PHE A 381 -27.95 9.01 -14.97
C PHE A 381 -28.58 8.89 -13.59
N LEU A 382 -28.96 7.67 -13.19
CA LEU A 382 -29.60 7.49 -11.89
C LEU A 382 -28.64 7.81 -10.74
N GLY A 383 -27.37 7.41 -10.86
CA GLY A 383 -26.42 7.69 -9.80
C GLY A 383 -26.14 9.18 -9.65
N THR A 384 -25.97 9.87 -10.78
CA THR A 384 -25.75 11.31 -10.70
C THR A 384 -26.96 12.03 -10.13
N SER A 385 -28.17 11.61 -10.52
CA SER A 385 -29.37 12.26 -9.99
C SER A 385 -29.51 12.02 -8.50
N THR A 386 -29.21 10.81 -8.03
CA THR A 386 -29.26 10.55 -6.59
C THR A 386 -28.21 11.34 -5.83
N LEU A 387 -27.00 11.43 -6.37
CA LEU A 387 -25.98 12.26 -5.76
C LEU A 387 -26.45 13.70 -5.62
N LEU A 388 -27.06 14.23 -6.68
CA LEU A 388 -27.53 15.61 -6.62
C LEU A 388 -28.71 15.80 -5.67
N VAL A 389 -29.58 14.79 -5.53
CA VAL A 389 -30.68 14.89 -4.57
C VAL A 389 -30.13 14.97 -3.15
N TRP A 390 -29.17 14.11 -2.83
CA TRP A 390 -28.62 14.12 -1.49
C TRP A 390 -27.78 15.36 -1.22
N VAL A 391 -27.17 15.93 -2.27
CA VAL A 391 -26.51 17.22 -2.10
C VAL A 391 -27.55 18.32 -1.86
N GLY A 392 -28.70 18.23 -2.52
CA GLY A 392 -29.73 19.25 -2.38
C GLY A 392 -30.42 19.24 -1.03
N VAL A 393 -30.33 18.14 -0.29
CA VAL A 393 -30.82 18.15 1.09
C VAL A 393 -30.11 19.23 1.94
N ILE A 394 -28.92 19.66 1.53
CA ILE A 394 -28.22 20.71 2.26
C ILE A 394 -28.99 22.02 2.22
N ARG A 395 -29.91 22.20 1.28
CA ARG A 395 -30.78 23.39 1.30
C ARG A 395 -31.63 23.42 2.57
N TYR A 396 -32.16 22.29 3.01
CA TYR A 396 -33.06 22.33 4.20
C TYR A 396 -32.27 22.66 5.46
N LEU A 397 -31.05 22.13 5.60
CA LEU A 397 -30.20 22.43 6.77
C LEU A 397 -29.82 23.92 6.75
N GLY A 398 -29.50 24.46 5.58
CA GLY A 398 -29.10 25.87 5.44
C GLY A 398 -30.26 26.77 5.80
N TYR A 399 -31.45 26.23 6.02
CA TYR A 399 -32.55 27.11 6.50
C TYR A 399 -32.12 27.58 7.89
N PHE A 400 -31.63 26.65 8.72
CA PHE A 400 -31.13 27.01 10.08
C PHE A 400 -29.80 27.74 9.92
N GLN A 401 -29.74 29.03 10.23
CA GLN A 401 -28.53 29.86 9.99
C GLN A 401 -27.26 29.30 10.68
N ALA A 402 -27.44 28.48 11.71
CA ALA A 402 -26.28 27.90 12.41
C ALA A 402 -25.47 27.04 11.43
N TYR A 403 -26.15 26.37 10.50
CA TYR A 403 -25.45 25.53 9.49
C TYR A 403 -25.12 26.37 8.25
N ASN A 404 -25.82 27.49 8.06
CA ASN A 404 -25.63 28.32 6.84
C ASN A 404 -24.20 28.86 6.76
N VAL A 405 -23.63 29.27 7.89
CA VAL A 405 -22.28 29.90 7.88
C VAL A 405 -21.23 28.93 7.34
N LEU A 406 -21.55 27.64 7.25
CA LEU A 406 -20.56 26.63 6.81
C LEU A 406 -20.70 26.43 5.30
N ILE A 407 -21.87 26.68 4.73
CA ILE A 407 -22.09 26.66 3.24
C ILE A 407 -21.51 27.94 2.67
N LEU A 408 -21.59 29.05 3.42
CA LEU A 408 -21.07 30.36 2.95
C LEU A 408 -19.54 30.35 2.93
N THR A 409 -18.90 29.64 3.86
CA THR A 409 -17.42 29.59 3.92
C THR A 409 -16.83 28.84 2.75
N MET A 410 -17.54 27.86 2.18
CA MET A 410 -17.09 27.14 0.99
C MET A 410 -17.28 27.99 -0.28
N GLN A 411 -18.45 28.64 -0.39
CA GLN A 411 -18.68 29.49 -1.56
C GLN A 411 -17.68 30.62 -1.64
N ALA A 412 -17.32 31.20 -0.49
CA ALA A 412 -16.37 32.30 -0.46
C ALA A 412 -14.97 31.83 -0.85
N SER A 413 -14.61 30.62 -0.42
CA SER A 413 -13.29 30.09 -0.75
C SER A 413 -13.18 29.62 -2.19
N LEU A 414 -14.30 29.34 -2.85
CA LEU A 414 -14.22 28.79 -4.21
C LEU A 414 -13.44 29.65 -5.19
N PRO A 415 -13.67 30.96 -5.34
CA PRO A 415 -12.93 31.72 -6.37
C PRO A 415 -11.43 31.71 -6.18
N LYS A 416 -10.95 31.80 -4.94
CA LYS A 416 -9.52 31.73 -4.69
C LYS A 416 -8.96 30.37 -5.08
N VAL A 417 -9.72 29.31 -4.79
CA VAL A 417 -9.30 27.96 -5.20
C VAL A 417 -9.19 27.87 -6.71
N LEU A 418 -10.17 28.42 -7.43
CA LEU A 418 -10.13 28.34 -8.89
C LEU A 418 -8.98 29.16 -9.46
N ARG A 419 -8.77 30.38 -8.95
CA ARG A 419 -7.64 31.18 -9.40
C ARG A 419 -6.32 30.46 -9.14
N PHE A 420 -6.22 29.79 -8.00
CA PHE A 420 -5.00 29.07 -7.64
C PHE A 420 -4.80 27.83 -8.51
N CYS A 421 -5.89 27.16 -8.91
CA CYS A 421 -5.75 25.98 -9.76
C CYS A 421 -5.16 26.35 -11.12
N ALA A 422 -5.45 27.54 -11.62
CA ALA A 422 -4.88 27.96 -12.89
C ALA A 422 -3.36 28.01 -12.84
N CYS A 423 -2.79 28.52 -11.74
CA CYS A 423 -1.35 28.59 -11.61
C CYS A 423 -0.75 27.21 -11.35
N ALA A 424 -1.34 26.47 -10.40
CA ALA A 424 -0.85 25.13 -10.10
C ALA A 424 -1.09 24.16 -11.24
N GLY A 425 -2.13 24.39 -12.04
CA GLY A 425 -2.41 23.52 -13.16
C GLY A 425 -1.33 23.53 -14.21
N MET A 426 -0.73 24.69 -14.46
CA MET A 426 0.34 24.79 -15.44
C MET A 426 1.58 24.01 -15.01
N ILE A 427 1.96 24.13 -13.74
CA ILE A 427 3.07 23.34 -13.21
C ILE A 427 2.74 21.86 -13.29
N TYR A 428 1.49 21.50 -12.95
CA TYR A 428 1.08 20.11 -13.01
C TYR A 428 1.18 19.56 -14.43
N LEU A 429 0.75 20.33 -15.42
CA LEU A 429 0.85 19.90 -16.82
C LEU A 429 2.29 19.75 -17.25
N GLY A 430 3.15 20.69 -16.88
CA GLY A 430 4.56 20.57 -17.23
C GLY A 430 5.19 19.32 -16.65
N TYR A 431 4.91 19.05 -15.38
CA TYR A 431 5.43 17.83 -14.76
C TYR A 431 4.86 16.58 -15.43
N THR A 432 3.59 16.62 -15.81
CA THR A 432 3.00 15.46 -16.48
C THR A 432 3.70 15.16 -17.79
N PHE A 433 3.89 16.19 -18.63
CA PHE A 433 4.58 15.98 -19.89
C PHE A 433 6.01 15.49 -19.68
N CYS A 434 6.73 16.11 -18.75
CA CYS A 434 8.11 15.72 -18.50
C CYS A 434 8.20 14.29 -18.02
N GLY A 435 7.35 13.91 -17.07
CA GLY A 435 7.40 12.56 -16.53
C GLY A 435 7.02 11.51 -17.55
N TRP A 436 6.05 11.81 -18.40
CA TRP A 436 5.70 10.86 -19.44
C TRP A 436 6.84 10.69 -20.44
N ILE A 437 7.45 11.78 -20.89
CA ILE A 437 8.46 11.65 -21.93
C ILE A 437 9.72 10.98 -21.38
N VAL A 438 10.05 11.21 -20.11
CA VAL A 438 11.30 10.69 -19.59
C VAL A 438 11.11 9.33 -18.96
N LEU A 439 10.22 9.23 -17.98
CA LEU A 439 10.04 8.01 -17.22
C LEU A 439 9.04 7.05 -17.84
N GLY A 440 8.51 7.37 -19.01
CA GLY A 440 7.57 6.49 -19.69
C GLY A 440 8.14 5.13 -20.05
N PRO A 441 9.33 5.09 -20.65
CA PRO A 441 9.93 3.79 -21.00
C PRO A 441 10.46 2.99 -19.83
N TYR A 442 10.49 3.53 -18.61
CA TYR A 442 11.13 2.86 -17.49
C TYR A 442 10.25 2.74 -16.26
N HIS A 443 8.98 3.10 -16.34
CA HIS A 443 8.12 3.11 -15.16
C HIS A 443 6.71 2.79 -15.63
N ASP A 444 6.03 1.92 -14.90
CA ASP A 444 4.69 1.51 -15.30
C ASP A 444 3.61 2.46 -14.80
N LYS A 445 3.95 3.36 -13.89
CA LYS A 445 3.05 4.42 -13.46
C LYS A 445 3.21 5.68 -14.30
N PHE A 446 4.03 5.63 -15.36
CA PHE A 446 4.27 6.78 -16.21
C PHE A 446 4.17 6.40 -17.69
N GLU A 447 3.43 5.34 -18.01
CA GLU A 447 3.45 4.82 -19.37
C GLU A 447 2.74 5.74 -20.35
N ASN A 448 1.55 6.22 -20.03
CA ASN A 448 0.86 7.20 -20.84
C ASN A 448 0.47 8.42 -20.00
N LEU A 449 0.00 9.46 -20.68
CA LEU A 449 -0.21 10.75 -20.04
C LEU A 449 -1.29 10.70 -18.98
N ASN A 450 -2.38 9.99 -19.23
CA ASN A 450 -3.44 9.87 -18.24
C ASN A 450 -2.96 9.16 -16.99
N THR A 451 -2.15 8.11 -17.16
CA THR A 451 -1.57 7.42 -16.02
C THR A 451 -0.63 8.35 -15.25
N VAL A 452 0.14 9.17 -15.96
CA VAL A 452 1.04 10.10 -15.29
C VAL A 452 0.25 11.10 -14.46
N ALA A 453 -0.86 11.60 -15.01
CA ALA A 453 -1.68 12.54 -14.25
C ALA A 453 -2.23 11.90 -12.98
N GLU A 454 -2.72 10.67 -13.08
CA GLU A 454 -3.22 10.00 -11.89
C GLU A 454 -2.11 9.71 -10.88
N CYS A 455 -0.92 9.33 -11.37
CA CYS A 455 0.20 9.08 -10.47
C CYS A 455 0.61 10.35 -9.72
N LEU A 456 0.65 11.48 -10.41
CA LEU A 456 1.02 12.72 -9.75
C LEU A 456 -0.04 13.14 -8.75
N PHE A 457 -1.31 12.95 -9.07
CA PHE A 457 -2.38 13.23 -8.12
C PHE A 457 -2.21 12.39 -6.85
N SER A 458 -1.98 11.09 -7.02
CA SER A 458 -1.81 10.22 -5.87
C SER A 458 -0.56 10.59 -5.07
N LEU A 459 0.52 10.97 -5.76
CA LEU A 459 1.73 11.39 -5.06
C LEU A 459 1.50 12.64 -4.25
N VAL A 460 0.76 13.61 -4.80
CA VAL A 460 0.40 14.79 -4.03
C VAL A 460 -0.36 14.40 -2.79
N ASN A 461 -1.21 13.38 -2.88
CA ASN A 461 -1.90 12.90 -1.69
C ASN A 461 -1.09 11.89 -0.90
N GLY A 462 0.18 11.71 -1.23
CA GLY A 462 1.09 10.89 -0.46
C GLY A 462 1.08 9.41 -0.77
N ASP A 463 0.34 8.97 -1.77
CA ASP A 463 0.09 7.55 -1.99
C ASP A 463 1.26 6.88 -2.68
N ASP A 464 1.77 5.81 -2.07
CA ASP A 464 2.72 4.89 -2.68
C ASP A 464 3.97 5.61 -3.19
N MET A 465 4.60 6.36 -2.28
CA MET A 465 5.78 7.12 -2.65
C MET A 465 7.01 6.24 -2.77
N PHE A 466 7.21 5.32 -1.84
CA PHE A 466 8.42 4.50 -1.85
C PHE A 466 8.42 3.55 -3.04
N ALA A 467 7.27 2.94 -3.35
CA ALA A 467 7.20 2.08 -4.52
C ALA A 467 7.45 2.86 -5.81
N THR A 468 6.93 4.08 -5.88
CA THR A 468 7.21 4.93 -7.03
C THR A 468 8.69 5.24 -7.14
N PHE A 469 9.35 5.50 -6.02
CA PHE A 469 10.79 5.74 -6.05
C PHE A 469 11.57 4.50 -6.44
N ALA A 470 11.07 3.31 -6.07
CA ALA A 470 11.81 2.08 -6.26
C ALA A 470 11.52 1.37 -7.57
N GLN A 471 10.53 1.83 -8.33
CA GLN A 471 10.21 1.15 -9.58
C GLN A 471 11.15 1.51 -10.73
N ILE A 472 12.05 2.48 -10.55
CA ILE A 472 13.00 2.84 -11.58
C ILE A 472 14.28 2.03 -11.37
N GLN A 473 14.56 1.12 -12.30
CA GLN A 473 15.80 0.35 -12.22
C GLN A 473 17.00 1.26 -12.45
N GLN A 474 18.05 1.05 -11.65
CA GLN A 474 19.26 1.87 -11.69
C GLN A 474 20.20 1.49 -12.82
N LYS A 475 19.73 0.71 -13.79
CA LYS A 475 20.59 0.31 -14.91
C LYS A 475 21.03 1.52 -15.72
N SER A 476 20.12 2.44 -16.01
CA SER A 476 20.46 3.71 -16.64
C SER A 476 20.68 4.74 -15.53
N ILE A 477 21.93 5.14 -15.33
CA ILE A 477 22.24 6.05 -14.23
C ILE A 477 21.66 7.43 -14.48
N LEU A 478 21.66 7.87 -15.75
CA LEU A 478 21.16 9.21 -16.07
C LEU A 478 19.67 9.32 -15.80
N VAL A 479 18.88 8.36 -16.30
CA VAL A 479 17.45 8.37 -16.07
C VAL A 479 17.14 8.16 -14.59
N TRP A 480 17.94 7.38 -13.88
CA TRP A 480 17.72 7.18 -12.46
C TRP A 480 17.91 8.47 -11.68
N LEU A 481 19.01 9.19 -11.96
CA LEU A 481 19.24 10.48 -11.32
C LEU A 481 18.13 11.47 -11.65
N PHE A 482 17.70 11.49 -12.92
CA PHE A 482 16.63 12.40 -13.29
C PHE A 482 15.33 12.04 -12.59
N SER A 483 15.02 10.76 -12.45
CA SER A 483 13.81 10.37 -11.75
C SER A 483 13.86 10.80 -10.29
N ARG A 484 15.02 10.64 -9.64
CA ARG A 484 15.16 11.11 -8.27
C ARG A 484 14.91 12.61 -8.18
N LEU A 485 15.55 13.38 -9.05
CA LEU A 485 15.37 14.83 -9.05
C LEU A 485 13.92 15.21 -9.31
N TYR A 486 13.31 14.56 -10.31
CA TYR A 486 11.93 14.82 -10.69
C TYR A 486 10.97 14.57 -9.54
N LEU A 487 11.07 13.39 -8.92
CA LEU A 487 10.14 13.05 -7.85
C LEU A 487 10.36 13.93 -6.62
N TYR A 488 11.61 14.18 -6.25
CA TYR A 488 11.86 15.04 -5.10
C TYR A 488 11.33 16.44 -5.33
N SER A 489 11.60 17.00 -6.51
CA SER A 489 11.15 18.37 -6.78
C SER A 489 9.63 18.45 -6.84
N PHE A 490 8.98 17.50 -7.53
CA PHE A 490 7.52 17.54 -7.61
C PHE A 490 6.91 17.43 -6.22
N ILE A 491 7.35 16.45 -5.43
CA ILE A 491 6.73 16.22 -4.13
C ILE A 491 6.97 17.39 -3.21
N SER A 492 8.21 17.86 -3.11
CA SER A 492 8.50 19.00 -2.25
C SER A 492 7.69 20.22 -2.67
N LEU A 493 7.78 20.61 -3.94
CA LEU A 493 7.04 21.76 -4.45
C LEU A 493 5.57 21.65 -4.13
N PHE A 494 4.89 20.63 -4.65
CA PHE A 494 3.45 20.58 -4.55
C PHE A 494 2.97 20.38 -3.12
N ILE A 495 3.60 19.47 -2.36
CA ILE A 495 3.09 19.15 -1.04
C ILE A 495 3.43 20.21 -0.01
N TYR A 496 4.44 21.05 -0.26
CA TYR A 496 4.90 21.92 0.79
C TYR A 496 4.87 23.39 0.47
N MET A 497 4.70 23.80 -0.78
CA MET A 497 4.42 25.19 -1.06
C MET A 497 3.01 25.38 -1.60
N ILE A 498 2.66 24.59 -2.61
CA ILE A 498 1.41 24.77 -3.32
C ILE A 498 0.23 24.54 -2.39
N LEU A 499 0.21 23.39 -1.70
CA LEU A 499 -0.91 23.07 -0.84
C LEU A 499 -0.90 23.87 0.45
N SER A 500 0.26 24.30 0.92
CA SER A 500 0.30 25.16 2.11
C SER A 500 -0.30 26.52 1.82
N LEU A 501 0.06 27.12 0.68
CA LEU A 501 -0.59 28.37 0.27
C LEU A 501 -2.08 28.16 0.07
N PHE A 502 -2.47 27.03 -0.52
CA PHE A 502 -3.88 26.71 -0.72
C PHE A 502 -4.64 26.65 0.61
N ILE A 503 -4.06 25.94 1.59
CA ILE A 503 -4.68 25.82 2.90
C ILE A 503 -4.79 27.18 3.58
N ALA A 504 -3.74 27.80 3.35
CA ALA A 504 -3.75 29.11 3.98
C ALA A 504 -4.83 30.00 3.39
N LEU A 505 -4.95 30.01 2.06
CA LEU A 505 -6.03 30.76 1.42
C LEU A 505 -7.39 30.35 1.98
N ILE A 506 -7.66 29.06 2.05
CA ILE A 506 -9.05 28.62 2.44
C ILE A 506 -9.36 28.85 3.91
N THR A 507 -8.52 28.35 4.81
CA THR A 507 -8.86 28.48 6.24
C THR A 507 -8.96 29.94 6.60
N ASP A 508 -8.18 30.83 5.97
CA ASP A 508 -8.20 32.26 6.41
C ASP A 508 -9.40 32.98 5.76
N SER A 509 -9.79 32.55 4.56
CA SER A 509 -11.02 33.12 4.00
C SER A 509 -12.14 32.72 4.95
N TYR A 510 -12.03 31.54 5.56
CA TYR A 510 -13.04 31.11 6.55
C TYR A 510 -12.94 31.86 7.83
N ASP A 511 -11.85 32.52 8.14
CA ASP A 511 -11.80 33.62 9.15
C ASP A 511 -12.77 34.79 8.87
N THR A 512 -12.84 35.28 7.63
CA THR A 512 -13.73 36.40 7.31
C THR A 512 -15.20 36.13 7.29
N ILE A 513 -15.62 35.00 6.76
CA ILE A 513 -17.04 34.61 6.92
C ILE A 513 -17.34 34.47 8.42
N LYS A 514 -16.39 33.99 9.21
CA LYS A 514 -16.67 33.77 10.65
C LYS A 514 -16.80 35.13 11.35
N LYS A 515 -15.96 36.11 11.02
CA LYS A 515 -16.17 37.41 11.62
C LYS A 515 -17.24 38.23 10.89
N PHE A 516 -17.55 37.89 9.64
CA PHE A 516 -18.54 38.66 8.88
C PHE A 516 -19.96 38.36 9.36
N GLN A 517 -20.17 37.14 9.85
CA GLN A 517 -21.49 36.75 10.38
C GLN A 517 -21.63 37.23 11.82
N GLN A 518 -20.52 37.29 12.56
CA GLN A 518 -20.54 37.88 13.93
C GLN A 518 -21.09 39.32 13.84
N ASN A 519 -20.55 40.14 12.94
CA ASN A 519 -20.99 41.55 12.79
C ASN A 519 -22.39 41.58 12.18
N MET B 36 12.38 67.96 -20.66
CA MET B 36 11.43 67.03 -21.28
C MET B 36 11.96 65.61 -21.23
N LYS B 37 13.29 65.49 -21.20
CA LYS B 37 13.90 64.17 -21.15
C LYS B 37 13.53 63.43 -19.88
N GLU B 38 13.27 64.17 -18.79
CA GLU B 38 12.74 63.52 -17.59
C GLU B 38 11.38 62.89 -17.84
N GLU B 39 10.50 63.61 -18.55
CA GLU B 39 9.22 63.03 -18.90
C GLU B 39 9.38 61.82 -19.82
N CYS B 40 10.34 61.90 -20.74
CA CYS B 40 10.59 60.77 -21.63
C CYS B 40 11.08 59.55 -20.85
N LEU B 41 11.97 59.77 -19.87
CA LEU B 41 12.45 58.67 -19.04
C LEU B 41 11.33 58.06 -18.23
N ARG B 42 10.47 58.90 -17.66
CA ARG B 42 9.33 58.40 -16.91
C ARG B 42 8.37 57.60 -17.79
N GLU B 43 8.10 58.09 -19.00
CA GLU B 43 7.23 57.37 -19.92
C GLU B 43 7.84 56.05 -20.34
N ASP B 44 9.15 56.01 -20.54
CA ASP B 44 9.81 54.75 -20.89
C ASP B 44 9.71 53.75 -19.74
N LEU B 45 9.97 54.20 -18.51
CA LEU B 45 9.86 53.29 -17.38
C LEU B 45 8.42 52.81 -17.18
N LYS B 46 7.44 53.67 -17.46
CA LYS B 46 6.05 53.25 -17.40
C LYS B 46 5.72 52.23 -18.48
N PHE B 47 6.29 52.42 -19.68
CA PHE B 47 6.07 51.47 -20.77
C PHE B 47 6.64 50.11 -20.43
N TYR B 48 7.86 50.09 -19.87
CA TYR B 48 8.52 48.82 -19.59
C TYR B 48 7.82 47.98 -18.53
N PHE B 49 6.96 48.58 -17.72
CA PHE B 49 6.35 47.90 -16.59
C PHE B 49 4.90 47.50 -16.80
N MET B 50 4.34 47.73 -17.98
CA MET B 50 2.95 47.41 -18.23
C MET B 50 2.81 46.13 -19.04
N SER B 51 1.66 45.49 -18.89
CA SER B 51 1.41 44.23 -19.57
C SER B 51 1.22 44.46 -21.07
N PRO B 52 1.51 43.45 -21.89
CA PRO B 52 1.29 43.60 -23.34
C PRO B 52 -0.14 43.95 -23.70
N CYS B 53 -1.11 43.43 -22.94
CA CYS B 53 -2.49 43.84 -23.14
C CYS B 53 -2.65 45.34 -22.92
N GLU B 54 -2.04 45.86 -21.85
CA GLU B 54 -2.07 47.29 -21.60
C GLU B 54 -1.26 48.05 -22.63
N LYS B 55 -0.15 47.48 -23.11
CA LYS B 55 0.62 48.15 -24.15
C LYS B 55 -0.20 48.33 -25.42
N TYR B 56 -0.95 47.30 -25.80
CA TYR B 56 -1.82 47.41 -26.98
C TYR B 56 -3.01 48.32 -26.72
N ARG B 57 -3.54 48.30 -25.49
CA ARG B 57 -4.65 49.19 -25.15
C ARG B 57 -4.22 50.65 -25.22
N ALA B 58 -2.98 50.94 -24.81
CA ALA B 58 -2.53 52.32 -24.73
C ALA B 58 -1.92 52.81 -26.04
N ARG B 59 -0.87 52.16 -26.51
CA ARG B 59 -0.10 52.67 -27.65
C ARG B 59 -0.29 51.85 -28.92
N ARG B 60 -1.26 50.95 -28.94
CA ARG B 60 -1.62 50.18 -30.14
C ARG B 60 -0.43 49.39 -30.68
N GLN B 61 0.45 48.94 -29.79
CA GLN B 61 1.60 48.14 -30.17
C GLN B 61 1.20 46.67 -30.20
N ILE B 62 1.33 46.05 -31.36
CA ILE B 62 0.88 44.66 -31.49
C ILE B 62 1.79 43.75 -30.68
N PRO B 63 1.25 42.78 -29.95
CA PRO B 63 2.10 41.89 -29.13
C PRO B 63 2.56 40.67 -29.93
N TRP B 64 3.39 40.91 -30.95
CA TRP B 64 3.86 39.79 -31.76
C TRP B 64 4.83 38.91 -30.99
N LYS B 65 5.51 39.46 -29.99
CA LYS B 65 6.33 38.61 -29.12
C LYS B 65 5.47 37.62 -28.34
N LEU B 66 4.32 38.08 -27.85
CA LEU B 66 3.40 37.18 -27.15
C LEU B 66 2.87 36.10 -28.08
N GLY B 67 2.54 36.48 -29.32
CA GLY B 67 2.11 35.48 -30.29
C GLY B 67 3.20 34.48 -30.61
N LEU B 68 4.45 34.96 -30.71
CA LEU B 68 5.57 34.06 -30.92
C LEU B 68 5.71 33.08 -29.76
N GLN B 69 5.53 33.55 -28.53
CA GLN B 69 5.62 32.66 -27.37
C GLN B 69 4.51 31.63 -27.36
N ILE B 70 3.28 32.03 -27.72
CA ILE B 70 2.18 31.06 -27.77
C ILE B 70 2.45 30.01 -28.84
N LEU B 71 2.91 30.44 -30.01
CA LEU B 71 3.30 29.50 -31.06
C LEU B 71 4.40 28.57 -30.57
N LYS B 72 5.35 29.09 -29.81
CA LYS B 72 6.42 28.26 -29.27
C LYS B 72 5.88 27.21 -28.32
N ILE B 73 4.95 27.60 -27.46
CA ILE B 73 4.34 26.63 -26.54
C ILE B 73 3.68 25.51 -27.33
N VAL B 74 2.88 25.87 -28.34
CA VAL B 74 2.13 24.88 -29.10
C VAL B 74 3.09 23.93 -29.82
N MET B 75 4.11 24.47 -30.49
CA MET B 75 4.99 23.62 -31.27
C MET B 75 5.92 22.78 -30.40
N VAL B 76 6.39 23.31 -29.27
CA VAL B 76 7.21 22.50 -28.38
C VAL B 76 6.40 21.33 -27.83
N THR B 77 5.16 21.59 -27.40
CA THR B 77 4.35 20.50 -26.90
C THR B 77 4.04 19.48 -28.00
N THR B 78 3.77 19.95 -29.22
CA THR B 78 3.49 19.04 -30.32
C THR B 78 4.68 18.13 -30.61
N GLN B 79 5.88 18.72 -30.68
CA GLN B 79 7.08 17.93 -30.93
C GLN B 79 7.29 16.89 -29.84
N LEU B 80 7.10 17.30 -28.58
CA LEU B 80 7.28 16.35 -27.49
C LEU B 80 6.29 15.20 -27.58
N VAL B 81 5.02 15.49 -27.90
CA VAL B 81 4.02 14.42 -27.96
C VAL B 81 4.32 13.47 -29.10
N ARG B 82 4.66 13.99 -30.29
CA ARG B 82 4.98 13.12 -31.41
C ARG B 82 6.19 12.24 -31.10
N PHE B 83 7.24 12.84 -30.52
CA PHE B 83 8.43 12.09 -30.13
C PHE B 83 8.10 11.00 -29.13
N GLY B 84 7.26 11.32 -28.14
CA GLY B 84 6.87 10.33 -27.16
C GLY B 84 6.13 9.17 -27.77
N LEU B 85 5.20 9.44 -28.68
CA LEU B 85 4.42 8.36 -29.28
C LEU B 85 5.32 7.44 -30.10
N SER B 86 6.18 8.01 -30.96
CA SER B 86 7.01 7.17 -31.82
C SER B 86 8.01 6.35 -30.98
N ASN B 87 8.69 7.00 -30.04
CA ASN B 87 9.67 6.25 -29.26
C ASN B 87 9.00 5.24 -28.35
N GLN B 88 7.76 5.52 -27.94
CA GLN B 88 6.96 4.53 -27.20
C GLN B 88 6.76 3.27 -28.04
N LEU B 89 6.41 3.44 -29.32
CA LEU B 89 6.25 2.28 -30.20
C LEU B 89 7.54 1.47 -30.28
N VAL B 90 8.67 2.14 -30.52
CA VAL B 90 9.93 1.41 -30.69
C VAL B 90 10.30 0.67 -29.42
N VAL B 91 10.19 1.34 -28.27
CA VAL B 91 10.56 0.71 -26.99
C VAL B 91 9.65 -0.48 -26.72
N ALA B 92 8.35 -0.35 -27.04
CA ALA B 92 7.44 -1.47 -26.83
C ALA B 92 7.85 -2.68 -27.65
N PHE B 93 8.21 -2.46 -28.92
CA PHE B 93 8.67 -3.59 -29.73
C PHE B 93 9.89 -4.26 -29.11
N LYS B 94 10.87 -3.47 -28.70
CA LYS B 94 12.09 -4.05 -28.15
C LYS B 94 11.81 -4.84 -26.87
N GLU B 95 10.97 -4.28 -25.98
CA GLU B 95 10.69 -4.96 -24.72
C GLU B 95 9.91 -6.26 -24.95
N ASP B 96 8.97 -6.25 -25.88
CA ASP B 96 8.22 -7.46 -26.18
C ASP B 96 9.13 -8.56 -26.72
N ASN B 97 10.06 -8.18 -27.61
CA ASN B 97 11.01 -9.17 -28.11
C ASN B 97 11.90 -9.71 -27.01
N THR B 98 12.33 -8.84 -26.09
CA THR B 98 13.17 -9.31 -24.98
C THR B 98 12.43 -10.29 -24.09
N VAL B 99 11.16 -10.02 -23.80
CA VAL B 99 10.37 -10.93 -22.99
C VAL B 99 10.22 -12.28 -23.69
N ALA B 100 9.95 -12.26 -25.00
CA ALA B 100 9.85 -13.51 -25.75
C ALA B 100 11.17 -14.28 -25.71
N PHE B 101 12.30 -13.58 -25.84
CA PHE B 101 13.59 -14.24 -25.78
C PHE B 101 13.82 -14.90 -24.43
N LYS B 102 13.47 -14.20 -23.34
CA LYS B 102 13.61 -14.79 -22.02
C LYS B 102 12.76 -16.05 -21.88
N HIS B 103 11.54 -16.04 -22.41
CA HIS B 103 10.73 -17.24 -22.35
C HIS B 103 11.29 -18.36 -23.22
N LEU B 104 11.93 -18.02 -24.34
CA LEU B 104 12.46 -19.05 -25.22
C LEU B 104 13.73 -19.69 -24.67
N PHE B 105 14.62 -18.91 -24.07
CA PHE B 105 15.97 -19.40 -23.77
C PHE B 105 16.26 -19.62 -22.31
N LEU B 106 15.48 -19.07 -21.39
CA LEU B 106 15.70 -19.28 -19.97
C LEU B 106 14.78 -20.40 -19.49
N LYS B 107 15.38 -21.45 -18.92
CA LYS B 107 14.61 -22.62 -18.53
C LYS B 107 13.74 -22.31 -17.32
N GLY B 108 12.47 -22.67 -17.42
CA GLY B 108 11.54 -22.44 -16.32
C GLY B 108 11.42 -20.99 -15.93
N TYR B 109 11.45 -20.09 -16.91
CA TYR B 109 11.33 -18.67 -16.61
C TYR B 109 9.90 -18.37 -16.16
N SER B 110 9.78 -17.71 -15.01
CA SER B 110 8.47 -17.50 -14.40
C SER B 110 7.66 -16.40 -15.06
N GLY B 111 8.26 -15.63 -15.95
CA GLY B 111 7.59 -14.52 -16.58
C GLY B 111 7.89 -13.17 -15.99
N THR B 112 8.47 -13.13 -14.79
CA THR B 112 8.91 -11.89 -14.16
C THR B 112 10.31 -12.07 -13.61
N ASP B 113 11.11 -11.02 -13.69
CA ASP B 113 12.49 -11.09 -13.22
C ASP B 113 12.55 -11.20 -11.70
N GLU B 114 13.43 -12.08 -11.21
CA GLU B 114 13.65 -12.19 -9.78
C GLU B 114 14.24 -10.90 -9.23
N ASP B 115 15.17 -10.31 -9.96
CA ASP B 115 15.91 -9.11 -9.55
C ASP B 115 16.44 -8.50 -10.84
N ASP B 116 17.49 -7.68 -10.73
CA ASP B 116 18.19 -7.25 -11.93
C ASP B 116 18.58 -8.42 -12.83
N TYR B 117 18.77 -9.61 -12.25
CA TYR B 117 18.94 -10.84 -13.01
C TYR B 117 17.58 -11.52 -13.20
N SER B 118 17.48 -12.32 -14.25
CA SER B 118 16.20 -12.91 -14.62
C SER B 118 15.84 -14.10 -13.76
N CYS B 119 16.77 -15.04 -13.57
CA CYS B 119 16.52 -16.23 -12.79
C CYS B 119 17.83 -16.70 -12.16
N SER B 120 17.71 -17.70 -11.29
CA SER B 120 18.87 -18.21 -10.56
C SER B 120 18.74 -19.71 -10.35
N VAL B 121 19.89 -20.36 -10.20
CA VAL B 121 19.95 -21.80 -9.91
C VAL B 121 20.87 -22.02 -8.72
N TYR B 122 20.69 -23.16 -8.06
CA TYR B 122 21.44 -23.49 -6.86
C TYR B 122 22.11 -24.85 -6.90
N THR B 123 22.00 -25.57 -8.00
CA THR B 123 22.50 -26.94 -8.11
C THR B 123 23.34 -27.06 -9.37
N GLN B 124 24.34 -27.92 -9.33
CA GLN B 124 25.23 -28.13 -10.51
C GLN B 124 24.39 -28.70 -11.65
N GLU B 125 23.31 -29.41 -11.34
CA GLU B 125 22.48 -30.07 -12.37
C GLU B 125 21.51 -29.06 -12.99
N ASP B 126 20.93 -28.19 -12.17
CA ASP B 126 20.06 -27.12 -12.70
C ASP B 126 20.91 -26.20 -13.55
N ALA B 127 22.16 -25.95 -13.16
CA ALA B 127 23.06 -25.09 -13.94
C ALA B 127 23.31 -25.69 -15.33
N TYR B 128 23.66 -26.97 -15.39
CA TYR B 128 23.96 -27.63 -16.69
C TYR B 128 22.70 -27.66 -17.54
N GLU B 129 21.54 -27.92 -16.94
CA GLU B 129 20.26 -27.99 -17.67
C GLU B 129 19.87 -26.61 -18.20
N SER B 130 20.12 -25.55 -17.44
CA SER B 130 19.86 -24.22 -17.98
C SER B 130 20.74 -23.93 -19.18
N ILE B 131 22.03 -24.23 -19.08
CA ILE B 131 22.94 -23.97 -20.20
C ILE B 131 22.52 -24.79 -21.42
N PHE B 132 22.27 -26.08 -21.22
CA PHE B 132 21.93 -26.96 -22.33
C PHE B 132 20.57 -26.59 -22.92
N PHE B 133 19.63 -26.15 -22.08
CA PHE B 133 18.33 -25.71 -22.58
C PHE B 133 18.48 -24.49 -23.47
N ALA B 134 19.31 -23.52 -23.06
CA ALA B 134 19.52 -22.36 -23.90
C ALA B 134 20.09 -22.75 -25.25
N ILE B 135 21.11 -23.61 -25.25
CA ILE B 135 21.73 -24.00 -26.51
C ILE B 135 20.75 -24.77 -27.39
N ASN B 136 19.99 -25.69 -26.79
CA ASN B 136 19.04 -26.49 -27.56
C ASN B 136 17.92 -25.64 -28.14
N GLN B 137 17.43 -24.67 -27.37
CA GLN B 137 16.39 -23.78 -27.89
C GLN B 137 16.92 -22.93 -29.03
N TYR B 138 18.19 -22.51 -28.95
CA TYR B 138 18.77 -21.80 -30.08
C TYR B 138 18.85 -22.68 -31.31
N HIS B 139 19.17 -23.96 -31.12
CA HIS B 139 19.26 -24.86 -32.26
C HIS B 139 17.92 -25.00 -32.99
N GLN B 140 16.83 -25.05 -32.23
CA GLN B 140 15.49 -25.26 -32.78
C GLN B 140 14.68 -23.97 -32.88
N LEU B 141 15.34 -22.85 -33.18
CA LEU B 141 14.67 -21.56 -33.11
C LEU B 141 13.53 -21.45 -34.12
N LYS B 142 13.73 -21.93 -35.34
CA LYS B 142 12.76 -21.72 -36.40
C LYS B 142 11.44 -22.42 -36.11
N ASP B 143 11.46 -23.51 -35.37
CA ASP B 143 10.27 -24.29 -35.07
C ASP B 143 9.62 -23.89 -33.75
N ILE B 144 10.16 -22.91 -33.05
CA ILE B 144 9.69 -22.57 -31.71
C ILE B 144 9.16 -21.15 -31.67
N THR B 145 9.79 -20.26 -32.44
CA THR B 145 9.47 -18.84 -32.33
C THR B 145 8.11 -18.54 -32.95
N LEU B 146 7.39 -17.61 -32.34
CA LEU B 146 6.12 -17.16 -32.89
C LEU B 146 6.26 -15.92 -33.75
N GLY B 147 7.36 -15.17 -33.62
CA GLY B 147 7.56 -13.98 -34.40
C GLY B 147 8.34 -14.23 -35.68
N THR B 148 8.75 -13.13 -36.31
CA THR B 148 9.54 -13.19 -37.53
C THR B 148 11.01 -13.08 -37.15
N LEU B 149 11.54 -14.19 -36.64
CA LEU B 149 12.91 -14.26 -36.16
C LEU B 149 13.74 -15.13 -37.08
N GLY B 150 15.03 -14.80 -37.18
CA GLY B 150 15.95 -15.61 -37.94
C GLY B 150 17.32 -15.52 -37.31
N TYR B 151 18.18 -16.44 -37.70
CA TYR B 151 19.57 -16.40 -37.25
C TYR B 151 20.28 -15.20 -37.86
N GLY B 152 21.17 -14.59 -37.08
CA GLY B 152 21.93 -13.45 -37.53
C GLY B 152 23.41 -13.76 -37.56
N GLU B 153 24.11 -13.19 -38.54
CA GLU B 153 25.55 -13.30 -38.59
C GLU B 153 26.18 -12.57 -37.41
N ASN B 154 27.23 -13.16 -36.85
CA ASN B 154 27.89 -12.59 -35.68
C ASN B 154 28.89 -11.53 -36.11
N GLU B 155 29.74 -11.09 -35.17
CA GLU B 155 30.74 -10.08 -35.48
C GLU B 155 31.80 -10.58 -36.44
N ASP B 156 31.98 -11.90 -36.55
CA ASP B 156 32.92 -12.50 -37.48
C ASP B 156 32.24 -12.92 -38.78
N ASN B 157 30.96 -12.57 -38.95
CA ASN B 157 30.18 -12.88 -40.15
C ASN B 157 30.08 -14.39 -40.36
N ARG B 158 29.53 -15.06 -39.35
CA ARG B 158 29.27 -16.50 -39.41
C ARG B 158 28.12 -16.80 -38.46
N ILE B 159 27.12 -17.53 -38.96
CA ILE B 159 25.96 -17.86 -38.14
C ILE B 159 26.32 -18.96 -37.16
N GLY B 160 26.12 -18.70 -35.88
CA GLY B 160 26.40 -19.70 -34.87
C GLY B 160 26.24 -19.15 -33.48
N LEU B 161 26.66 -19.96 -32.52
CA LEU B 161 26.52 -19.68 -31.10
C LEU B 161 27.90 -19.73 -30.48
N LYS B 162 28.19 -18.77 -29.60
CA LYS B 162 29.47 -18.72 -28.92
C LYS B 162 29.26 -18.93 -27.43
N VAL B 163 30.06 -19.82 -26.85
CA VAL B 163 30.04 -20.06 -25.41
C VAL B 163 31.43 -19.76 -24.87
N CYS B 164 31.51 -18.85 -23.91
CA CYS B 164 32.77 -18.56 -23.25
C CYS B 164 32.63 -18.81 -21.76
N LYS B 165 33.69 -19.36 -21.17
CA LYS B 165 33.71 -19.65 -19.74
C LYS B 165 34.99 -19.14 -19.11
N GLN B 166 34.88 -18.67 -17.87
CA GLN B 166 36.01 -18.13 -17.12
C GLN B 166 36.18 -18.92 -15.84
N HIS B 167 37.39 -19.40 -15.62
CA HIS B 167 37.77 -20.12 -14.42
C HIS B 167 39.00 -19.47 -13.81
N TYR B 168 39.14 -19.62 -12.50
CA TYR B 168 40.42 -19.35 -11.85
C TYR B 168 41.35 -20.50 -12.19
N LYS B 169 42.41 -20.21 -12.93
CA LYS B 169 43.34 -21.28 -13.31
C LYS B 169 43.98 -21.90 -12.08
N LYS B 170 44.15 -23.22 -12.11
CA LYS B 170 44.65 -23.95 -10.95
C LYS B 170 46.13 -24.26 -11.07
N LEU B 180 41.29 -24.82 -3.66
CA LEU B 180 42.38 -25.28 -2.76
C LEU B 180 43.71 -24.81 -3.33
N ASN B 181 43.90 -24.93 -4.64
CA ASN B 181 45.14 -24.44 -5.29
C ASN B 181 44.75 -23.59 -6.50
N ILE B 182 44.31 -22.35 -6.27
CA ILE B 182 43.81 -21.52 -7.40
C ILE B 182 44.58 -20.20 -7.47
N ASP B 183 44.93 -19.76 -8.68
CA ASP B 183 45.66 -18.46 -8.87
C ASP B 183 44.62 -17.38 -9.19
N ASN B 184 44.99 -16.10 -9.10
CA ASN B 184 44.04 -14.98 -9.32
C ASN B 184 43.82 -14.73 -10.82
N ASP B 185 44.68 -15.30 -11.65
CA ASP B 185 44.49 -15.16 -13.12
C ASP B 185 43.25 -15.96 -13.55
N VAL B 186 42.37 -15.33 -14.32
CA VAL B 186 41.16 -16.02 -14.83
C VAL B 186 41.48 -16.62 -16.21
N GLU B 187 41.21 -17.92 -16.39
CA GLU B 187 41.46 -18.58 -17.69
C GLU B 187 40.17 -18.54 -18.53
N LEU B 188 40.14 -17.74 -19.59
CA LEU B 188 38.97 -17.67 -20.48
C LEU B 188 39.08 -18.78 -21.53
N ASP B 189 37.98 -19.44 -21.86
CA ASP B 189 37.99 -20.46 -22.94
C ASP B 189 36.67 -20.37 -23.69
N CYS B 190 36.73 -20.18 -25.01
CA CYS B 190 35.51 -20.06 -25.80
C CYS B 190 35.40 -21.18 -26.82
N VAL B 191 34.17 -21.41 -27.28
CA VAL B 191 33.90 -22.34 -28.37
C VAL B 191 32.83 -21.74 -29.26
N GLN B 192 32.99 -21.88 -30.56
CA GLN B 192 32.02 -21.39 -31.53
C GLN B 192 31.22 -22.58 -32.05
N LEU B 193 29.94 -22.61 -31.74
CA LEU B 193 29.05 -23.69 -32.16
C LEU B 193 28.24 -23.24 -33.36
N ASP B 194 28.51 -23.85 -34.52
CA ASP B 194 27.78 -23.56 -35.74
C ASP B 194 26.43 -24.28 -35.74
N LEU B 195 25.60 -23.93 -36.72
CA LEU B 195 24.36 -24.66 -36.90
C LEU B 195 24.62 -26.08 -37.39
N GLN B 196 25.68 -26.28 -38.18
CA GLN B 196 26.07 -27.63 -38.56
C GLN B 196 26.49 -28.45 -37.35
N ASP B 197 27.25 -27.84 -36.42
CA ASP B 197 27.70 -28.56 -35.24
C ASP B 197 26.54 -28.95 -34.35
N LEU B 198 25.57 -28.05 -34.15
CA LEU B 198 24.43 -28.37 -33.30
C LEU B 198 23.44 -29.30 -33.99
N SER B 199 23.45 -29.29 -35.32
CA SER B 199 22.50 -30.08 -36.09
C SER B 199 22.97 -31.50 -36.37
N LYS B 200 24.19 -31.85 -35.95
CA LYS B 200 24.62 -33.24 -36.09
C LYS B 200 23.70 -34.13 -35.26
N LYS B 201 23.16 -35.16 -35.91
CA LYS B 201 22.13 -35.98 -35.27
C LYS B 201 22.63 -36.64 -34.00
N PRO B 202 23.81 -37.23 -33.94
CA PRO B 202 24.45 -37.45 -32.64
C PRO B 202 25.19 -36.21 -32.19
N PRO B 203 24.70 -35.51 -31.17
CA PRO B 203 25.34 -34.25 -30.79
C PRO B 203 26.65 -34.49 -30.05
N ASP B 204 27.71 -33.87 -30.54
CA ASP B 204 29.02 -34.03 -29.95
C ASP B 204 29.40 -32.93 -28.97
N TRP B 205 28.74 -31.78 -29.02
CA TRP B 205 29.07 -30.70 -28.10
C TRP B 205 28.69 -31.04 -26.67
N LYS B 206 27.61 -31.79 -26.46
CA LYS B 206 27.18 -32.10 -25.09
C LYS B 206 28.22 -32.91 -24.34
N ASN B 207 28.87 -33.84 -25.03
CA ASN B 207 29.84 -34.73 -24.43
C ASN B 207 31.26 -34.17 -24.44
N SER B 208 31.47 -33.02 -25.06
CA SER B 208 32.81 -32.47 -25.19
C SER B 208 33.36 -32.04 -23.84
N SER B 209 34.69 -32.00 -23.75
CA SER B 209 35.36 -31.63 -22.51
C SER B 209 35.17 -30.17 -22.15
N PHE B 210 34.64 -29.35 -23.06
CA PHE B 210 34.41 -27.94 -22.76
C PHE B 210 33.39 -27.77 -21.64
N PHE B 211 32.31 -28.55 -21.73
CA PHE B 211 31.14 -28.32 -20.84
C PHE B 211 31.27 -29.09 -19.54
N ARG B 212 32.48 -29.53 -19.19
CA ARG B 212 32.69 -30.13 -17.85
C ARG B 212 33.21 -28.98 -16.99
N LEU B 213 32.31 -28.30 -16.26
CA LEU B 213 32.72 -27.09 -15.51
C LEU B 213 33.11 -27.47 -14.07
N GLU B 214 34.20 -26.90 -13.55
CA GLU B 214 34.60 -27.11 -12.14
C GLU B 214 33.92 -25.99 -11.37
N PHE B 215 32.73 -26.24 -10.84
CA PHE B 215 32.00 -25.08 -10.34
C PHE B 215 32.68 -24.37 -9.18
N TYR B 216 33.63 -25.00 -8.49
CA TYR B 216 34.26 -24.33 -7.37
C TYR B 216 35.22 -23.23 -7.80
N ARG B 217 35.68 -23.25 -9.06
CA ARG B 217 36.48 -22.15 -9.60
C ARG B 217 35.75 -21.33 -10.63
N LEU B 218 34.55 -21.74 -11.03
CA LEU B 218 33.86 -21.06 -12.12
C LEU B 218 33.53 -19.63 -11.74
N LEU B 219 33.82 -18.70 -12.64
CA LEU B 219 33.40 -17.31 -12.49
C LEU B 219 32.11 -17.04 -13.24
N GLN B 220 32.03 -17.42 -14.50
CA GLN B 220 30.80 -17.26 -15.27
C GLN B 220 30.90 -18.08 -16.54
N VAL B 221 29.73 -18.31 -17.14
CA VAL B 221 29.60 -18.85 -18.49
C VAL B 221 28.73 -17.88 -19.27
N GLU B 222 29.16 -17.49 -20.46
CA GLU B 222 28.42 -16.54 -21.28
C GLU B 222 28.08 -17.18 -22.61
N ILE B 223 26.82 -17.04 -23.02
CA ILE B 223 26.33 -17.53 -24.31
C ILE B 223 25.91 -16.33 -25.13
N SER B 224 26.47 -16.18 -26.31
CA SER B 224 26.22 -15.02 -27.16
C SER B 224 25.73 -15.47 -28.53
N PHE B 225 24.72 -14.79 -29.05
CA PHE B 225 24.22 -15.06 -30.38
C PHE B 225 23.47 -13.84 -30.89
N HIS B 226 23.22 -13.83 -32.19
CA HIS B 226 22.52 -12.75 -32.86
C HIS B 226 21.22 -13.27 -33.49
N LEU B 227 20.18 -12.45 -33.46
CA LEU B 227 18.92 -12.75 -34.11
C LEU B 227 18.47 -11.56 -34.95
N LYS B 228 17.84 -11.84 -36.07
CA LYS B 228 17.28 -10.83 -36.96
C LYS B 228 15.75 -10.84 -36.85
N GLY B 229 15.16 -9.69 -36.65
CA GLY B 229 13.73 -9.59 -36.47
C GLY B 229 13.13 -8.50 -37.33
N ILE B 230 11.86 -8.69 -37.67
CA ILE B 230 11.08 -7.71 -38.42
C ILE B 230 9.79 -7.46 -37.67
N ASP B 231 9.43 -6.21 -37.49
CA ASP B 231 8.10 -5.87 -36.98
C ASP B 231 7.16 -5.65 -38.16
N LEU B 232 6.24 -6.58 -38.34
CA LEU B 232 5.22 -6.45 -39.38
C LEU B 232 4.06 -5.58 -38.92
N GLN B 233 4.15 -4.98 -37.74
CA GLN B 233 3.10 -4.11 -37.27
C GLN B 233 3.00 -2.84 -38.11
N THR B 234 4.01 -2.54 -38.92
CA THR B 234 4.04 -1.30 -39.67
C THR B 234 3.52 -1.42 -41.10
N ILE B 235 3.49 -2.61 -41.68
CA ILE B 235 3.21 -2.72 -43.12
C ILE B 235 1.78 -2.31 -43.47
N HIS B 236 0.88 -2.21 -42.49
CA HIS B 236 -0.47 -1.76 -42.81
C HIS B 236 -0.48 -0.31 -43.29
N SER B 237 0.61 0.43 -43.09
CA SER B 237 0.68 1.83 -43.45
C SER B 237 1.56 2.10 -44.67
N ARG B 238 1.89 1.07 -45.46
CA ARG B 238 2.74 1.14 -46.65
C ARG B 238 4.19 1.49 -46.29
N GLU B 239 4.48 1.77 -45.02
CA GLU B 239 5.86 1.99 -44.60
C GLU B 239 6.67 0.73 -44.79
N LEU B 240 7.86 0.82 -45.37
CA LEU B 240 8.70 -0.40 -45.42
C LEU B 240 8.98 -0.81 -43.97
N PRO B 241 8.90 -2.10 -43.62
CA PRO B 241 9.09 -2.56 -42.21
C PRO B 241 10.50 -2.28 -41.74
N ASP B 242 10.66 -2.07 -40.43
CA ASP B 242 12.02 -1.85 -39.84
C ASP B 242 12.63 -3.19 -39.44
N CYS B 243 13.84 -3.49 -39.93
CA CYS B 243 14.51 -4.76 -39.57
C CYS B 243 15.47 -4.51 -38.41
N TYR B 244 15.39 -5.32 -37.36
CA TYR B 244 16.25 -5.11 -36.16
C TYR B 244 17.19 -6.26 -36.00
N VAL B 245 18.35 -6.00 -35.41
CA VAL B 245 19.34 -7.01 -35.06
C VAL B 245 19.41 -7.07 -33.55
N PHE B 246 19.22 -8.25 -32.99
CA PHE B 246 19.29 -8.45 -31.55
C PHE B 246 20.61 -9.15 -31.23
N GLN B 247 21.36 -8.57 -30.33
CA GLN B 247 22.61 -9.16 -29.84
C GLN B 247 22.34 -9.63 -28.42
N ASN B 248 22.14 -10.94 -28.27
CA ASN B 248 21.70 -11.52 -27.00
C ASN B 248 22.87 -12.20 -26.30
N THR B 249 22.99 -11.95 -25.01
CA THR B 249 23.95 -12.64 -24.16
C THR B 249 23.23 -13.19 -22.94
N ILE B 250 23.47 -14.46 -22.62
CA ILE B 250 23.01 -15.07 -21.39
C ILE B 250 24.25 -15.31 -20.53
N ILE B 251 24.25 -14.76 -19.32
CA ILE B 251 25.40 -14.83 -18.44
C ILE B 251 25.01 -15.68 -17.24
N PHE B 252 25.68 -16.81 -17.07
CA PHE B 252 25.49 -17.67 -15.91
C PHE B 252 26.59 -17.31 -14.90
N ASP B 253 26.24 -16.46 -13.95
CA ASP B 253 27.22 -15.70 -13.19
C ASP B 253 27.26 -16.16 -11.74
N ASN B 254 28.44 -16.53 -11.26
CA ASN B 254 28.64 -16.80 -9.84
C ASN B 254 29.94 -16.16 -9.36
N LYS B 255 30.12 -14.88 -9.68
CA LYS B 255 31.24 -14.13 -9.11
C LYS B 255 31.20 -14.14 -7.59
N ALA B 256 30.00 -14.19 -7.01
CA ALA B 256 29.88 -14.18 -5.56
C ALA B 256 30.41 -15.47 -4.93
N HIS B 257 30.32 -16.58 -5.65
CA HIS B 257 30.72 -17.90 -5.14
C HIS B 257 30.01 -18.22 -3.82
N SER B 258 28.72 -17.88 -3.76
CA SER B 258 27.91 -18.06 -2.56
C SER B 258 26.93 -19.19 -2.69
N GLY B 259 27.07 -20.04 -3.69
CA GLY B 259 26.16 -21.15 -3.89
C GLY B 259 24.99 -20.87 -4.80
N LYS B 260 24.91 -19.69 -5.40
CA LYS B 260 23.85 -19.34 -6.32
C LYS B 260 24.45 -18.77 -7.59
N ILE B 261 24.00 -19.27 -8.73
CA ILE B 261 24.34 -18.71 -10.03
C ILE B 261 23.18 -17.84 -10.48
N LYS B 262 23.47 -16.57 -10.76
CA LYS B 262 22.49 -15.62 -11.25
C LYS B 262 22.56 -15.60 -12.77
N ILE B 263 21.41 -15.66 -13.41
CA ILE B 263 21.32 -15.75 -14.86
C ILE B 263 20.81 -14.41 -15.37
N TYR B 264 21.65 -13.69 -16.10
CA TYR B 264 21.29 -12.40 -16.69
C TYR B 264 21.04 -12.59 -18.18
N PHE B 265 19.92 -12.07 -18.66
CA PHE B 265 19.65 -12.04 -20.09
C PHE B 265 19.60 -10.60 -20.56
N ASP B 266 20.49 -10.24 -21.47
CA ASP B 266 20.59 -8.89 -22.00
C ASP B 266 20.41 -8.95 -23.51
N SER B 267 19.47 -8.17 -24.03
CA SER B 267 19.23 -8.07 -25.46
C SER B 267 19.47 -6.64 -25.91
N ASP B 268 20.41 -6.45 -26.81
CA ASP B 268 20.72 -5.14 -27.38
C ASP B 268 20.25 -5.13 -28.82
N ALA B 269 19.23 -4.31 -29.10
CA ALA B 269 18.62 -4.24 -30.41
C ALA B 269 19.06 -2.98 -31.12
N LYS B 270 19.46 -3.13 -32.38
CA LYS B 270 19.78 -2.01 -33.24
C LYS B 270 19.01 -2.18 -34.54
N ILE B 271 18.89 -1.09 -35.30
CA ILE B 271 18.12 -1.06 -36.53
C ILE B 271 19.09 -1.07 -37.70
N GLU B 272 18.91 -2.03 -38.60
CA GLU B 272 19.75 -2.19 -39.77
C GLU B 272 18.89 -2.16 -41.01
N GLU B 273 19.54 -2.05 -42.17
CA GLU B 273 18.82 -2.10 -43.43
C GLU B 273 18.24 -3.50 -43.64
N CYS B 274 17.06 -3.56 -44.24
CA CYS B 274 16.47 -4.85 -44.62
C CYS B 274 17.14 -5.29 -45.91
N LYS B 275 18.13 -6.18 -45.77
CA LYS B 275 18.85 -6.66 -46.94
C LYS B 275 17.94 -7.41 -47.90
N ASP B 276 17.17 -8.37 -47.38
CA ASP B 276 16.29 -9.20 -48.19
C ASP B 276 14.87 -9.09 -47.66
N LEU B 277 14.02 -8.37 -48.38
CA LEU B 277 12.62 -8.20 -48.02
C LEU B 277 11.87 -7.64 -49.21
N ASN B 278 10.69 -8.22 -49.47
CA ASN B 278 9.85 -7.81 -50.60
C ASN B 278 8.44 -7.59 -50.10
N ILE B 279 8.05 -6.33 -49.98
CA ILE B 279 6.73 -5.96 -49.46
C ILE B 279 6.02 -5.22 -50.58
N PHE B 280 5.43 -5.98 -51.51
CA PHE B 280 4.77 -5.48 -52.72
C PHE B 280 5.27 -4.13 -53.23
N ASN B 286 8.47 9.47 -44.53
CA ASN B 286 8.02 10.47 -43.57
C ASN B 286 9.21 11.09 -42.84
N ALA B 287 10.42 10.73 -43.27
CA ALA B 287 11.62 11.24 -42.62
C ALA B 287 11.76 12.74 -42.81
N GLN B 288 11.41 13.25 -44.01
CA GLN B 288 11.54 14.68 -44.28
C GLN B 288 10.63 15.49 -43.38
N TYR B 289 9.39 15.04 -43.19
CA TYR B 289 8.41 15.81 -42.44
C TYR B 289 8.83 16.00 -40.98
N VAL B 290 9.37 14.95 -40.37
CA VAL B 290 9.88 15.07 -39.01
C VAL B 290 11.06 16.02 -38.96
N LEU B 291 11.98 15.89 -39.92
CA LEU B 291 13.22 16.68 -39.87
C LEU B 291 12.95 18.17 -40.04
N VAL B 292 12.02 18.54 -40.93
CA VAL B 292 11.73 19.96 -41.13
C VAL B 292 11.03 20.53 -39.90
N PHE B 293 10.14 19.74 -39.28
CA PHE B 293 9.43 20.22 -38.10
C PHE B 293 10.39 20.52 -36.96
N ASP B 294 11.38 19.66 -36.75
CA ASP B 294 12.40 19.92 -35.73
C ASP B 294 13.22 21.15 -36.10
N ALA B 295 13.31 21.49 -37.38
CA ALA B 295 14.03 22.69 -37.78
C ALA B 295 13.23 23.93 -37.47
N PHE B 296 11.91 23.86 -37.64
CA PHE B 296 11.06 25.00 -37.28
C PHE B 296 11.05 25.22 -35.78
N VAL B 297 11.08 24.14 -35.00
CA VAL B 297 11.15 24.28 -33.55
C VAL B 297 12.44 24.98 -33.14
N ILE B 298 13.55 24.62 -33.79
CA ILE B 298 14.83 25.28 -33.50
C ILE B 298 14.76 26.75 -33.86
N VAL B 299 14.19 27.07 -35.02
CA VAL B 299 14.14 28.47 -35.48
C VAL B 299 13.31 29.32 -34.53
N ILE B 300 12.13 28.83 -34.14
CA ILE B 300 11.28 29.58 -33.24
C ILE B 300 11.93 29.75 -31.88
N CYS B 301 12.52 28.68 -31.35
CA CYS B 301 13.23 28.79 -30.08
C CYS B 301 14.45 29.68 -30.21
N LEU B 302 15.15 29.62 -31.34
CA LEU B 302 16.27 30.52 -31.57
C LEU B 302 15.81 31.97 -31.64
N ALA B 303 14.65 32.20 -32.26
CA ALA B 303 14.11 33.55 -32.33
C ALA B 303 13.73 34.07 -30.96
N SER B 304 13.11 33.22 -30.14
CA SER B 304 12.73 33.61 -28.78
C SER B 304 13.96 33.95 -27.95
N LEU B 305 15.07 33.26 -28.19
CA LEU B 305 16.33 33.61 -27.54
C LEU B 305 16.77 35.02 -27.91
N ILE B 306 16.66 35.37 -29.19
CA ILE B 306 17.07 36.70 -29.63
C ILE B 306 16.19 37.77 -28.99
N LEU B 307 14.87 37.58 -29.04
CA LEU B 307 13.96 38.58 -28.53
C LEU B 307 14.11 38.76 -27.02
N CYS B 308 14.23 37.67 -26.27
CA CYS B 308 14.36 37.78 -24.82
C CYS B 308 15.67 38.47 -24.43
N THR B 309 16.77 38.11 -25.09
CA THR B 309 18.04 38.74 -24.78
C THR B 309 18.04 40.21 -25.19
N ARG B 310 17.38 40.52 -26.31
CA ARG B 310 17.20 41.91 -26.69
C ARG B 310 16.39 42.66 -25.64
N SER B 311 15.35 42.02 -25.11
CA SER B 311 14.53 42.64 -24.07
C SER B 311 15.34 42.88 -22.81
N ILE B 312 16.17 41.91 -22.42
CA ILE B 312 16.97 42.08 -21.20
C ILE B 312 17.96 43.21 -21.37
N VAL B 313 18.59 43.33 -22.54
CA VAL B 313 19.54 44.41 -22.77
C VAL B 313 18.85 45.76 -22.71
N LEU B 314 17.70 45.90 -23.38
CA LEU B 314 16.95 47.15 -23.31
C LEU B 314 16.49 47.44 -21.89
N ALA B 315 16.30 46.40 -21.08
CA ALA B 315 15.96 46.62 -19.68
C ALA B 315 17.14 47.19 -18.90
N LEU B 316 18.35 46.65 -19.12
CA LEU B 316 19.52 47.17 -18.44
C LEU B 316 19.88 48.58 -18.89
N ARG B 317 19.50 48.96 -20.12
CA ARG B 317 19.70 50.34 -20.53
C ARG B 317 18.82 51.28 -19.72
N LEU B 318 17.59 50.87 -19.43
CA LEU B 318 16.69 51.71 -18.63
C LEU B 318 17.17 51.82 -17.19
N ARG B 319 17.77 50.75 -16.66
CA ARG B 319 18.37 50.83 -15.33
C ARG B 319 19.49 51.86 -15.30
N LYS B 320 20.32 51.87 -16.34
CA LYS B 320 21.38 52.86 -16.43
C LYS B 320 20.81 54.27 -16.46
N ARG B 321 19.79 54.50 -17.28
CA ARG B 321 19.19 55.83 -17.37
C ARG B 321 18.53 56.24 -16.06
N PHE B 322 17.81 55.31 -15.43
CA PHE B 322 17.05 55.67 -14.22
C PHE B 322 17.97 56.06 -13.08
N LEU B 323 19.12 55.39 -12.96
CA LEU B 323 20.07 55.75 -11.91
C LEU B 323 20.61 57.16 -12.10
N ASN B 324 20.72 57.62 -13.35
CA ASN B 324 21.19 58.98 -13.60
C ASN B 324 20.24 60.00 -13.00
N PHE B 325 18.93 59.81 -13.21
CA PHE B 325 17.95 60.70 -12.60
C PHE B 325 17.89 60.56 -11.09
N PHE B 326 18.37 59.44 -10.54
CA PHE B 326 18.39 59.22 -9.10
C PHE B 326 19.80 59.27 -8.53
N LEU B 327 20.70 59.97 -9.22
CA LEU B 327 22.04 60.23 -8.71
C LEU B 327 22.32 61.71 -8.52
N GLU B 328 21.48 62.59 -9.07
CA GLU B 328 21.55 64.02 -8.86
C GLU B 328 20.38 64.54 -8.04
N LYS B 329 19.17 64.09 -8.36
CA LYS B 329 17.98 64.52 -7.62
C LYS B 329 18.09 64.16 -6.14
N TYR B 330 18.57 62.96 -5.84
CA TYR B 330 18.76 62.52 -4.48
C TYR B 330 20.15 61.90 -4.34
N TRP B 340 16.46 43.63 -9.34
CA TRP B 340 15.61 42.64 -10.02
C TRP B 340 14.40 43.31 -10.65
N GLU B 341 14.27 44.62 -10.41
CA GLU B 341 13.15 45.34 -10.99
C GLU B 341 13.23 45.38 -12.51
N PHE B 342 14.43 45.31 -13.06
CA PHE B 342 14.64 45.32 -14.50
C PHE B 342 15.21 44.02 -15.03
N ILE B 343 15.53 43.07 -14.17
CA ILE B 343 15.89 41.73 -14.60
C ILE B 343 14.70 40.85 -14.30
N ASN B 344 13.91 40.56 -15.34
CA ASN B 344 12.74 39.71 -15.18
C ASN B 344 13.20 38.28 -15.03
N GLY B 345 12.83 37.64 -13.92
CA GLY B 345 13.22 36.27 -13.71
C GLY B 345 12.56 35.29 -14.65
N TRP B 346 11.48 35.71 -15.30
CA TRP B 346 10.85 34.85 -16.30
C TRP B 346 11.69 34.74 -17.56
N TYR B 347 12.39 35.81 -17.91
CA TYR B 347 13.22 35.79 -19.13
C TYR B 347 14.40 34.84 -18.99
N VAL B 348 14.96 34.72 -17.79
CA VAL B 348 16.00 33.73 -17.56
C VAL B 348 15.45 32.33 -17.81
N LEU B 349 14.25 32.06 -17.33
CA LEU B 349 13.63 30.77 -17.55
C LEU B 349 13.38 30.52 -19.04
N VAL B 350 12.95 31.55 -19.76
CA VAL B 350 12.69 31.39 -21.19
C VAL B 350 13.98 31.14 -21.95
N ILE B 351 15.07 31.80 -21.56
CA ILE B 351 16.34 31.58 -22.22
C ILE B 351 16.83 30.15 -21.98
N ILE B 352 16.73 29.68 -20.73
CA ILE B 352 17.15 28.31 -20.44
C ILE B 352 16.29 27.31 -21.21
N SER B 353 14.98 27.55 -21.27
CA SER B 353 14.09 26.64 -21.99
C SER B 353 14.43 26.60 -23.48
N ASP B 354 14.72 27.76 -24.08
CA ASP B 354 15.08 27.78 -25.49
C ASP B 354 16.38 27.05 -25.74
N LEU B 355 17.38 27.25 -24.88
CA LEU B 355 18.63 26.51 -25.03
C LEU B 355 18.38 25.01 -24.98
N MET B 356 17.61 24.56 -23.98
CA MET B 356 17.35 23.13 -23.82
C MET B 356 16.56 22.57 -24.99
N THR B 357 15.58 23.32 -25.50
CA THR B 357 14.81 22.84 -26.64
C THR B 357 15.67 22.73 -27.89
N ILE B 358 16.55 23.70 -28.13
CA ILE B 358 17.44 23.62 -29.27
C ILE B 358 18.37 22.42 -29.15
N ILE B 359 18.94 22.22 -27.96
CA ILE B 359 19.84 21.08 -27.76
C ILE B 359 19.10 19.76 -27.95
N GLY B 360 17.91 19.65 -27.37
CA GLY B 360 17.13 18.43 -27.51
C GLY B 360 16.73 18.16 -28.94
N SER B 361 16.36 19.22 -29.68
CA SER B 361 16.01 19.04 -31.09
C SER B 361 17.22 18.62 -31.91
N ILE B 362 18.39 19.17 -31.63
CA ILE B 362 19.59 18.76 -32.36
C ILE B 362 19.89 17.29 -32.08
N LEU B 363 19.81 16.87 -30.81
CA LEU B 363 20.02 15.46 -30.49
C LEU B 363 18.97 14.57 -31.15
N LYS B 364 17.73 15.05 -31.20
CA LYS B 364 16.66 14.27 -31.83
C LYS B 364 16.91 14.10 -33.32
N MET B 365 17.32 15.17 -34.00
CA MET B 365 17.63 15.07 -35.43
C MET B 365 18.81 14.15 -35.66
N GLU B 366 19.82 14.22 -34.79
CA GLU B 366 20.96 13.33 -34.91
C GLU B 366 20.54 11.87 -34.73
N ILE B 367 19.66 11.61 -33.77
CA ILE B 367 19.18 10.25 -33.53
C ILE B 367 18.42 9.74 -34.76
N LYS B 368 17.51 10.56 -35.29
CA LYS B 368 16.72 10.10 -36.43
C LYS B 368 17.58 9.96 -37.69
N ALA B 369 18.60 10.79 -37.83
CA ALA B 369 19.44 10.75 -39.03
C ALA B 369 20.23 9.44 -39.11
N LYS B 370 20.88 9.06 -38.01
CA LYS B 370 21.74 7.89 -38.01
C LYS B 370 21.08 6.66 -37.39
N ASN B 371 19.75 6.70 -37.19
CA ASN B 371 18.96 5.54 -36.80
C ASN B 371 19.45 4.93 -35.48
N LEU B 372 19.43 5.73 -34.42
CA LEU B 372 19.77 5.21 -33.08
C LEU B 372 18.50 4.97 -32.26
N THR B 373 18.56 4.08 -31.26
CA THR B 373 17.34 3.75 -30.49
C THR B 373 17.42 4.08 -29.02
N ASN B 374 18.49 4.75 -28.58
CA ASN B 374 18.56 5.20 -27.17
C ASN B 374 18.16 6.67 -27.17
N TYR B 375 17.03 7.01 -26.55
CA TYR B 375 16.53 8.41 -26.59
C TYR B 375 16.55 9.04 -25.22
N ASP B 376 17.19 8.43 -24.22
CA ASP B 376 17.31 9.04 -22.85
C ASP B 376 17.73 10.51 -22.79
N LEU B 377 18.94 10.88 -23.19
CA LEU B 377 19.41 12.27 -23.01
C LEU B 377 18.49 13.24 -23.76
N CYS B 378 18.03 12.87 -24.96
CA CYS B 378 17.18 13.78 -25.76
C CYS B 378 15.84 13.96 -25.03
N SER B 379 15.30 12.88 -24.48
CA SER B 379 14.03 12.97 -23.71
C SER B 379 14.22 13.82 -22.46
N ILE B 380 15.39 13.76 -21.82
CA ILE B 380 15.65 14.55 -20.58
C ILE B 380 15.74 16.04 -20.94
N PHE B 381 16.31 16.39 -22.09
CA PHE B 381 16.35 17.80 -22.47
C PHE B 381 14.97 18.28 -22.90
N LEU B 382 14.27 17.50 -23.73
CA LEU B 382 12.97 17.93 -24.21
C LEU B 382 11.96 17.99 -23.08
N GLY B 383 11.98 17.02 -22.17
CA GLY B 383 11.04 17.04 -21.06
C GLY B 383 11.27 18.21 -20.12
N THR B 384 12.53 18.49 -19.80
CA THR B 384 12.81 19.63 -18.93
C THR B 384 12.43 20.94 -19.60
N SER B 385 12.70 21.07 -20.91
CA SER B 385 12.32 22.30 -21.60
C SER B 385 10.81 22.48 -21.64
N THR B 386 10.06 21.40 -21.87
CA THR B 386 8.60 21.50 -21.86
C THR B 386 8.07 21.85 -20.46
N LEU B 387 8.63 21.23 -19.43
CA LEU B 387 8.26 21.59 -18.06
C LEU B 387 8.47 23.07 -17.81
N LEU B 388 9.62 23.60 -18.24
CA LEU B 388 9.91 25.01 -18.02
C LEU B 388 9.02 25.92 -18.85
N VAL B 389 8.63 25.51 -20.06
CA VAL B 389 7.70 26.31 -20.85
C VAL B 389 6.34 26.43 -20.16
N TRP B 390 5.84 25.31 -19.66
CA TRP B 390 4.55 25.34 -18.99
C TRP B 390 4.62 26.05 -17.65
N VAL B 391 5.77 26.04 -17.00
CA VAL B 391 5.94 26.87 -15.80
C VAL B 391 5.97 28.34 -16.19
N GLY B 392 6.57 28.67 -17.33
CA GLY B 392 6.67 30.05 -17.76
C GLY B 392 5.35 30.66 -18.20
N VAL B 393 4.36 29.85 -18.52
CA VAL B 393 3.02 30.38 -18.76
C VAL B 393 2.47 31.14 -17.55
N ILE B 394 2.99 30.86 -16.35
CA ILE B 394 2.56 31.58 -15.16
C ILE B 394 2.91 33.06 -15.25
N ARG B 395 3.85 33.45 -16.10
CA ARG B 395 4.11 34.87 -16.32
C ARG B 395 2.89 35.57 -16.90
N TYR B 396 2.17 34.96 -17.82
CA TYR B 396 1.02 35.66 -18.44
C TYR B 396 -0.11 35.85 -17.43
N LEU B 397 -0.36 34.85 -16.58
CA LEU B 397 -1.41 34.95 -15.54
C LEU B 397 -1.02 36.04 -14.53
N GLY B 398 0.26 36.09 -14.16
CA GLY B 398 0.74 37.09 -13.19
C GLY B 398 0.61 38.49 -13.75
N TYR B 399 0.24 38.63 -15.02
CA TYR B 399 -0.03 40.00 -15.53
C TYR B 399 -1.24 40.49 -14.76
N PHE B 400 -2.28 39.65 -14.63
CA PHE B 400 -3.49 40.01 -13.85
C PHE B 400 -3.14 39.96 -12.37
N GLN B 401 -3.12 41.11 -11.69
CA GLN B 401 -2.67 41.19 -10.28
C GLN B 401 -3.45 40.27 -9.33
N ALA B 402 -4.65 39.87 -9.73
CA ALA B 402 -5.47 38.97 -8.87
C ALA B 402 -4.72 37.64 -8.69
N TYR B 403 -3.99 37.19 -9.71
CA TYR B 403 -3.21 35.93 -9.60
C TYR B 403 -1.79 36.22 -9.09
N ASN B 404 -1.35 37.48 -9.21
CA ASN B 404 0.04 37.83 -8.83
C ASN B 404 0.27 37.62 -7.34
N VAL B 405 -0.72 37.93 -6.50
CA VAL B 405 -0.53 37.84 -5.02
C VAL B 405 -0.24 36.38 -4.61
N LEU B 406 -0.47 35.42 -5.49
CA LEU B 406 -0.28 33.98 -5.15
C LEU B 406 1.13 33.57 -5.55
N ILE B 407 1.73 34.21 -6.54
CA ILE B 407 3.16 33.99 -6.93
C ILE B 407 4.05 34.69 -5.91
N LEU B 408 3.59 35.82 -5.38
CA LEU B 408 4.37 36.60 -4.39
C LEU B 408 4.42 35.87 -3.05
N THR B 409 3.35 35.15 -2.68
CA THR B 409 3.28 34.42 -1.40
C THR B 409 4.26 33.26 -1.37
N MET B 410 4.55 32.63 -2.51
CA MET B 410 5.53 31.56 -2.59
C MET B 410 6.96 32.10 -2.54
N GLN B 411 7.23 33.17 -3.28
CA GLN B 411 8.56 33.77 -3.26
C GLN B 411 8.93 34.26 -1.87
N ALA B 412 7.96 34.82 -1.15
CA ALA B 412 8.23 35.32 0.20
C ALA B 412 8.49 34.17 1.16
N SER B 413 7.80 33.05 0.99
CA SER B 413 8.00 31.90 1.87
C SER B 413 9.28 31.14 1.57
N LEU B 414 9.83 31.30 0.38
CA LEU B 414 11.01 30.51 0.01
C LEU B 414 12.19 30.65 0.97
N PRO B 415 12.65 31.85 1.34
CA PRO B 415 13.85 31.93 2.21
C PRO B 415 13.69 31.26 3.56
N LYS B 416 12.51 31.37 4.18
CA LYS B 416 12.27 30.68 5.44
C LYS B 416 12.31 29.17 5.26
N VAL B 417 11.77 28.69 4.15
CA VAL B 417 11.84 27.26 3.84
C VAL B 417 13.27 26.81 3.70
N LEU B 418 14.10 27.59 3.00
CA LEU B 418 15.49 27.19 2.81
C LEU B 418 16.26 27.23 4.12
N ARG B 419 16.06 28.27 4.94
CA ARG B 419 16.73 28.33 6.24
C ARG B 419 16.31 27.15 7.10
N PHE B 420 15.05 26.77 7.03
CA PHE B 420 14.54 25.66 7.82
C PHE B 420 15.07 24.32 7.32
N CYS B 421 15.27 24.17 6.02
CA CYS B 421 15.81 22.92 5.49
C CYS B 421 17.21 22.65 5.99
N ALA B 422 18.00 23.71 6.22
CA ALA B 422 19.34 23.54 6.75
C ALA B 422 19.32 22.86 8.11
N CYS B 423 18.40 23.28 8.99
CA CYS B 423 18.31 22.67 10.31
C CYS B 423 17.72 21.27 10.24
N ALA B 424 16.61 21.11 9.51
CA ALA B 424 15.99 19.79 9.37
C ALA B 424 16.86 18.84 8.57
N GLY B 425 17.68 19.37 7.66
CA GLY B 425 18.53 18.50 6.86
C GLY B 425 19.57 17.78 7.69
N MET B 426 20.10 18.43 8.72
CA MET B 426 21.10 17.81 9.58
C MET B 426 20.50 16.64 10.37
N ILE B 427 19.31 16.84 10.93
CA ILE B 427 18.62 15.75 11.61
C ILE B 427 18.32 14.63 10.63
N TYR B 428 17.89 14.98 9.43
CA TYR B 428 17.59 13.97 8.41
C TYR B 428 18.83 13.14 8.07
N LEU B 429 19.98 13.81 7.92
CA LEU B 429 21.23 13.09 7.63
C LEU B 429 21.63 12.19 8.77
N GLY B 430 21.51 12.67 10.01
CA GLY B 430 21.85 11.83 11.15
C GLY B 430 20.98 10.58 11.20
N TYR B 431 19.68 10.76 11.00
CA TYR B 431 18.78 9.60 10.98
C TYR B 431 19.11 8.66 9.82
N THR B 432 19.48 9.21 8.67
CA THR B 432 19.83 8.36 7.54
C THR B 432 21.04 7.49 7.85
N PHE B 433 22.09 8.09 8.38
CA PHE B 433 23.28 7.33 8.73
C PHE B 433 22.97 6.28 9.79
N CYS B 434 22.24 6.67 10.84
CA CYS B 434 21.91 5.74 11.91
C CYS B 434 21.09 4.56 11.38
N GLY B 435 20.07 4.85 10.60
CA GLY B 435 19.22 3.78 10.09
C GLY B 435 19.94 2.85 9.15
N TRP B 436 20.83 3.39 8.32
CA TRP B 436 21.60 2.51 7.45
C TRP B 436 22.54 1.62 8.24
N ILE B 437 23.24 2.17 9.22
CA ILE B 437 24.23 1.36 9.92
C ILE B 437 23.56 0.30 10.79
N VAL B 438 22.39 0.62 11.36
CA VAL B 438 21.77 -0.31 12.29
C VAL B 438 20.82 -1.25 11.58
N LEU B 439 19.83 -0.71 10.87
CA LEU B 439 18.78 -1.51 10.26
C LEU B 439 19.14 -1.98 8.86
N GLY B 440 20.34 -1.71 8.38
CA GLY B 440 20.77 -2.16 7.08
C GLY B 440 20.80 -3.67 6.91
N PRO B 441 21.39 -4.40 7.86
CA PRO B 441 21.41 -5.86 7.75
C PRO B 441 20.07 -6.56 8.01
N TYR B 442 19.03 -5.83 8.43
CA TYR B 442 17.79 -6.48 8.84
C TYR B 442 16.55 -5.91 8.17
N HIS B 443 16.70 -5.02 7.21
CA HIS B 443 15.56 -4.35 6.60
C HIS B 443 15.91 -4.05 5.15
N ASP B 444 14.98 -4.33 4.25
CA ASP B 444 15.26 -4.13 2.83
C ASP B 444 14.98 -2.70 2.38
N LYS B 445 14.33 -1.89 3.21
CA LYS B 445 14.17 -0.47 2.95
C LYS B 445 15.29 0.35 3.56
N PHE B 446 16.31 -0.30 4.12
CA PHE B 446 17.44 0.38 4.75
C PHE B 446 18.76 -0.20 4.30
N GLU B 447 18.81 -0.82 3.12
CA GLU B 447 19.99 -1.57 2.71
C GLU B 447 21.17 -0.66 2.39
N ASN B 448 20.95 0.38 1.60
CA ASN B 448 21.97 1.38 1.33
C ASN B 448 21.46 2.77 1.65
N LEU B 449 22.37 3.75 1.63
CA LEU B 449 22.07 5.09 2.12
C LEU B 449 21.01 5.79 1.28
N ASN B 450 21.07 5.63 -0.04
CA ASN B 450 20.06 6.25 -0.90
C ASN B 450 18.68 5.67 -0.63
N THR B 451 18.60 4.35 -0.44
CA THR B 451 17.32 3.74 -0.08
C THR B 451 16.82 4.25 1.26
N VAL B 452 17.72 4.43 2.23
CA VAL B 452 17.32 4.95 3.54
C VAL B 452 16.74 6.35 3.39
N ALA B 453 17.38 7.19 2.57
CA ALA B 453 16.88 8.54 2.37
C ALA B 453 15.48 8.52 1.77
N GLU B 454 15.27 7.68 0.76
CA GLU B 454 13.93 7.60 0.16
C GLU B 454 12.91 7.05 1.14
N CYS B 455 13.30 6.06 1.95
CA CYS B 455 12.39 5.50 2.94
C CYS B 455 11.99 6.55 3.98
N LEU B 456 12.93 7.35 4.44
CA LEU B 456 12.60 8.38 5.42
C LEU B 456 11.72 9.46 4.80
N PHE B 457 11.97 9.81 3.55
CA PHE B 457 11.10 10.77 2.86
C PHE B 457 9.68 10.24 2.79
N SER B 458 9.52 8.98 2.38
CA SER B 458 8.19 8.40 2.29
C SER B 458 7.53 8.29 3.65
N LEU B 459 8.29 7.96 4.69
CA LEU B 459 7.74 7.89 6.04
C LEU B 459 7.26 9.25 6.51
N VAL B 460 8.03 10.30 6.23
CA VAL B 460 7.57 11.65 6.55
C VAL B 460 6.26 11.94 5.86
N ASN B 461 6.08 11.45 4.63
CA ASN B 461 4.81 11.62 3.96
C ASN B 461 3.79 10.55 4.33
N GLY B 462 4.09 9.71 5.31
CA GLY B 462 3.14 8.75 5.84
C GLY B 462 3.08 7.42 5.12
N ASP B 463 3.94 7.18 4.13
CA ASP B 463 3.79 6.05 3.24
C ASP B 463 4.31 4.77 3.88
N ASP B 464 3.46 3.75 3.92
CA ASP B 464 3.83 2.37 4.26
C ASP B 464 4.52 2.29 5.62
N MET B 465 3.83 2.84 6.63
CA MET B 465 4.40 2.85 7.97
C MET B 465 4.31 1.48 8.64
N PHE B 466 3.18 0.80 8.52
CA PHE B 466 3.01 -0.48 9.20
C PHE B 466 3.93 -1.55 8.62
N ALA B 467 4.06 -1.59 7.30
CA ALA B 467 4.98 -2.54 6.69
C ALA B 467 6.41 -2.26 7.10
N THR B 468 6.79 -0.99 7.18
CA THR B 468 8.12 -0.63 7.67
C THR B 468 8.32 -1.10 9.11
N PHE B 469 7.31 -0.95 9.96
CA PHE B 469 7.42 -1.43 11.33
C PHE B 469 7.50 -2.95 11.39
N ALA B 470 6.85 -3.64 10.46
CA ALA B 470 6.72 -5.09 10.54
C ALA B 470 7.81 -5.83 9.79
N GLN B 471 8.66 -5.14 9.02
CA GLN B 471 9.69 -5.83 8.27
C GLN B 471 10.91 -6.20 9.11
N ILE B 472 10.99 -5.77 10.36
CA ILE B 472 12.09 -6.13 11.24
C ILE B 472 11.69 -7.37 12.02
N GLN B 473 12.37 -8.48 11.75
CA GLN B 473 12.13 -9.71 12.49
C GLN B 473 12.59 -9.55 13.94
N GLN B 474 11.78 -10.06 14.86
CA GLN B 474 12.03 -9.93 16.29
C GLN B 474 13.06 -10.95 16.81
N LYS B 475 13.80 -11.60 15.91
CA LYS B 475 14.79 -12.58 16.35
C LYS B 475 15.88 -11.93 17.19
N SER B 476 16.37 -10.77 16.76
CA SER B 476 17.30 -9.99 17.57
C SER B 476 16.49 -8.98 18.36
N ILE B 477 16.41 -9.17 19.67
CA ILE B 477 15.57 -8.31 20.51
C ILE B 477 16.16 -6.91 20.59
N LEU B 478 17.49 -6.80 20.62
CA LEU B 478 18.12 -5.49 20.75
C LEU B 478 17.87 -4.63 19.53
N VAL B 479 18.10 -5.18 18.33
CA VAL B 479 17.86 -4.46 17.10
C VAL B 479 16.38 -4.16 16.92
N TRP B 480 15.51 -5.06 17.36
CA TRP B 480 14.07 -4.83 17.25
C TRP B 480 13.64 -3.65 18.12
N LEU B 481 14.11 -3.61 19.37
CA LEU B 481 13.80 -2.49 20.25
C LEU B 481 14.36 -1.19 19.68
N PHE B 482 15.59 -1.24 19.15
CA PHE B 482 16.16 -0.03 18.57
C PHE B 482 15.37 0.43 17.36
N SER B 483 14.92 -0.49 16.51
CA SER B 483 14.12 -0.11 15.36
C SER B 483 12.83 0.55 15.79
N ARG B 484 12.18 0.00 16.82
CA ARG B 484 10.96 0.62 17.32
C ARG B 484 11.24 2.04 17.80
N LEU B 485 12.28 2.21 18.62
CA LEU B 485 12.63 3.55 19.11
C LEU B 485 12.96 4.49 17.97
N TYR B 486 13.77 4.03 17.01
CA TYR B 486 14.18 4.82 15.86
C TYR B 486 12.98 5.29 15.05
N LEU B 487 12.10 4.38 14.68
CA LEU B 487 10.95 4.74 13.85
C LEU B 487 10.00 5.66 14.59
N TYR B 488 9.70 5.35 15.86
CA TYR B 488 8.81 6.22 16.62
C TYR B 488 9.38 7.62 16.76
N SER B 489 10.67 7.73 17.10
CA SER B 489 11.27 9.04 17.29
C SER B 489 11.32 9.82 15.98
N PHE B 490 11.73 9.18 14.89
CA PHE B 490 11.80 9.88 13.61
C PHE B 490 10.43 10.37 13.19
N ILE B 491 9.43 9.49 13.25
CA ILE B 491 8.11 9.87 12.76
C ILE B 491 7.50 10.95 13.62
N SER B 492 7.54 10.78 14.95
CA SER B 492 6.99 11.80 15.83
C SER B 492 7.68 13.13 15.61
N LEU B 493 9.02 13.16 15.70
CA LEU B 493 9.79 14.38 15.52
C LEU B 493 9.43 15.06 14.21
N PHE B 494 9.68 14.39 13.09
CA PHE B 494 9.55 15.06 11.80
C PHE B 494 8.11 15.41 11.48
N ILE B 495 7.15 14.50 11.71
CA ILE B 495 5.78 14.74 11.29
C ILE B 495 5.06 15.71 12.20
N TYR B 496 5.52 15.90 13.43
CA TYR B 496 4.72 16.65 14.37
C TYR B 496 5.40 17.86 14.98
N MET B 497 6.71 18.01 14.86
CA MET B 497 7.32 19.27 15.21
C MET B 497 7.87 19.98 13.99
N ILE B 498 8.65 19.26 13.18
CA ILE B 498 9.37 19.86 12.07
C ILE B 498 8.39 20.42 11.04
N LEU B 499 7.45 19.59 10.60
CA LEU B 499 6.52 20.04 9.57
C LEU B 499 5.46 20.99 10.11
N SER B 500 5.12 20.90 11.40
CA SER B 500 4.19 21.87 11.96
C SER B 500 4.80 23.26 12.01
N LEU B 501 6.06 23.36 12.46
CA LEU B 501 6.75 24.64 12.41
C LEU B 501 6.87 25.13 10.97
N PHE B 502 7.16 24.22 10.04
CA PHE B 502 7.25 24.58 8.63
C PHE B 502 5.94 25.15 8.11
N ILE B 503 4.83 24.49 8.41
CA ILE B 503 3.51 24.96 7.98
C ILE B 503 3.19 26.31 8.59
N ALA B 504 3.58 26.30 9.78
CA ALA B 504 3.29 27.56 10.44
C ALA B 504 4.08 28.71 9.81
N LEU B 505 5.37 28.50 9.55
CA LEU B 505 6.16 29.50 8.85
C LEU B 505 5.49 29.91 7.54
N ILE B 506 5.11 28.96 6.71
CA ILE B 506 4.61 29.32 5.36
C ILE B 506 3.22 29.98 5.37
N THR B 507 2.25 29.35 5.99
CA THR B 507 0.89 29.91 5.94
C THR B 507 0.90 31.30 6.56
N ASP B 508 1.73 31.55 7.57
CA ASP B 508 1.67 32.87 8.26
C ASP B 508 2.46 33.92 7.45
N SER B 509 3.50 33.48 6.76
CA SER B 509 4.17 34.44 5.86
C SER B 509 3.14 34.83 4.81
N TYR B 510 2.26 33.89 4.46
CA TYR B 510 1.18 34.21 3.50
C TYR B 510 0.12 35.08 4.08
N ASP B 511 0.01 35.19 5.40
CA ASP B 511 -0.70 36.33 6.06
C ASP B 511 -0.15 37.72 5.71
N THR B 512 1.16 37.91 5.70
CA THR B 512 1.75 39.22 5.39
C THR B 512 1.68 39.69 3.97
N ILE B 513 1.91 38.80 3.01
CA ILE B 513 1.64 39.17 1.60
C ILE B 513 0.15 39.51 1.48
N LYS B 514 -0.74 38.82 2.20
CA LYS B 514 -2.18 39.07 2.03
C LYS B 514 -2.52 40.45 2.62
N LYS B 515 -1.95 40.82 3.77
CA LYS B 515 -2.20 42.16 4.26
C LYS B 515 -1.31 43.21 3.60
N PHE B 516 -0.19 42.80 3.00
CA PHE B 516 0.71 43.77 2.39
C PHE B 516 0.17 44.28 1.06
N GLN B 517 -0.61 43.43 0.38
CA GLN B 517 -1.24 43.84 -0.91
C GLN B 517 -2.53 44.62 -0.60
N GLN B 518 -3.20 44.31 0.50
CA GLN B 518 -4.38 45.12 0.91
C GLN B 518 -3.95 46.59 1.08
N ASN B 519 -2.86 46.84 1.81
CA ASN B 519 -2.39 48.23 2.05
C ASN B 519 -1.80 48.79 0.75
N MET C 36 36.96 47.94 39.16
CA MET C 36 37.30 47.48 37.81
C MET C 36 36.92 46.01 37.64
N LYS C 37 36.89 45.29 38.77
CA LYS C 37 36.53 43.88 38.71
C LYS C 37 35.10 43.70 38.21
N GLU C 38 34.22 44.68 38.45
CA GLU C 38 32.89 44.63 37.85
C GLU C 38 32.96 44.68 36.34
N GLU C 39 33.81 45.55 35.79
CA GLU C 39 33.99 45.59 34.35
C GLU C 39 34.59 44.30 33.83
N CYS C 40 35.52 43.71 34.59
CA CYS C 40 36.10 42.43 34.18
C CYS C 40 35.05 41.34 34.16
N LEU C 41 34.17 41.30 35.17
CA LEU C 41 33.10 40.30 35.21
C LEU C 41 32.15 40.49 34.03
N ARG C 42 31.78 41.74 33.73
CA ARG C 42 30.92 42.00 32.59
C ARG C 42 31.57 41.58 31.29
N GLU C 43 32.86 41.88 31.12
CA GLU C 43 33.55 41.49 29.89
C GLU C 43 33.64 39.98 29.77
N ASP C 44 33.85 39.27 30.89
CA ASP C 44 33.88 37.81 30.86
C ASP C 44 32.52 37.25 30.46
N LEU C 45 31.44 37.76 31.05
CA LEU C 45 30.12 37.28 30.68
C LEU C 45 29.79 37.59 29.23
N LYS C 46 30.26 38.74 28.72
CA LYS C 46 30.08 39.05 27.30
C LYS C 46 30.87 38.10 26.41
N PHE C 47 32.08 37.74 26.84
CA PHE C 47 32.90 36.81 26.07
C PHE C 47 32.25 35.44 26.01
N TYR C 48 31.71 34.96 27.13
CA TYR C 48 31.14 33.62 27.19
C TYR C 48 29.90 33.45 26.33
N PHE C 49 29.25 34.55 25.93
CA PHE C 49 27.97 34.49 25.23
C PHE C 49 28.07 34.79 23.75
N MET C 50 29.26 35.01 23.21
CA MET C 50 29.40 35.35 21.81
C MET C 50 29.87 34.15 21.01
N SER C 51 29.54 34.16 19.72
CA SER C 51 29.88 33.07 18.83
C SER C 51 31.39 33.03 18.58
N PRO C 52 31.95 31.85 18.26
CA PRO C 52 33.38 31.79 17.96
C PRO C 52 33.79 32.69 16.81
N CYS C 53 32.92 32.86 15.81
CA CYS C 53 33.19 33.82 14.76
C CYS C 53 33.34 35.22 15.33
N GLU C 54 32.44 35.60 16.24
CA GLU C 54 32.56 36.90 16.89
C GLU C 54 33.76 36.95 17.83
N LYS C 55 34.09 35.84 18.49
CA LYS C 55 35.28 35.82 19.34
C LYS C 55 36.54 36.10 18.52
N TYR C 56 36.65 35.48 17.34
CA TYR C 56 37.80 35.74 16.48
C TYR C 56 37.75 37.14 15.88
N ARG C 57 36.56 37.64 15.55
CA ARG C 57 36.43 38.99 15.03
C ARG C 57 36.86 40.03 16.07
N ALA C 58 36.56 39.78 17.34
CA ALA C 58 36.82 40.77 18.39
C ALA C 58 38.22 40.62 18.96
N ARG C 59 38.54 39.46 19.54
CA ARG C 59 39.77 39.29 20.31
C ARG C 59 40.80 38.41 19.60
N ARG C 60 40.58 38.10 18.32
CA ARG C 60 41.55 37.36 17.51
C ARG C 60 41.89 36.00 18.12
N GLN C 61 40.93 35.40 18.81
CA GLN C 61 41.12 34.08 19.41
C GLN C 61 40.78 33.01 18.39
N ILE C 62 41.76 32.18 18.06
CA ILE C 62 41.54 31.17 17.02
C ILE C 62 40.54 30.13 17.52
N PRO C 63 39.58 29.71 16.70
CA PRO C 63 38.59 28.72 17.14
C PRO C 63 39.06 27.29 16.89
N TRP C 64 40.11 26.88 17.60
CA TRP C 64 40.64 25.54 17.39
C TRP C 64 39.69 24.49 17.95
N LYS C 65 38.86 24.85 18.93
CA LYS C 65 37.82 23.92 19.38
C LYS C 65 36.82 23.65 18.27
N LEU C 66 36.43 24.68 17.53
CA LEU C 66 35.51 24.48 16.40
C LEU C 66 36.15 23.62 15.32
N GLY C 67 37.44 23.84 15.04
CA GLY C 67 38.12 22.99 14.09
C GLY C 67 38.21 21.54 14.55
N LEU C 68 38.43 21.35 15.85
CA LEU C 68 38.43 20.00 16.41
C LEU C 68 37.08 19.34 16.23
N GLN C 69 36.00 20.09 16.45
CA GLN C 69 34.66 19.53 16.28
C GLN C 69 34.37 19.18 14.82
N ILE C 70 34.81 20.02 13.88
CA ILE C 70 34.60 19.70 12.47
C ILE C 70 35.38 18.45 12.09
N LEU C 71 36.63 18.35 12.54
CA LEU C 71 37.42 17.15 12.31
C LEU C 71 36.73 15.93 12.92
N LYS C 72 36.13 16.09 14.09
CA LYS C 72 35.42 14.99 14.73
C LYS C 72 34.23 14.55 13.90
N ILE C 73 33.48 15.50 13.37
CA ILE C 73 32.34 15.16 12.51
C ILE C 73 32.82 14.34 11.32
N VAL C 74 33.87 14.81 10.65
CA VAL C 74 34.36 14.15 9.44
C VAL C 74 34.83 12.74 9.74
N MET C 75 35.64 12.58 10.81
CA MET C 75 36.20 11.27 11.10
C MET C 75 35.15 10.29 11.64
N VAL C 76 34.20 10.76 12.44
CA VAL C 76 33.15 9.88 12.92
C VAL C 76 32.32 9.36 11.76
N THR C 77 31.95 10.26 10.83
CA THR C 77 31.18 9.82 9.67
C THR C 77 31.99 8.86 8.80
N THR C 78 33.28 9.13 8.62
CA THR C 78 34.12 8.26 7.81
C THR C 78 34.20 6.86 8.42
N GLN C 79 34.42 6.78 9.74
CA GLN C 79 34.49 5.49 10.39
C GLN C 79 33.18 4.74 10.24
N LEU C 80 32.06 5.42 10.43
CA LEU C 80 30.77 4.76 10.30
C LEU C 80 30.55 4.23 8.89
N VAL C 81 30.92 5.00 7.87
CA VAL C 81 30.70 4.55 6.49
C VAL C 81 31.58 3.35 6.17
N ARG C 82 32.85 3.40 6.56
CA ARG C 82 33.73 2.27 6.30
C ARG C 82 33.23 1.01 7.01
N PHE C 83 32.83 1.14 8.27
CA PHE C 83 32.29 0.02 9.03
C PHE C 83 31.05 -0.55 8.37
N GLY C 84 30.15 0.33 7.91
CA GLY C 84 28.95 -0.13 7.24
C GLY C 84 29.25 -0.90 5.98
N LEU C 85 30.19 -0.41 5.17
CA LEU C 85 30.49 -1.10 3.91
C LEU C 85 31.08 -2.49 4.17
N SER C 86 32.06 -2.59 5.08
CA SER C 86 32.68 -3.88 5.32
C SER C 86 31.70 -4.88 5.93
N ASN C 87 30.96 -4.44 6.95
CA ASN C 87 30.04 -5.38 7.58
C ASN C 87 28.88 -5.72 6.65
N GLN C 88 28.54 -4.83 5.73
CA GLN C 88 27.58 -5.14 4.68
C GLN C 88 28.07 -6.30 3.81
N LEU C 89 29.34 -6.26 3.42
CA LEU C 89 29.90 -7.35 2.65
C LEU C 89 29.80 -8.68 3.39
N VAL C 90 30.21 -8.69 4.67
CA VAL C 90 30.22 -9.95 5.42
C VAL C 90 28.81 -10.50 5.58
N VAL C 91 27.86 -9.63 5.94
CA VAL C 91 26.48 -10.06 6.13
C VAL C 91 25.91 -10.59 4.83
N ALA C 92 26.22 -9.94 3.71
CA ALA C 92 25.72 -10.42 2.42
C ALA C 92 26.24 -11.82 2.13
N PHE C 93 27.52 -12.08 2.38
CA PHE C 93 28.04 -13.43 2.16
C PHE C 93 27.30 -14.45 3.00
N LYS C 94 27.10 -14.15 4.29
CA LYS C 94 26.44 -15.10 5.17
C LYS C 94 25.01 -15.37 4.73
N GLU C 95 24.27 -14.32 4.36
CA GLU C 95 22.87 -14.51 3.97
C GLU C 95 22.76 -15.29 2.66
N ASP C 96 23.66 -15.03 1.71
CA ASP C 96 23.63 -15.78 0.46
C ASP C 96 23.90 -17.26 0.70
N ASN C 97 24.87 -17.57 1.57
CA ASN C 97 25.12 -18.98 1.89
C ASN C 97 23.93 -19.62 2.57
N THR C 98 23.27 -18.89 3.47
CA THR C 98 22.09 -19.45 4.14
C THR C 98 20.98 -19.75 3.15
N VAL C 99 20.74 -18.85 2.20
CA VAL C 99 19.72 -19.10 1.18
C VAL C 99 20.07 -20.33 0.35
N ALA C 100 21.34 -20.45 -0.04
CA ALA C 100 21.76 -21.64 -0.80
C ALA C 100 21.55 -22.91 0.02
N PHE C 101 21.86 -22.87 1.32
CA PHE C 101 21.65 -24.03 2.17
C PHE C 101 20.18 -24.42 2.24
N LYS C 102 19.30 -23.42 2.39
CA LYS C 102 17.87 -23.72 2.41
C LYS C 102 17.42 -24.37 1.11
N HIS C 103 17.92 -23.89 -0.03
CA HIS C 103 17.55 -24.52 -1.29
C HIS C 103 18.13 -25.94 -1.40
N LEU C 104 19.31 -26.18 -0.84
CA LEU C 104 19.91 -27.50 -0.95
C LEU C 104 19.24 -28.53 -0.05
N PHE C 105 18.86 -28.16 1.17
CA PHE C 105 18.48 -29.15 2.17
C PHE C 105 17.00 -29.18 2.52
N LEU C 106 16.24 -28.14 2.20
CA LEU C 106 14.81 -28.12 2.47
C LEU C 106 14.06 -28.54 1.22
N LYS C 107 13.26 -29.60 1.35
CA LYS C 107 12.58 -30.15 0.19
C LYS C 107 11.47 -29.23 -0.29
N GLY C 108 11.46 -28.95 -1.59
CA GLY C 108 10.44 -28.09 -2.16
C GLY C 108 10.41 -26.71 -1.55
N TYR C 109 11.58 -26.15 -1.24
CA TYR C 109 11.64 -24.82 -0.67
C TYR C 109 11.26 -23.79 -1.72
N SER C 110 10.31 -22.93 -1.39
CA SER C 110 9.75 -22.01 -2.36
C SER C 110 10.64 -20.83 -2.66
N GLY C 111 11.72 -20.64 -1.90
CA GLY C 111 12.59 -19.50 -2.07
C GLY C 111 12.35 -18.37 -1.11
N THR C 112 11.21 -18.35 -0.42
CA THR C 112 10.91 -17.36 0.60
C THR C 112 10.35 -18.07 1.83
N ASP C 113 10.69 -17.55 3.00
CA ASP C 113 10.24 -18.17 4.24
C ASP C 113 8.75 -17.97 4.44
N GLU C 114 8.07 -19.04 4.88
CA GLU C 114 6.66 -18.94 5.21
C GLU C 114 6.45 -17.99 6.39
N ASP C 115 7.31 -18.09 7.39
CA ASP C 115 7.23 -17.32 8.63
C ASP C 115 8.64 -17.32 9.21
N ASP C 116 8.75 -17.09 10.52
CA ASP C 116 10.04 -17.31 11.18
C ASP C 116 10.62 -18.68 10.87
N TYR C 117 9.76 -19.67 10.58
CA TYR C 117 10.19 -20.96 10.06
C TYR C 117 10.20 -20.94 8.54
N SER C 118 11.02 -21.81 7.94
CA SER C 118 11.20 -21.77 6.50
C SER C 118 10.07 -22.46 5.75
N CYS C 119 9.68 -23.65 6.18
CA CYS C 119 8.61 -24.38 5.52
C CYS C 119 7.91 -25.27 6.53
N SER C 120 6.82 -25.88 6.09
CA SER C 120 6.00 -26.71 6.97
C SER C 120 5.44 -27.89 6.21
N VAL C 121 5.14 -28.97 6.94
CA VAL C 121 4.51 -30.16 6.38
C VAL C 121 3.31 -30.53 7.24
N TYR C 122 2.39 -31.29 6.65
CA TYR C 122 1.16 -31.67 7.31
C TYR C 122 0.87 -33.17 7.28
N THR C 123 1.76 -33.96 6.71
CA THR C 123 1.52 -35.39 6.52
C THR C 123 2.74 -36.15 7.04
N GLN C 124 2.49 -37.36 7.54
CA GLN C 124 3.60 -38.20 8.06
C GLN C 124 4.56 -38.55 6.92
N GLU C 125 4.07 -38.57 5.69
CA GLU C 125 4.89 -38.95 4.52
C GLU C 125 5.72 -37.77 4.05
N ASP C 126 5.13 -36.58 4.04
CA ASP C 126 5.90 -35.36 3.70
C ASP C 126 6.98 -35.15 4.75
N ALA C 127 6.67 -35.45 6.02
CA ALA C 127 7.64 -35.30 7.10
C ALA C 127 8.84 -36.23 6.87
N TYR C 128 8.61 -37.50 6.58
CA TYR C 128 9.70 -38.47 6.37
C TYR C 128 10.50 -38.09 5.15
N GLU C 129 9.83 -37.63 4.09
CA GLU C 129 10.50 -37.24 2.82
C GLU C 129 11.35 -35.99 3.05
N SER C 130 10.88 -35.05 3.85
CA SER C 130 11.72 -33.89 4.15
C SER C 130 12.97 -34.31 4.90
N ILE C 131 12.83 -35.16 5.93
CA ILE C 131 13.99 -35.61 6.68
C ILE C 131 14.97 -36.36 5.79
N PHE C 132 14.44 -37.32 5.01
CA PHE C 132 15.30 -38.12 4.16
C PHE C 132 15.94 -37.30 3.06
N PHE C 133 15.22 -36.31 2.54
CA PHE C 133 15.79 -35.42 1.53
C PHE C 133 16.96 -34.63 2.10
N ALA C 134 16.81 -34.10 3.32
CA ALA C 134 17.92 -33.37 3.93
C ALA C 134 19.13 -34.28 4.09
N ILE C 135 18.93 -35.49 4.59
CA ILE C 135 20.08 -36.39 4.80
C ILE C 135 20.72 -36.78 3.47
N ASN C 136 19.90 -37.07 2.46
CA ASN C 136 20.44 -37.47 1.16
C ASN C 136 21.19 -36.33 0.49
N GLN C 137 20.67 -35.11 0.59
CA GLN C 137 21.38 -33.96 0.01
C GLN C 137 22.71 -33.73 0.72
N TYR C 138 22.76 -33.95 2.04
CA TYR C 138 24.04 -33.86 2.73
C TYR C 138 25.00 -34.91 2.24
N HIS C 139 24.52 -36.12 1.96
CA HIS C 139 25.40 -37.17 1.49
C HIS C 139 26.05 -36.80 0.15
N GLN C 140 25.29 -36.17 -0.74
CA GLN C 140 25.75 -35.84 -2.09
C GLN C 140 26.16 -34.38 -2.22
N LEU C 141 26.74 -33.79 -1.17
CA LEU C 141 26.98 -32.35 -1.17
C LEU C 141 27.95 -31.93 -2.25
N LYS C 142 29.04 -32.71 -2.45
CA LYS C 142 30.10 -32.28 -3.35
C LYS C 142 29.63 -32.18 -4.79
N ASP C 143 28.63 -32.98 -5.17
CA ASP C 143 28.12 -33.02 -6.53
C ASP C 143 26.95 -32.09 -6.76
N ILE C 144 26.51 -31.36 -5.74
CA ILE C 144 25.30 -30.57 -5.84
C ILE C 144 25.60 -29.09 -5.64
N THR C 145 26.56 -28.79 -4.79
CA THR C 145 26.80 -27.40 -4.41
C THR C 145 27.47 -26.63 -5.54
N LEU C 146 27.09 -25.36 -5.68
CA LEU C 146 27.71 -24.49 -6.66
C LEU C 146 28.87 -23.68 -6.10
N GLY C 147 28.94 -23.54 -4.77
CA GLY C 147 29.98 -22.77 -4.13
C GLY C 147 31.17 -23.63 -3.75
N THR C 148 32.06 -23.01 -2.97
CA THR C 148 33.25 -23.69 -2.45
C THR C 148 32.92 -24.21 -1.06
N LEU C 149 32.16 -25.30 -1.02
CA LEU C 149 31.70 -25.92 0.21
C LEU C 149 32.39 -27.25 0.43
N GLY C 150 32.59 -27.60 1.70
CA GLY C 150 33.14 -28.88 2.05
C GLY C 150 32.57 -29.32 3.37
N TYR C 151 32.74 -30.60 3.67
CA TYR C 151 32.32 -31.13 4.96
C TYR C 151 33.22 -30.57 6.06
N GLY C 152 32.63 -30.30 7.22
CA GLY C 152 33.36 -29.78 8.35
C GLY C 152 33.33 -30.75 9.51
N GLU C 153 34.43 -30.80 10.26
CA GLU C 153 34.47 -31.59 11.48
C GLU C 153 33.53 -31.00 12.52
N ASN C 154 32.84 -31.88 13.24
CA ASN C 154 31.86 -31.46 14.22
C ASN C 154 32.56 -31.13 15.54
N GLU C 155 31.77 -30.95 16.61
CA GLU C 155 32.33 -30.62 17.91
C GLU C 155 33.16 -31.76 18.50
N ASP C 156 32.93 -32.99 18.04
CA ASP C 156 33.71 -34.14 18.47
C ASP C 156 34.85 -34.46 17.51
N ASN C 157 35.09 -33.60 16.53
CA ASN C 157 36.17 -33.74 15.54
C ASN C 157 35.99 -35.03 14.74
N ARG C 158 34.84 -35.13 14.07
CA ARG C 158 34.53 -36.25 13.19
C ARG C 158 33.52 -35.77 12.16
N ILE C 159 33.81 -36.02 10.88
CA ILE C 159 32.93 -35.58 9.82
C ILE C 159 31.72 -36.49 9.76
N GLY C 160 30.53 -35.90 9.87
CA GLY C 160 29.32 -36.68 9.79
C GLY C 160 28.09 -35.83 10.07
N LEU C 161 26.97 -36.53 10.20
CA LEU C 161 25.66 -35.92 10.39
C LEU C 161 25.06 -36.49 11.67
N LYS C 162 24.45 -35.62 12.47
CA LYS C 162 23.82 -36.03 13.71
C LYS C 162 22.33 -35.81 13.62
N VAL C 163 21.55 -36.82 14.00
CA VAL C 163 20.11 -36.71 14.06
C VAL C 163 19.67 -37.00 15.48
N CYS C 164 18.98 -36.05 16.09
CA CYS C 164 18.41 -36.25 17.42
C CYS C 164 16.90 -36.10 17.38
N LYS C 165 16.21 -36.94 18.14
CA LYS C 165 14.76 -36.91 18.21
C LYS C 165 14.30 -36.94 19.65
N GLN C 166 13.22 -36.22 19.93
CA GLN C 166 12.64 -36.13 21.26
C GLN C 166 11.20 -36.61 21.22
N HIS C 167 10.88 -37.56 22.10
CA HIS C 167 9.55 -38.11 22.25
C HIS C 167 9.14 -38.00 23.70
N TYR C 168 7.83 -37.91 23.94
CA TYR C 168 7.29 -38.15 25.27
C TYR C 168 7.35 -39.65 25.52
N LYS C 169 8.15 -40.07 26.50
CA LYS C 169 8.27 -41.49 26.77
C LYS C 169 6.94 -42.07 27.22
N LYS C 170 6.65 -43.28 26.76
CA LYS C 170 5.34 -43.89 27.02
C LYS C 170 5.41 -44.89 28.17
N LEU C 180 -1.98 -41.52 24.61
CA LEU C 180 -2.96 -42.23 25.47
C LEU C 180 -2.28 -42.59 26.80
N ASN C 181 -1.02 -43.05 26.73
CA ASN C 181 -0.27 -43.36 27.96
C ASN C 181 1.12 -42.70 27.85
N ILE C 182 1.19 -41.39 28.06
CA ILE C 182 2.50 -40.68 27.84
C ILE C 182 2.90 -39.92 29.12
N ASP C 183 4.18 -39.97 29.47
CA ASP C 183 4.70 -39.24 30.67
C ASP C 183 5.25 -37.90 30.21
N ASN C 184 5.49 -36.96 31.13
CA ASN C 184 5.97 -35.60 30.77
C ASN C 184 7.48 -35.59 30.50
N ASP C 185 8.17 -36.65 30.89
CA ASP C 185 9.62 -36.77 30.60
C ASP C 185 9.81 -36.95 29.09
N VAL C 186 10.70 -36.16 28.50
CA VAL C 186 11.02 -36.28 27.05
C VAL C 186 12.20 -37.24 26.88
N GLU C 187 12.06 -38.26 26.04
CA GLU C 187 13.16 -39.22 25.79
C GLU C 187 13.96 -38.76 24.56
N LEU C 188 15.18 -38.27 24.76
CA LEU C 188 16.04 -37.84 23.65
C LEU C 188 16.79 -39.07 23.11
N ASP C 189 16.93 -39.18 21.79
CA ASP C 189 17.73 -40.30 21.19
C ASP C 189 18.46 -39.74 19.98
N CYS C 190 19.79 -39.88 19.94
CA CYS C 190 20.56 -39.38 18.83
C CYS C 190 21.28 -40.50 18.09
N VAL C 191 21.64 -40.23 16.84
CA VAL C 191 22.47 -41.12 16.03
C VAL C 191 23.46 -40.28 15.25
N GLN C 192 24.69 -40.76 15.16
CA GLN C 192 25.73 -40.08 14.40
C GLN C 192 25.94 -40.83 13.09
N LEU C 193 25.61 -40.18 11.98
CA LEU C 193 25.72 -40.78 10.66
C LEU C 193 27.00 -40.26 9.99
N ASP C 194 27.98 -41.15 9.81
CA ASP C 194 29.21 -40.81 9.13
C ASP C 194 29.02 -40.79 7.63
N LEU C 195 30.05 -40.31 6.93
CA LEU C 195 30.03 -40.38 5.47
C LEU C 195 30.15 -41.82 4.99
N GLN C 196 30.88 -42.66 5.73
CA GLN C 196 30.92 -44.08 5.41
C GLN C 196 29.55 -44.72 5.56
N ASP C 197 28.82 -44.37 6.63
CA ASP C 197 27.50 -44.95 6.86
C ASP C 197 26.52 -44.55 5.76
N LEU C 198 26.53 -43.28 5.35
CA LEU C 198 25.61 -42.84 4.31
C LEU C 198 26.05 -43.30 2.94
N SER C 199 27.34 -43.58 2.76
CA SER C 199 27.87 -43.97 1.46
C SER C 199 27.79 -45.47 1.21
N LYS C 200 27.33 -46.26 2.16
CA LYS C 200 27.11 -47.68 1.90
C LYS C 200 26.09 -47.84 0.79
N LYS C 201 26.46 -48.60 -0.24
CA LYS C 201 25.62 -48.68 -1.44
C LYS C 201 24.22 -49.20 -1.13
N PRO C 202 24.04 -50.25 -0.35
CA PRO C 202 22.73 -50.47 0.28
C PRO C 202 22.62 -49.66 1.56
N PRO C 203 21.80 -48.62 1.57
CA PRO C 203 21.74 -47.76 2.75
C PRO C 203 20.98 -48.43 3.89
N ASP C 204 21.62 -48.49 5.05
CA ASP C 204 21.04 -49.14 6.22
C ASP C 204 20.37 -48.18 7.18
N TRP C 205 20.69 -46.88 7.10
CA TRP C 205 20.07 -45.92 8.01
C TRP C 205 18.59 -45.74 7.71
N LYS C 206 18.18 -45.83 6.44
CA LYS C 206 16.79 -45.59 6.09
C LYS C 206 15.88 -46.62 6.76
N ASN C 207 16.32 -47.88 6.80
CA ASN C 207 15.52 -48.97 7.33
C ASN C 207 15.71 -49.16 8.83
N SER C 208 16.59 -48.40 9.46
CA SER C 208 16.87 -48.59 10.88
C SER C 208 15.67 -48.20 11.73
N SER C 209 15.61 -48.77 12.93
CA SER C 209 14.52 -48.52 13.86
C SER C 209 14.53 -47.10 14.40
N PHE C 210 15.60 -46.34 14.19
CA PHE C 210 15.65 -44.96 14.66
C PHE C 210 14.61 -44.10 13.98
N PHE C 211 14.48 -44.27 12.67
CA PHE C 211 13.66 -43.34 11.86
C PHE C 211 12.20 -43.78 11.79
N ARG C 212 11.77 -44.66 12.69
CA ARG C 212 10.33 -45.00 12.78
C ARG C 212 9.78 -44.08 13.87
N LEU C 213 9.25 -42.92 13.49
CA LEU C 213 8.81 -41.91 14.49
C LEU C 213 7.34 -42.12 14.86
N GLU C 214 6.98 -42.03 16.13
CA GLU C 214 5.56 -42.11 16.57
C GLU C 214 5.09 -40.67 16.59
N PHE C 215 4.50 -40.20 15.50
CA PHE C 215 4.30 -38.76 15.44
C PHE C 215 3.35 -38.23 16.52
N TYR C 216 2.54 -39.07 17.15
CA TYR C 216 1.63 -38.55 18.16
C TYR C 216 2.33 -38.16 19.45
N ARG C 217 3.55 -38.67 19.69
CA ARG C 217 4.36 -38.22 20.82
C ARG C 217 5.55 -37.38 20.41
N LEU C 218 5.82 -37.25 19.12
CA LEU C 218 7.03 -36.57 18.69
C LEU C 218 7.01 -35.11 19.08
N LEU C 219 8.12 -34.64 19.65
CA LEU C 219 8.31 -33.23 19.93
C LEU C 219 9.08 -32.54 18.82
N GLN C 220 10.22 -33.10 18.41
CA GLN C 220 10.98 -32.54 17.31
C GLN C 220 12.01 -33.56 16.85
N VAL C 221 12.52 -33.33 15.65
CA VAL C 221 13.69 -34.01 15.12
C VAL C 221 14.67 -32.93 14.68
N GLU C 222 15.93 -33.05 15.09
CA GLU C 222 16.95 -32.07 14.76
C GLU C 222 18.08 -32.73 13.99
N ILE C 223 18.49 -32.10 12.90
CA ILE C 223 19.60 -32.57 12.08
C ILE C 223 20.68 -31.51 12.15
N SER C 224 21.88 -31.90 12.56
CA SER C 224 22.99 -30.97 12.75
C SER C 224 24.19 -31.41 11.95
N PHE C 225 24.85 -30.45 11.30
CA PHE C 225 26.07 -30.73 10.55
C PHE C 225 26.85 -29.44 10.39
N HIS C 226 28.11 -29.59 9.99
CA HIS C 226 29.02 -28.47 9.78
C HIS C 226 29.48 -28.44 8.33
N LEU C 227 29.63 -27.23 7.79
CA LEU C 227 30.17 -27.04 6.45
C LEU C 227 31.27 -25.98 6.50
N LYS C 228 32.28 -26.16 5.66
CA LYS C 228 33.39 -25.21 5.51
C LYS C 228 33.26 -24.49 4.19
N GLY C 229 33.33 -23.17 4.22
CA GLY C 229 33.15 -22.37 3.02
C GLY C 229 34.26 -21.34 2.87
N ILE C 230 34.51 -20.97 1.62
CA ILE C 230 35.48 -19.93 1.29
C ILE C 230 34.80 -18.94 0.35
N ASP C 231 34.94 -17.65 0.64
CA ASP C 231 34.50 -16.64 -0.32
C ASP C 231 35.68 -16.25 -1.20
N LEU C 232 35.61 -16.65 -2.46
CA LEU C 232 36.63 -16.27 -3.42
C LEU C 232 36.39 -14.89 -3.99
N GLN C 233 35.39 -14.17 -3.49
CA GLN C 233 35.13 -12.83 -3.96
C GLN C 233 36.25 -11.86 -3.58
N THR C 234 37.14 -12.27 -2.66
CA THR C 234 38.17 -11.37 -2.16
C THR C 234 39.52 -11.53 -2.86
N ILE C 235 39.79 -12.67 -3.51
CA ILE C 235 41.15 -12.91 -3.98
C ILE C 235 41.57 -11.98 -5.11
N HIS C 236 40.63 -11.25 -5.72
CA HIS C 236 41.04 -10.30 -6.74
C HIS C 236 41.86 -9.15 -6.16
N SER C 237 41.86 -9.00 -4.84
CA SER C 237 42.56 -7.91 -4.18
C SER C 237 43.82 -8.35 -3.45
N ARG C 238 44.32 -9.56 -3.73
CA ARG C 238 45.51 -10.14 -3.10
C ARG C 238 45.26 -10.45 -1.62
N GLU C 239 44.12 -10.09 -1.07
CA GLU C 239 43.79 -10.46 0.30
C GLU C 239 43.66 -11.97 0.42
N LEU C 240 44.27 -12.57 1.44
CA LEU C 240 44.03 -14.03 1.62
C LEU C 240 42.53 -14.19 1.86
N PRO C 241 41.87 -15.20 1.25
CA PRO C 241 40.39 -15.38 1.38
C PRO C 241 40.02 -15.70 2.82
N ASP C 242 38.81 -15.32 3.22
CA ASP C 242 38.32 -15.65 4.59
C ASP C 242 37.62 -17.01 4.57
N CYS C 243 38.02 -17.93 5.44
CA CYS C 243 37.37 -19.26 5.50
C CYS C 243 36.32 -19.26 6.62
N TYR C 244 35.10 -19.68 6.31
CA TYR C 244 34.01 -19.67 7.31
C TYR C 244 33.58 -21.07 7.65
N VAL C 245 33.09 -21.26 8.86
CA VAL C 245 32.52 -22.52 9.32
C VAL C 245 31.03 -22.29 9.55
N PHE C 246 30.20 -23.09 8.91
CA PHE C 246 28.77 -23.00 9.07
C PHE C 246 28.31 -24.14 9.96
N GLN C 247 27.57 -23.82 11.01
CA GLN C 247 26.97 -24.80 11.89
C GLN C 247 25.48 -24.79 11.62
N ASN C 248 25.00 -25.78 10.87
CA ASN C 248 23.63 -25.80 10.38
C ASN C 248 22.80 -26.78 11.19
N THR C 249 21.61 -26.36 11.57
CA THR C 249 20.63 -27.22 12.22
C THR C 249 19.30 -27.09 11.49
N ILE C 250 18.69 -28.23 11.18
CA ILE C 250 17.34 -28.28 10.65
C ILE C 250 16.46 -28.88 11.74
N ILE C 251 15.43 -28.15 12.16
CA ILE C 251 14.57 -28.57 13.24
C ILE C 251 13.19 -28.86 12.67
N PHE C 252 12.76 -30.11 12.77
CA PHE C 252 11.42 -30.52 12.36
C PHE C 252 10.54 -30.52 13.62
N ASP C 253 9.83 -29.43 13.82
CA ASP C 253 9.29 -29.06 15.13
C ASP C 253 7.77 -29.18 15.14
N ASN C 254 7.24 -29.96 16.07
CA ASN C 254 5.79 -29.98 16.31
C ASN C 254 5.51 -29.95 17.80
N LYS C 255 6.13 -29.00 18.51
CA LYS C 255 5.80 -28.77 19.91
C LYS C 255 4.31 -28.44 20.07
N ALA C 256 3.72 -27.80 19.07
CA ALA C 256 2.31 -27.43 19.16
C ALA C 256 1.40 -28.65 19.12
N HIS C 257 1.82 -29.71 18.43
CA HIS C 257 1.00 -30.90 18.25
C HIS C 257 -0.36 -30.57 17.65
N SER C 258 -0.35 -29.66 16.69
CA SER C 258 -1.57 -29.18 16.05
C SER C 258 -1.75 -29.71 14.63
N GLY C 259 -0.98 -30.71 14.25
CA GLY C 259 -1.07 -31.28 12.92
C GLY C 259 -0.14 -30.68 11.90
N LYS C 260 0.73 -29.75 12.29
CA LYS C 260 1.70 -29.14 11.39
C LYS C 260 3.07 -29.21 12.02
N ILE C 261 4.05 -29.67 11.25
CA ILE C 261 5.45 -29.63 11.62
C ILE C 261 6.08 -28.42 10.95
N LYS C 262 6.67 -27.54 11.75
CA LYS C 262 7.36 -26.36 11.25
C LYS C 262 8.84 -26.69 11.13
N ILE C 263 9.43 -26.34 10.00
CA ILE C 263 10.81 -26.67 9.69
C ILE C 263 11.63 -25.39 9.78
N TYR C 264 12.53 -25.33 10.77
CA TYR C 264 13.42 -24.19 10.96
C TYR C 264 14.80 -24.55 10.45
N PHE C 265 15.39 -23.67 9.64
CA PHE C 265 16.77 -23.81 9.23
C PHE C 265 17.58 -22.66 9.79
N ASP C 266 18.57 -22.97 10.61
CA ASP C 266 19.42 -21.97 11.25
C ASP C 266 20.86 -22.25 10.87
N SER C 267 21.54 -21.25 10.33
CA SER C 267 22.95 -21.36 9.97
C SER C 267 23.74 -20.33 10.78
N ASP C 268 24.69 -20.82 11.58
CA ASP C 268 25.55 -19.96 12.37
C ASP C 268 26.95 -20.02 11.78
N ALA C 269 27.41 -18.91 11.22
CA ALA C 269 28.68 -18.84 10.54
C ALA C 269 29.69 -18.11 11.41
N LYS C 270 30.88 -18.69 11.54
CA LYS C 270 32.00 -18.07 12.21
C LYS C 270 33.21 -18.13 11.29
N ILE C 271 34.20 -17.29 11.59
CA ILE C 271 35.39 -17.17 10.76
C ILE C 271 36.53 -17.88 11.46
N GLU C 272 37.17 -18.80 10.75
CA GLU C 272 38.27 -19.58 11.27
C GLU C 272 39.48 -19.42 10.35
N GLU C 273 40.64 -19.87 10.84
CA GLU C 273 41.83 -19.84 10.01
C GLU C 273 41.69 -20.81 8.84
N CYS C 274 42.23 -20.42 7.69
CA CYS C 274 42.27 -21.33 6.54
C CYS C 274 43.43 -22.30 6.76
N LYS C 275 43.09 -23.50 7.24
CA LYS C 275 44.11 -24.50 7.51
C LYS C 275 44.84 -24.90 6.24
N ASP C 276 44.09 -25.26 5.20
CA ASP C 276 44.65 -25.73 3.94
C ASP C 276 44.14 -24.85 2.80
N LEU C 277 45.01 -23.98 2.29
CA LEU C 277 44.67 -23.09 1.18
C LEU C 277 45.96 -22.51 0.61
N ASN C 278 46.06 -22.50 -0.72
CA ASN C 278 47.24 -22.00 -1.40
C ASN C 278 46.79 -21.04 -2.49
N ILE C 279 46.98 -19.75 -2.25
CA ILE C 279 46.55 -18.70 -3.17
C ILE C 279 47.80 -17.96 -3.61
N PHE C 280 48.50 -18.53 -4.60
CA PHE C 280 49.80 -18.05 -5.11
C PHE C 280 50.63 -17.23 -4.11
N ASN C 286 45.60 -5.28 6.01
CA ASN C 286 44.90 -4.01 6.20
C ASN C 286 44.37 -3.88 7.63
N ALA C 287 44.71 -4.86 8.46
CA ALA C 287 44.23 -4.85 9.85
C ALA C 287 44.80 -3.67 10.62
N GLN C 288 46.07 -3.33 10.39
CA GLN C 288 46.69 -2.22 11.13
C GLN C 288 46.01 -0.90 10.80
N TYR C 289 45.69 -0.66 9.53
CA TYR C 289 45.14 0.62 9.11
C TYR C 289 43.78 0.89 9.76
N VAL C 290 42.93 -0.15 9.84
CA VAL C 290 41.65 0.02 10.51
C VAL C 290 41.85 0.27 12.01
N LEU C 291 42.76 -0.46 12.63
CA LEU C 291 42.93 -0.37 14.07
C LEU C 291 43.46 0.99 14.49
N VAL C 292 44.41 1.56 13.74
CA VAL C 292 44.93 2.87 14.10
C VAL C 292 43.88 3.95 13.90
N PHE C 293 43.06 3.83 12.84
CA PHE C 293 42.04 4.83 12.59
C PHE C 293 41.02 4.86 13.71
N ASP C 294 40.62 3.69 14.22
CA ASP C 294 39.72 3.67 15.37
C ASP C 294 40.38 4.25 16.61
N ALA C 295 41.71 4.22 16.67
CA ALA C 295 42.40 4.82 17.80
C ALA C 295 42.40 6.34 17.70
N PHE C 296 42.52 6.86 16.48
CA PHE C 296 42.44 8.31 16.30
C PHE C 296 41.04 8.83 16.58
N VAL C 297 40.02 8.06 16.22
CA VAL C 297 38.65 8.45 16.54
C VAL C 297 38.44 8.51 18.04
N ILE C 298 39.01 7.55 18.78
CA ILE C 298 38.90 7.58 20.23
C ILE C 298 39.62 8.79 20.79
N VAL C 299 40.82 9.09 20.30
CA VAL C 299 41.59 10.20 20.83
C VAL C 299 40.87 11.53 20.61
N ILE C 300 40.36 11.74 19.39
CA ILE C 300 39.66 12.99 19.10
C ILE C 300 38.39 13.10 19.93
N CYS C 301 37.62 12.02 20.03
CA CYS C 301 36.43 12.05 20.86
C CYS C 301 36.80 12.21 22.34
N LEU C 302 37.88 11.59 22.77
CA LEU C 302 38.35 11.78 24.14
C LEU C 302 38.77 13.22 24.38
N ALA C 303 39.41 13.84 23.38
CA ALA C 303 39.81 15.24 23.52
C ALA C 303 38.60 16.15 23.59
N SER C 304 37.58 15.88 22.77
CA SER C 304 36.37 16.69 22.79
C SER C 304 35.66 16.57 24.13
N LEU C 305 35.73 15.40 24.77
CA LEU C 305 35.20 15.24 26.12
C LEU C 305 35.91 16.16 27.10
N ILE C 306 37.24 16.25 27.00
CA ILE C 306 38.02 17.10 27.91
C ILE C 306 37.64 18.56 27.70
N LEU C 307 37.61 19.01 26.45
CA LEU C 307 37.36 20.41 26.17
C LEU C 307 35.94 20.81 26.57
N CYS C 308 34.94 19.97 26.28
CA CYS C 308 33.58 20.32 26.63
C CYS C 308 33.39 20.37 28.14
N THR C 309 33.94 19.40 28.86
CA THR C 309 33.82 19.41 30.32
C THR C 309 34.59 20.57 30.93
N ARG C 310 35.74 20.92 30.35
CA ARG C 310 36.44 22.11 30.78
C ARG C 310 35.60 23.36 30.53
N SER C 311 34.92 23.41 29.38
CA SER C 311 34.06 24.55 29.09
C SER C 311 32.90 24.64 30.08
N ILE C 312 32.29 23.50 30.42
CA ILE C 312 31.17 23.51 31.35
C ILE C 312 31.62 23.99 32.73
N VAL C 313 32.80 23.55 33.18
CA VAL C 313 33.30 23.96 34.48
C VAL C 313 33.57 25.48 34.49
N LEU C 314 34.22 25.99 33.45
CA LEU C 314 34.46 27.42 33.37
C LEU C 314 33.15 28.19 33.28
N ALA C 315 32.10 27.56 32.74
CA ALA C 315 30.78 28.20 32.73
C ALA C 315 30.20 28.30 34.13
N LEU C 316 30.30 27.22 34.92
CA LEU C 316 29.78 27.25 36.27
C LEU C 316 30.57 28.19 37.17
N ARG C 317 31.84 28.44 36.85
CA ARG C 317 32.60 29.44 37.60
C ARG C 317 32.03 30.84 37.37
N LEU C 318 31.63 31.14 36.12
CA LEU C 318 31.05 32.44 35.83
C LEU C 318 29.68 32.60 36.48
N ARG C 319 28.91 31.52 36.59
CA ARG C 319 27.65 31.59 37.32
C ARG C 319 27.89 31.94 38.78
N LYS C 320 28.92 31.35 39.39
CA LYS C 320 29.26 31.67 40.77
C LYS C 320 29.63 33.14 40.91
N ARG C 321 30.47 33.65 40.00
CA ARG C 321 30.88 35.05 40.05
C ARG C 321 29.70 35.99 39.83
N PHE C 322 28.84 35.67 38.86
CA PHE C 322 27.76 36.58 38.51
C PHE C 322 26.75 36.72 39.65
N LEU C 323 26.49 35.64 40.37
CA LEU C 323 25.57 35.71 41.50
C LEU C 323 26.11 36.62 42.60
N ASN C 324 27.43 36.70 42.74
CA ASN C 324 28.03 37.59 43.74
C ASN C 324 27.69 39.04 43.45
N PHE C 325 27.82 39.45 42.18
CA PHE C 325 27.44 40.81 41.80
C PHE C 325 25.93 41.03 41.88
N PHE C 326 25.13 39.96 41.86
CA PHE C 326 23.69 40.07 41.96
C PHE C 326 23.17 39.56 43.31
N LEU C 327 24.02 39.59 44.33
CA LEU C 327 23.61 39.29 45.69
C LEU C 327 23.79 40.46 46.64
N GLU C 328 24.53 41.49 46.22
CA GLU C 328 24.68 42.73 46.97
C GLU C 328 24.01 43.90 46.28
N LYS C 329 24.17 44.02 44.96
CA LYS C 329 23.55 45.10 44.21
C LYS C 329 22.03 45.06 44.34
N TYR C 330 21.46 43.87 44.25
CA TYR C 330 20.02 43.69 44.40
C TYR C 330 19.76 42.53 45.36
N TRP C 340 20.05 27.58 33.14
CA TRP C 340 20.45 27.00 31.86
C TRP C 340 21.20 28.02 31.02
N GLU C 341 21.30 29.24 31.51
CA GLU C 341 22.02 30.28 30.79
C GLU C 341 23.51 29.94 30.68
N PHE C 342 24.04 29.20 31.64
CA PHE C 342 25.44 28.82 31.65
C PHE C 342 25.65 27.31 31.47
N ILE C 343 24.57 26.54 31.43
CA ILE C 343 24.66 25.12 31.10
C ILE C 343 24.14 24.99 29.68
N ASN C 344 25.06 24.91 28.72
CA ASN C 344 24.68 24.78 27.33
C ASN C 344 24.19 23.35 27.10
N GLY C 345 22.95 23.22 26.62
CA GLY C 345 22.40 21.89 26.37
C GLY C 345 23.07 21.17 25.23
N TRP C 346 23.80 21.90 24.38
CA TRP C 346 24.54 21.26 23.30
C TRP C 346 25.74 20.50 23.84
N TYR C 347 26.36 21.01 24.90
CA TYR C 347 27.54 20.35 25.45
C TYR C 347 27.20 19.01 26.08
N VAL C 348 26.00 18.90 26.68
CA VAL C 348 25.55 17.60 27.17
C VAL C 348 25.46 16.61 26.03
N LEU C 349 24.90 17.05 24.89
CA LEU C 349 24.79 16.19 23.73
C LEU C 349 26.16 15.78 23.22
N VAL C 350 27.11 16.72 23.21
CA VAL C 350 28.45 16.41 22.72
C VAL C 350 29.14 15.41 23.65
N ILE C 351 28.95 15.55 24.95
CA ILE C 351 29.55 14.62 25.89
C ILE C 351 28.97 13.22 25.70
N ILE C 352 27.65 13.12 25.57
CA ILE C 352 27.02 11.82 25.35
C ILE C 352 27.52 11.20 24.04
N SER C 353 27.62 12.01 22.98
CA SER C 353 28.08 11.50 21.69
C SER C 353 29.51 11.00 21.78
N ASP C 354 30.39 11.73 22.48
CA ASP C 354 31.77 11.28 22.63
C ASP C 354 31.84 9.98 23.40
N LEU C 355 31.07 9.86 24.49
CA LEU C 355 31.06 8.61 25.23
C LEU C 355 30.62 7.45 24.35
N MET C 356 29.54 7.64 23.59
CA MET C 356 29.04 6.58 22.74
C MET C 356 30.03 6.23 21.63
N THR C 357 30.69 7.23 21.04
CA THR C 357 31.65 6.93 19.99
C THR C 357 32.85 6.18 20.53
N ILE C 358 33.33 6.55 21.73
CA ILE C 358 34.43 5.81 22.33
C ILE C 358 34.04 4.37 22.61
N ILE C 359 32.84 4.17 23.17
CA ILE C 359 32.38 2.82 23.48
C ILE C 359 32.23 2.00 22.20
N GLY C 360 31.61 2.58 21.18
CA GLY C 360 31.45 1.87 19.93
C GLY C 360 32.76 1.54 19.26
N SER C 361 33.73 2.45 19.32
CA SER C 361 35.04 2.18 18.74
C SER C 361 35.75 1.07 19.51
N ILE C 362 35.64 1.05 20.83
CA ILE C 362 36.26 -0.02 21.60
C ILE C 362 35.63 -1.37 21.24
N LEU C 363 34.30 -1.41 21.15
CA LEU C 363 33.64 -2.65 20.73
C LEU C 363 34.04 -3.05 19.32
N LYS C 364 34.20 -2.08 18.43
CA LYS C 364 34.60 -2.36 17.05
C LYS C 364 36.01 -2.94 17.00
N MET C 365 36.94 -2.37 17.76
CA MET C 365 38.30 -2.89 17.81
C MET C 365 38.31 -4.29 18.41
N GLU C 366 37.50 -4.52 19.44
CA GLU C 366 37.42 -5.86 20.02
C GLU C 366 36.88 -6.85 19.00
N ILE C 367 35.86 -6.47 18.24
CA ILE C 367 35.30 -7.35 17.22
C ILE C 367 36.34 -7.68 16.16
N LYS C 368 37.05 -6.67 15.67
CA LYS C 368 38.03 -6.93 14.62
C LYS C 368 39.22 -7.73 15.15
N ALA C 369 39.59 -7.53 16.41
CA ALA C 369 40.74 -8.21 16.97
C ALA C 369 40.51 -9.72 17.07
N LYS C 370 39.36 -10.12 17.61
CA LYS C 370 39.08 -11.53 17.83
C LYS C 370 38.18 -12.14 16.77
N ASN C 371 37.97 -11.44 15.64
CA ASN C 371 37.29 -11.97 14.47
C ASN C 371 35.88 -12.44 14.79
N LEU C 372 35.04 -11.52 15.27
CA LEU C 372 33.62 -11.86 15.52
C LEU C 372 32.74 -11.29 14.39
N THR C 373 31.56 -11.87 14.17
CA THR C 373 30.72 -11.41 13.04
C THR C 373 29.37 -10.84 13.46
N ASN C 374 29.13 -10.70 14.76
CA ASN C 374 27.88 -10.05 15.21
C ASN C 374 28.24 -8.59 15.52
N TYR C 375 27.69 -7.65 14.76
CA TYR C 375 28.08 -6.22 14.95
C TYR C 375 26.89 -5.39 15.44
N ASP C 376 25.79 -6.02 15.84
CA ASP C 376 24.62 -5.26 16.41
C ASP C 376 24.93 -4.19 17.46
N LEU C 377 25.42 -4.52 18.64
CA LEU C 377 25.60 -3.51 19.71
C LEU C 377 26.55 -2.41 19.24
N CYS C 378 27.61 -2.77 18.51
CA CYS C 378 28.60 -1.76 18.08
C CYS C 378 27.93 -0.82 17.08
N SER C 379 27.11 -1.35 16.17
CA SER C 379 26.37 -0.53 15.19
C SER C 379 25.37 0.37 15.91
N ILE C 380 24.76 -0.09 16.99
CA ILE C 380 23.75 0.72 17.75
C ILE C 380 24.47 1.88 18.46
N PHE C 381 25.67 1.66 18.97
CA PHE C 381 26.39 2.77 19.59
C PHE C 381 26.91 3.75 18.55
N LEU C 382 27.51 3.23 17.47
CA LEU C 382 28.07 4.11 16.45
C LEU C 382 26.96 4.88 15.73
N GLY C 383 25.84 4.24 15.44
CA GLY C 383 24.77 4.94 14.76
C GLY C 383 24.15 6.01 15.61
N THR C 384 23.92 5.74 16.89
CA THR C 384 23.37 6.75 17.77
C THR C 384 24.34 7.91 17.94
N SER C 385 25.63 7.63 18.06
CA SER C 385 26.60 8.71 18.21
C SER C 385 26.67 9.58 16.95
N THR C 386 26.61 8.96 15.77
CA THR C 386 26.60 9.73 14.53
C THR C 386 25.33 10.57 14.41
N LEU C 387 24.18 10.00 14.75
CA LEU C 387 22.95 10.77 14.76
C LEU C 387 23.07 11.99 15.66
N LEU C 388 23.63 11.81 16.85
CA LEU C 388 23.76 12.93 17.78
C LEU C 388 24.79 13.95 17.29
N VAL C 389 25.85 13.52 16.61
CA VAL C 389 26.80 14.48 16.06
C VAL C 389 26.14 15.38 15.01
N TRP C 390 25.36 14.75 14.12
CA TRP C 390 24.71 15.54 13.08
C TRP C 390 23.59 16.40 13.63
N VAL C 391 22.96 15.98 14.74
CA VAL C 391 22.02 16.86 15.41
C VAL C 391 22.76 18.02 16.06
N GLY C 392 23.96 17.78 16.60
CA GLY C 392 24.71 18.83 17.26
C GLY C 392 25.27 19.89 16.32
N VAL C 393 25.37 19.58 15.02
CA VAL C 393 25.72 20.62 14.05
C VAL C 393 24.72 21.78 14.08
N ILE C 394 23.50 21.56 14.56
CA ILE C 394 22.51 22.63 14.66
C ILE C 394 22.97 23.71 15.63
N ARG C 395 23.90 23.42 16.53
CA ARG C 395 24.47 24.46 17.37
C ARG C 395 25.19 25.52 16.55
N TYR C 396 25.91 25.14 15.52
CA TYR C 396 26.68 26.16 14.74
C TYR C 396 25.73 27.06 13.95
N LEU C 397 24.66 26.50 13.39
CA LEU C 397 23.64 27.30 12.65
C LEU C 397 22.95 28.26 13.62
N GLY C 398 22.61 27.78 14.81
CA GLY C 398 21.93 28.61 15.82
C GLY C 398 22.81 29.76 16.26
N TYR C 399 24.08 29.78 15.85
CA TYR C 399 24.89 30.98 16.16
C TYR C 399 24.26 32.14 15.41
N PHE C 400 23.92 31.93 14.14
CA PHE C 400 23.23 32.97 13.33
C PHE C 400 21.79 33.08 13.81
N GLN C 401 21.42 34.19 14.44
CA GLN C 401 20.07 34.34 15.06
C GLN C 401 18.92 34.13 14.07
N ALA C 402 19.18 34.27 12.77
CA ALA C 402 18.13 34.06 11.77
C ALA C 402 17.63 32.62 11.85
N TYR C 403 18.52 31.67 12.14
CA TYR C 403 18.11 30.24 12.27
C TYR C 403 17.71 29.93 13.72
N ASN C 404 18.14 30.77 14.67
CA ASN C 404 17.88 30.50 16.11
C ASN C 404 16.38 30.52 16.40
N VAL C 405 15.64 31.43 15.79
CA VAL C 405 14.18 31.57 16.10
C VAL C 405 13.44 30.28 15.74
N LEU C 406 14.04 29.38 14.98
CA LEU C 406 13.36 28.14 14.55
C LEU C 406 13.66 27.02 15.55
N ILE C 407 14.80 27.07 16.24
CA ILE C 407 15.14 26.13 17.34
C ILE C 407 14.33 26.53 18.58
N LEU C 408 14.09 27.83 18.76
CA LEU C 408 13.33 28.33 19.94
C LEU C 408 11.85 27.97 19.82
N THR C 409 11.31 27.94 18.60
CA THR C 409 9.88 27.61 18.37
C THR C 409 9.59 26.16 18.69
N MET C 410 10.54 25.24 18.53
CA MET C 410 10.37 23.85 18.89
C MET C 410 10.47 23.64 20.41
N GLN C 411 11.47 24.28 21.04
CA GLN C 411 11.61 24.17 22.48
C GLN C 411 10.38 24.70 23.20
N ALA C 412 9.80 25.80 22.70
CA ALA C 412 8.63 26.38 23.33
C ALA C 412 7.41 25.48 23.18
N SER C 413 7.30 24.82 22.03
CA SER C 413 6.17 23.92 21.81
C SER C 413 6.29 22.60 22.54
N LEU C 414 7.49 22.21 22.95
CA LEU C 414 7.67 20.90 23.58
C LEU C 414 6.79 20.67 24.81
N PRO C 415 6.74 21.57 25.81
CA PRO C 415 5.94 21.24 27.00
C PRO C 415 4.46 21.04 26.73
N LYS C 416 3.87 21.81 25.83
CA LYS C 416 2.47 21.60 25.48
C LYS C 416 2.27 20.26 24.80
N VAL C 417 3.22 19.87 23.95
CA VAL C 417 3.17 18.55 23.31
C VAL C 417 3.21 17.45 24.36
N LEU C 418 4.09 17.59 25.36
CA LEU C 418 4.20 16.54 26.38
C LEU C 418 2.95 16.49 27.24
N ARG C 419 2.42 17.64 27.65
CA ARG C 419 1.19 17.65 28.43
C ARG C 419 0.04 17.03 27.64
N PHE C 420 0.00 17.29 26.33
CA PHE C 420 -1.05 16.74 25.48
C PHE C 420 -0.89 15.24 25.27
N CYS C 421 0.35 14.73 25.23
CA CYS C 421 0.56 13.30 25.06
C CYS C 421 0.02 12.52 26.24
N ALA C 422 0.07 13.10 27.45
CA ALA C 422 -0.46 12.42 28.61
C ALA C 422 -1.95 12.15 28.47
N CYS C 423 -2.71 13.12 27.95
CA CYS C 423 -4.14 12.93 27.78
C CYS C 423 -4.42 11.99 26.61
N ALA C 424 -3.77 12.22 25.46
CA ALA C 424 -3.97 11.36 24.30
C ALA C 424 -3.42 9.96 24.53
N GLY C 425 -2.40 9.83 25.37
CA GLY C 425 -1.82 8.52 25.63
C GLY C 425 -2.79 7.59 26.32
N MET C 426 -3.62 8.12 27.22
CA MET C 426 -4.59 7.28 27.93
C MET C 426 -5.66 6.74 26.98
N ILE C 427 -6.16 7.59 26.07
CA ILE C 427 -7.10 7.13 25.06
C ILE C 427 -6.43 6.10 24.16
N TYR C 428 -5.18 6.35 23.79
CA TYR C 428 -4.45 5.41 22.93
C TYR C 428 -4.30 4.06 23.61
N LEU C 429 -3.98 4.04 24.90
CA LEU C 429 -3.86 2.79 25.64
C LEU C 429 -5.19 2.06 25.74
N GLY C 430 -6.27 2.79 26.00
CA GLY C 430 -7.57 2.15 26.06
C GLY C 430 -7.95 1.50 24.74
N TYR C 431 -7.73 2.22 23.64
CA TYR C 431 -8.01 1.65 22.33
C TYR C 431 -7.12 0.46 22.04
N THR C 432 -5.85 0.50 22.46
CA THR C 432 -4.95 -0.62 22.24
C THR C 432 -5.46 -1.87 22.95
N PHE C 433 -5.81 -1.74 24.23
CA PHE C 433 -6.33 -2.89 24.97
C PHE C 433 -7.62 -3.42 24.36
N CYS C 434 -8.54 -2.51 24.02
CA CYS C 434 -9.81 -2.93 23.45
C CYS C 434 -9.61 -3.67 22.13
N GLY C 435 -8.79 -3.10 21.24
CA GLY C 435 -8.57 -3.71 19.95
C GLY C 435 -7.89 -5.05 20.04
N TRP C 436 -6.93 -5.18 20.96
CA TRP C 436 -6.29 -6.48 21.13
C TRP C 436 -7.27 -7.53 21.65
N ILE C 437 -8.07 -7.18 22.65
CA ILE C 437 -8.94 -8.20 23.24
C ILE C 437 -10.04 -8.59 22.29
N VAL C 438 -10.54 -7.66 21.47
CA VAL C 438 -11.69 -7.97 20.62
C VAL C 438 -11.23 -8.47 19.26
N LEU C 439 -10.42 -7.69 18.55
CA LEU C 439 -10.05 -8.00 17.19
C LEU C 439 -8.81 -8.87 17.10
N GLY C 440 -8.26 -9.30 18.22
CA GLY C 440 -7.11 -10.17 18.24
C GLY C 440 -7.31 -11.50 17.54
N PRO C 441 -8.40 -12.21 17.85
CA PRO C 441 -8.65 -13.49 17.19
C PRO C 441 -9.09 -13.40 15.74
N TYR C 442 -9.33 -12.20 15.20
CA TYR C 442 -9.91 -12.08 13.86
C TYR C 442 -9.14 -11.15 12.94
N HIS C 443 -7.98 -10.67 13.37
CA HIS C 443 -7.25 -9.68 12.58
C HIS C 443 -5.77 -9.89 12.83
N ASP C 444 -4.98 -9.88 11.77
CA ASP C 444 -3.55 -10.13 11.92
C ASP C 444 -2.76 -8.89 12.28
N LYS C 445 -3.37 -7.71 12.17
CA LYS C 445 -2.78 -6.47 12.64
C LYS C 445 -3.15 -6.18 14.09
N PHE C 446 -3.83 -7.10 14.76
CA PHE C 446 -4.26 -6.91 16.14
C PHE C 446 -3.95 -8.13 16.99
N GLU C 447 -2.96 -8.93 16.59
CA GLU C 447 -2.73 -10.22 17.24
C GLU C 447 -2.18 -10.06 18.65
N ASN C 448 -1.16 -9.23 18.83
CA ASN C 448 -0.64 -8.92 20.15
C ASN C 448 -0.61 -7.41 20.38
N LEU C 449 -0.33 -7.02 21.62
CA LEU C 449 -0.48 -5.63 22.02
C LEU C 449 0.49 -4.70 21.31
N ASN C 450 1.73 -5.14 21.11
CA ASN C 450 2.70 -4.32 20.40
C ASN C 450 2.27 -4.10 18.95
N THR C 451 1.76 -5.15 18.30
CA THR C 451 1.25 -5.00 16.95
C THR C 451 0.07 -4.05 16.91
N VAL C 452 -0.82 -4.11 17.91
CA VAL C 452 -1.96 -3.20 17.96
C VAL C 452 -1.48 -1.76 18.07
N ALA C 453 -0.47 -1.52 18.91
CA ALA C 453 0.05 -0.17 19.06
C ALA C 453 0.61 0.35 17.75
N GLU C 454 1.37 -0.48 17.04
CA GLU C 454 1.91 -0.05 15.75
C GLU C 454 0.81 0.17 14.72
N CYS C 455 -0.21 -0.68 14.72
CA CYS C 455 -1.32 -0.52 13.79
C CYS C 455 -2.07 0.78 14.04
N LEU C 456 -2.32 1.11 15.31
CA LEU C 456 -3.01 2.37 15.61
C LEU C 456 -2.17 3.57 15.24
N PHE C 457 -0.85 3.49 15.47
CA PHE C 457 0.04 4.58 15.05
C PHE C 457 -0.04 4.79 13.54
N SER C 458 0.04 3.70 12.78
CA SER C 458 -0.03 3.80 11.33
C SER C 458 -1.39 4.31 10.86
N LEU C 459 -2.47 3.89 11.53
CA LEU C 459 -3.80 4.37 11.18
C LEU C 459 -3.93 5.86 11.44
N VAL C 460 -3.39 6.34 12.55
CA VAL C 460 -3.37 7.78 12.81
C VAL C 460 -2.65 8.50 11.69
N ASN C 461 -1.59 7.91 11.16
CA ASN C 461 -0.91 8.52 10.03
C ASN C 461 -1.54 8.15 8.69
N GLY C 462 -2.70 7.50 8.70
CA GLY C 462 -3.46 7.24 7.50
C GLY C 462 -3.10 5.98 6.75
N ASP C 463 -2.18 5.16 7.27
CA ASP C 463 -1.60 4.08 6.50
C ASP C 463 -2.52 2.87 6.46
N ASP C 464 -2.84 2.40 5.25
CA ASP C 464 -3.50 1.12 5.00
C ASP C 464 -4.83 1.02 5.74
N MET C 465 -5.68 2.01 5.52
CA MET C 465 -6.97 2.03 6.20
C MET C 465 -7.96 1.06 5.59
N PHE C 466 -8.02 0.99 4.25
CA PHE C 466 -9.00 0.12 3.62
C PHE C 466 -8.69 -1.35 3.87
N ALA C 467 -7.42 -1.73 3.80
CA ALA C 467 -7.05 -3.11 4.09
C ALA C 467 -7.35 -3.47 5.54
N THR C 468 -7.11 -2.53 6.46
CA THR C 468 -7.48 -2.75 7.85
C THR C 468 -8.99 -2.95 8.01
N PHE C 469 -9.78 -2.16 7.29
CA PHE C 469 -11.23 -2.33 7.34
C PHE C 469 -11.66 -3.65 6.74
N ALA C 470 -10.94 -4.14 5.73
CA ALA C 470 -11.37 -5.30 4.96
C ALA C 470 -10.82 -6.61 5.49
N GLN C 471 -9.90 -6.58 6.44
CA GLN C 471 -9.31 -7.82 6.95
C GLN C 471 -10.20 -8.54 7.96
N ILE C 472 -11.31 -7.94 8.39
CA ILE C 472 -12.24 -8.58 9.31
C ILE C 472 -13.31 -9.30 8.49
N GLN C 473 -13.31 -10.63 8.55
CA GLN C 473 -14.33 -11.40 7.88
C GLN C 473 -15.69 -11.18 8.54
N GLN C 474 -16.72 -11.04 7.71
CA GLN C 474 -18.07 -10.75 8.18
C GLN C 474 -18.81 -11.99 8.69
N LYS C 475 -18.08 -13.09 8.92
CA LYS C 475 -18.74 -14.31 9.41
C LYS C 475 -19.38 -14.09 10.77
N SER C 476 -18.66 -13.42 11.68
CA SER C 476 -19.24 -13.01 12.97
C SER C 476 -19.77 -11.59 12.81
N ILE C 477 -21.09 -11.46 12.81
CA ILE C 477 -21.69 -10.15 12.57
C ILE C 477 -21.42 -9.20 13.74
N LEU C 478 -21.42 -9.73 14.97
CA LEU C 478 -21.21 -8.90 16.15
C LEU C 478 -19.81 -8.29 16.15
N VAL C 479 -18.79 -9.13 15.95
CA VAL C 479 -17.41 -8.65 15.91
C VAL C 479 -17.19 -7.73 14.72
N TRP C 480 -17.86 -8.00 13.60
CA TRP C 480 -17.72 -7.14 12.42
C TRP C 480 -18.28 -5.75 12.69
N LEU C 481 -19.47 -5.67 13.29
CA LEU C 481 -20.04 -4.38 13.63
C LEU C 481 -19.16 -3.65 14.64
N PHE C 482 -18.64 -4.38 15.64
CA PHE C 482 -17.77 -3.75 16.61
C PHE C 482 -16.50 -3.23 15.97
N SER C 483 -15.91 -3.99 15.04
CA SER C 483 -14.71 -3.53 14.37
C SER C 483 -14.98 -2.26 13.58
N ARG C 484 -16.12 -2.20 12.89
CA ARG C 484 -16.49 -0.99 12.17
C ARG C 484 -16.59 0.19 13.13
N LEU C 485 -17.32 0.02 14.23
CA LEU C 485 -17.47 1.10 15.21
C LEU C 485 -16.12 1.51 15.78
N TYR C 486 -15.30 0.52 16.15
CA TYR C 486 -13.98 0.76 16.73
C TYR C 486 -13.09 1.57 15.79
N LEU C 487 -12.98 1.12 14.54
CA LEU C 487 -12.10 1.80 13.60
C LEU C 487 -12.61 3.20 13.27
N TYR C 488 -13.91 3.35 13.03
CA TYR C 488 -14.45 4.67 12.73
C TYR C 488 -14.23 5.63 13.89
N SER C 489 -14.52 5.18 15.12
CA SER C 489 -14.37 6.06 16.26
C SER C 489 -12.91 6.42 16.50
N PHE C 490 -12.00 5.44 16.44
CA PHE C 490 -10.59 5.75 16.65
C PHE C 490 -10.08 6.73 15.61
N ILE C 491 -10.37 6.47 14.33
CA ILE C 491 -9.82 7.31 13.27
C ILE C 491 -10.40 8.70 13.35
N SER C 492 -11.72 8.82 13.46
CA SER C 492 -12.33 10.13 13.57
C SER C 492 -11.78 10.90 14.76
N LEU C 493 -11.84 10.31 15.95
CA LEU C 493 -11.36 10.95 17.16
C LEU C 493 -9.92 11.43 16.99
N PHE C 494 -9.00 10.50 16.75
CA PHE C 494 -7.59 10.87 16.78
C PHE C 494 -7.21 11.77 15.63
N ILE C 495 -7.67 11.50 14.41
CA ILE C 495 -7.22 12.26 13.26
C ILE C 495 -7.88 13.63 13.18
N TYR C 496 -9.03 13.83 13.82
CA TYR C 496 -9.76 15.06 13.58
C TYR C 496 -10.04 15.89 14.81
N MET C 497 -9.86 15.38 16.01
CA MET C 497 -9.88 16.24 17.18
C MET C 497 -8.51 16.33 17.83
N ILE C 498 -7.90 15.17 18.08
CA ILE C 498 -6.66 15.11 18.84
C ILE C 498 -5.55 15.84 18.10
N LEU C 499 -5.34 15.48 16.83
CA LEU C 499 -4.25 16.09 16.08
C LEU C 499 -4.55 17.51 15.66
N SER C 500 -5.82 17.87 15.49
CA SER C 500 -6.15 19.26 15.17
C SER C 500 -5.85 20.17 16.36
N LEU C 501 -6.24 19.76 17.56
CA LEU C 501 -5.85 20.51 18.76
C LEU C 501 -4.34 20.57 18.91
N PHE C 502 -3.66 19.46 18.62
CA PHE C 502 -2.20 19.43 18.68
C PHE C 502 -1.57 20.43 17.73
N ILE C 503 -2.04 20.46 16.48
CA ILE C 503 -1.53 21.38 15.48
C ILE C 503 -1.79 22.82 15.90
N ALA C 504 -2.94 22.87 16.37
CA ALA C 504 -3.28 24.24 16.79
C ALA C 504 -2.37 24.72 17.92
N LEU C 505 -2.16 23.87 18.92
CA LEU C 505 -1.21 24.21 19.99
C LEU C 505 0.14 24.60 19.41
N ILE C 506 0.70 23.79 18.53
CA ILE C 506 2.11 24.05 18.09
C ILE C 506 2.23 25.27 17.16
N THR C 507 1.46 25.32 16.10
CA THR C 507 1.63 26.43 15.16
C THR C 507 1.36 27.75 15.87
N ASP C 508 0.46 27.79 16.86
CA ASP C 508 0.12 29.08 17.49
C ASP C 508 1.17 29.44 18.56
N SER C 509 1.74 28.42 19.19
CA SER C 509 2.87 28.74 20.09
C SER C 509 3.97 29.34 19.23
N TYR C 510 4.07 28.88 17.98
CA TYR C 510 5.06 29.46 17.05
C TYR C 510 4.68 30.83 16.59
N ASP C 511 3.44 31.26 16.70
CA ASP C 511 3.07 32.70 16.70
C ASP C 511 3.76 33.56 17.76
N THR C 512 3.83 33.10 19.01
CA THR C 512 4.47 33.88 20.07
C THR C 512 5.95 34.01 20.05
N ILE C 513 6.67 32.94 19.72
CA ILE C 513 8.13 33.09 19.47
C ILE C 513 8.32 34.06 18.29
N LYS C 514 7.43 34.03 17.30
CA LYS C 514 7.63 34.90 16.11
C LYS C 514 7.39 36.36 16.52
N LYS C 515 6.37 36.64 17.33
CA LYS C 515 6.23 38.02 17.79
C LYS C 515 7.15 38.35 18.96
N PHE C 516 7.64 37.35 19.68
CA PHE C 516 8.49 37.63 20.84
C PHE C 516 9.89 38.04 20.43
N GLN C 517 10.33 37.54 19.27
CA GLN C 517 11.66 37.92 18.73
C GLN C 517 11.55 39.25 17.99
N GLN C 518 10.39 39.54 17.39
CA GLN C 518 10.17 40.87 16.79
C GLN C 518 10.39 41.96 17.84
N ASN C 519 9.75 41.81 19.01
CA ASN C 519 9.87 42.82 20.10
C ASN C 519 11.28 42.75 20.71
N MET D 36 -25.52 31.79 59.44
CA MET D 36 -24.33 30.94 59.36
C MET D 36 -24.53 29.84 58.33
N LYS D 37 -25.80 29.47 58.12
CA LYS D 37 -26.10 28.43 57.14
C LYS D 37 -25.68 28.84 55.74
N GLU D 38 -25.68 30.14 55.45
CA GLU D 38 -25.14 30.61 54.18
C GLU D 38 -23.65 30.30 54.06
N GLU D 39 -22.90 30.53 55.14
CA GLU D 39 -21.48 30.17 55.13
C GLU D 39 -21.30 28.67 54.99
N CYS D 40 -22.16 27.88 55.64
CA CYS D 40 -22.08 26.44 55.52
C CYS D 40 -22.34 25.98 54.10
N LEU D 41 -23.34 26.58 53.44
CA LEU D 41 -23.63 26.24 52.05
C LEU D 41 -22.47 26.61 51.14
N ARG D 42 -21.88 27.78 51.35
CA ARG D 42 -20.73 28.18 50.56
C ARG D 42 -19.54 27.24 50.77
N GLU D 43 -19.28 26.85 52.02
CA GLU D 43 -18.19 25.93 52.29
C GLU D 43 -18.45 24.56 51.67
N ASP D 44 -19.71 24.10 51.68
CA ASP D 44 -20.03 22.83 51.04
C ASP D 44 -19.80 22.90 49.53
N LEU D 45 -20.27 23.98 48.90
CA LEU D 45 -20.05 24.11 47.46
C LEU D 45 -18.56 24.23 47.12
N LYS D 46 -17.78 24.88 47.99
CA LYS D 46 -16.34 24.93 47.77
C LYS D 46 -15.70 23.56 47.94
N PHE D 47 -16.19 22.77 48.89
CA PHE D 47 -15.66 21.42 49.09
C PHE D 47 -15.94 20.54 47.89
N TYR D 48 -17.16 20.63 47.35
CA TYR D 48 -17.55 19.76 46.25
C TYR D 48 -16.78 20.03 44.96
N PHE D 49 -16.13 21.19 44.84
CA PHE D 49 -15.50 21.60 43.59
C PHE D 49 -13.98 21.49 43.61
N MET D 50 -13.39 21.01 44.70
CA MET D 50 -11.94 20.93 44.78
C MET D 50 -11.45 19.50 44.55
N SER D 51 -10.21 19.41 44.10
CA SER D 51 -9.62 18.12 43.79
C SER D 51 -9.36 17.32 45.07
N PRO D 52 -9.33 15.99 44.98
CA PRO D 52 -9.03 15.19 46.17
C PRO D 52 -7.69 15.52 46.80
N CYS D 53 -6.69 15.88 45.98
CA CYS D 53 -5.42 16.34 46.51
C CYS D 53 -5.63 17.60 47.36
N GLU D 54 -6.43 18.53 46.85
CA GLU D 54 -6.74 19.72 47.63
C GLU D 54 -7.63 19.41 48.83
N LYS D 55 -8.53 18.43 48.72
CA LYS D 55 -9.33 18.04 49.86
C LYS D 55 -8.46 17.51 50.99
N TYR D 56 -7.47 16.68 50.66
CA TYR D 56 -6.56 16.18 51.68
C TYR D 56 -5.63 17.27 52.19
N ARG D 57 -5.21 18.19 51.32
CA ARG D 57 -4.37 19.30 51.76
C ARG D 57 -5.11 20.19 52.74
N ALA D 58 -6.40 20.40 52.53
CA ALA D 58 -7.17 21.33 53.34
C ALA D 58 -7.75 20.67 54.59
N ARG D 59 -8.59 19.66 54.41
CA ARG D 59 -9.35 19.09 55.52
C ARG D 59 -8.87 17.71 55.94
N ARG D 60 -7.71 17.26 55.44
CA ARG D 60 -7.09 16.00 55.85
C ARG D 60 -8.01 14.81 55.62
N GLN D 61 -8.84 14.89 54.58
CA GLN D 61 -9.75 13.80 54.23
C GLN D 61 -9.03 12.83 53.31
N ILE D 62 -8.91 11.58 53.75
CA ILE D 62 -8.15 10.60 52.96
C ILE D 62 -8.90 10.29 51.67
N PRO D 63 -8.22 10.22 50.53
CA PRO D 63 -8.91 9.93 49.26
C PRO D 63 -9.02 8.43 48.99
N TRP D 64 -9.79 7.74 49.83
CA TRP D 64 -9.91 6.30 49.65
C TRP D 64 -10.73 5.96 48.42
N LYS D 65 -11.60 6.87 47.97
CA LYS D 65 -12.28 6.66 46.70
C LYS D 65 -11.30 6.67 45.53
N LEU D 66 -10.32 7.58 45.57
CA LEU D 66 -9.29 7.61 44.53
C LEU D 66 -8.45 6.33 44.56
N GLY D 67 -8.11 5.86 45.75
CA GLY D 67 -7.38 4.60 45.86
C GLY D 67 -8.19 3.44 45.32
N LEU D 68 -9.49 3.42 45.60
CA LEU D 68 -10.37 2.39 45.06
C LEU D 68 -10.38 2.43 43.55
N GLN D 69 -10.42 3.63 42.97
CA GLN D 69 -10.41 3.74 41.51
C GLN D 69 -9.09 3.28 40.91
N ILE D 70 -7.97 3.59 41.55
CA ILE D 70 -6.69 3.12 41.03
C ILE D 70 -6.61 1.60 41.11
N LEU D 71 -7.06 1.02 42.22
CA LEU D 71 -7.12 -0.43 42.34
C LEU D 71 -8.01 -1.03 41.25
N LYS D 72 -9.13 -0.36 40.96
CA LYS D 72 -10.03 -0.84 39.92
C LYS D 72 -9.35 -0.83 38.56
N ILE D 73 -8.61 0.24 38.25
CA ILE D 73 -7.88 0.30 36.99
C ILE D 73 -6.92 -0.87 36.88
N VAL D 74 -6.14 -1.10 37.95
CA VAL D 74 -5.12 -2.15 37.91
C VAL D 74 -5.76 -3.53 37.73
N MET D 75 -6.81 -3.82 38.50
CA MET D 75 -7.41 -5.14 38.43
C MET D 75 -8.20 -5.38 37.14
N VAL D 76 -8.88 -4.36 36.62
CA VAL D 76 -9.57 -4.51 35.35
C VAL D 76 -8.58 -4.80 34.24
N THR D 77 -7.47 -4.05 34.20
CA THR D 77 -6.47 -4.32 33.17
C THR D 77 -5.85 -5.69 33.33
N THR D 78 -5.59 -6.11 34.57
CA THR D 78 -5.01 -7.43 34.81
C THR D 78 -5.94 -8.53 34.32
N GLN D 79 -7.23 -8.43 34.65
CA GLN D 79 -8.19 -9.44 34.22
C GLN D 79 -8.25 -9.49 32.70
N LEU D 80 -8.27 -8.33 32.04
CA LEU D 80 -8.33 -8.31 30.58
C LEU D 80 -7.10 -8.96 29.97
N VAL D 81 -5.91 -8.69 30.51
CA VAL D 81 -4.69 -9.26 29.94
C VAL D 81 -4.66 -10.77 30.12
N ARG D 82 -5.01 -11.26 31.32
CA ARG D 82 -5.04 -12.69 31.54
C ARG D 82 -6.03 -13.39 30.63
N PHE D 83 -7.23 -12.81 30.50
CA PHE D 83 -8.25 -13.37 29.61
C PHE D 83 -7.77 -13.39 28.17
N GLY D 84 -7.12 -12.31 27.72
CA GLY D 84 -6.61 -12.28 26.37
C GLY D 84 -5.57 -13.35 26.11
N LEU D 85 -4.65 -13.55 27.06
CA LEU D 85 -3.61 -14.54 26.85
C LEU D 85 -4.18 -15.96 26.77
N SER D 86 -5.07 -16.30 27.71
CA SER D 86 -5.62 -17.66 27.70
C SER D 86 -6.48 -17.92 26.46
N ASN D 87 -7.36 -16.99 26.13
CA ASN D 87 -8.22 -17.22 24.97
C ASN D 87 -7.42 -17.17 23.68
N GLN D 88 -6.30 -16.43 23.67
CA GLN D 88 -5.38 -16.46 22.54
C GLN D 88 -4.82 -17.86 22.34
N LEU D 89 -4.42 -18.52 23.43
CA LEU D 89 -3.93 -19.89 23.33
C LEU D 89 -4.99 -20.81 22.72
N VAL D 90 -6.21 -20.75 23.26
CA VAL D 90 -7.25 -21.66 22.79
C VAL D 90 -7.56 -21.44 21.31
N VAL D 91 -7.71 -20.17 20.92
CA VAL D 91 -8.02 -19.85 19.53
C VAL D 91 -6.90 -20.31 18.61
N ALA D 92 -5.65 -20.14 19.04
CA ALA D 92 -4.53 -20.59 18.22
C ALA D 92 -4.59 -22.08 17.99
N PHE D 93 -4.88 -22.86 19.04
CA PHE D 93 -4.98 -24.31 18.85
C PHE D 93 -6.08 -24.65 17.84
N LYS D 94 -7.25 -24.02 17.98
CA LYS D 94 -8.34 -24.36 17.08
C LYS D 94 -8.00 -23.99 15.63
N GLU D 95 -7.40 -22.82 15.42
CA GLU D 95 -7.08 -22.40 14.05
C GLU D 95 -6.02 -23.29 13.43
N ASP D 96 -5.02 -23.70 14.21
CA ASP D 96 -4.00 -24.59 13.68
C ASP D 96 -4.59 -25.93 13.28
N ASN D 97 -5.49 -26.48 14.11
CA ASN D 97 -6.13 -27.73 13.74
C ASN D 97 -6.98 -27.57 12.48
N THR D 98 -7.68 -26.44 12.34
CA THR D 98 -8.49 -26.22 11.14
C THR D 98 -7.63 -26.16 9.89
N VAL D 99 -6.47 -25.49 9.97
CA VAL D 99 -5.57 -25.43 8.82
C VAL D 99 -5.07 -26.82 8.46
N ALA D 100 -4.69 -27.61 9.48
CA ALA D 100 -4.25 -28.97 9.20
C ALA D 100 -5.36 -29.79 8.55
N PHE D 101 -6.60 -29.64 9.01
CA PHE D 101 -7.72 -30.37 8.41
C PHE D 101 -7.90 -29.98 6.95
N LYS D 102 -7.81 -28.69 6.64
CA LYS D 102 -7.94 -28.25 5.25
C LYS D 102 -6.85 -28.87 4.38
N HIS D 103 -5.62 -28.93 4.90
CA HIS D 103 -4.56 -29.57 4.12
C HIS D 103 -4.77 -31.07 3.97
N LEU D 104 -5.38 -31.72 4.98
CA LEU D 104 -5.58 -33.16 4.89
C LEU D 104 -6.72 -33.54 3.95
N PHE D 105 -7.81 -32.78 3.95
CA PHE D 105 -9.03 -33.23 3.29
C PHE D 105 -9.40 -32.48 2.02
N LEU D 106 -8.85 -31.30 1.78
CA LEU D 106 -9.13 -30.56 0.56
C LEU D 106 -8.04 -30.83 -0.46
N LYS D 107 -8.43 -31.32 -1.63
CA LYS D 107 -7.45 -31.73 -2.63
C LYS D 107 -6.79 -30.51 -3.24
N GLY D 108 -5.46 -30.55 -3.30
CA GLY D 108 -4.71 -29.44 -3.88
C GLY D 108 -4.95 -28.12 -3.19
N TYR D 109 -5.10 -28.14 -1.87
CA TYR D 109 -5.33 -26.90 -1.14
C TYR D 109 -4.05 -26.06 -1.15
N SER D 110 -4.18 -24.80 -1.55
CA SER D 110 -3.02 -23.95 -1.75
C SER D 110 -2.42 -23.43 -0.45
N GLY D 111 -3.09 -23.61 0.67
CA GLY D 111 -2.64 -23.09 1.93
C GLY D 111 -3.29 -21.80 2.36
N THR D 112 -3.97 -21.10 1.45
CA THR D 112 -4.72 -19.90 1.77
C THR D 112 -6.09 -19.98 1.12
N ASP D 113 -7.10 -19.46 1.80
CA ASP D 113 -8.46 -19.52 1.29
C ASP D 113 -8.62 -18.60 0.09
N GLU D 114 -9.33 -19.10 -0.93
CA GLU D 114 -9.64 -18.27 -2.08
C GLU D 114 -10.55 -17.11 -1.70
N ASP D 115 -11.53 -17.39 -0.84
CA ASP D 115 -12.54 -16.44 -0.41
C ASP D 115 -13.09 -16.98 0.92
N ASP D 116 -14.30 -16.57 1.29
CA ASP D 116 -14.97 -17.22 2.40
C ASP D 116 -15.00 -18.73 2.26
N TYR D 117 -14.98 -19.23 1.02
CA TYR D 117 -14.79 -20.64 0.74
C TYR D 117 -13.30 -20.96 0.55
N SER D 118 -12.93 -22.21 0.81
CA SER D 118 -11.52 -22.58 0.80
C SER D 118 -10.99 -22.77 -0.61
N CYS D 119 -11.70 -23.53 -1.44
CA CYS D 119 -11.25 -23.79 -2.80
C CYS D 119 -12.46 -24.01 -3.69
N SER D 120 -12.22 -24.11 -4.99
CA SER D 120 -13.28 -24.25 -5.97
C SER D 120 -12.84 -25.15 -7.11
N VAL D 121 -13.82 -25.77 -7.76
CA VAL D 121 -13.57 -26.61 -8.94
C VAL D 121 -14.52 -26.18 -10.04
N TYR D 122 -14.15 -26.52 -11.28
CA TYR D 122 -14.92 -26.12 -12.45
C TYR D 122 -15.25 -27.27 -13.39
N THR D 123 -14.88 -28.50 -13.04
CA THR D 123 -15.06 -29.65 -13.92
C THR D 123 -15.73 -30.76 -13.12
N GLN D 124 -16.51 -31.58 -13.83
CA GLN D 124 -17.21 -32.70 -13.17
C GLN D 124 -16.18 -33.70 -12.63
N GLU D 125 -15.00 -33.75 -13.23
CA GLU D 125 -13.95 -34.71 -12.84
C GLU D 125 -13.20 -34.18 -11.62
N ASP D 126 -12.89 -32.89 -11.61
CA ASP D 126 -12.24 -32.28 -10.42
C ASP D 126 -13.20 -32.39 -9.24
N ALA D 127 -14.50 -32.23 -9.49
CA ALA D 127 -15.50 -32.34 -8.41
C ALA D 127 -15.49 -33.74 -7.81
N TYR D 128 -15.54 -34.78 -8.64
CA TYR D 128 -15.55 -36.18 -8.15
C TYR D 128 -14.25 -36.48 -7.42
N GLU D 129 -13.12 -36.01 -7.93
CA GLU D 129 -11.80 -36.26 -7.33
C GLU D 129 -11.69 -35.54 -5.99
N SER D 130 -12.24 -34.33 -5.87
CA SER D 130 -12.23 -33.69 -4.57
C SER D 130 -13.04 -34.48 -3.55
N ILE D 131 -14.24 -34.93 -3.94
CA ILE D 131 -15.08 -35.70 -3.02
C ILE D 131 -14.38 -36.99 -2.62
N PHE D 132 -13.86 -37.71 -3.61
CA PHE D 132 -13.23 -38.99 -3.34
C PHE D 132 -11.96 -38.82 -2.53
N PHE D 133 -11.21 -37.74 -2.78
CA PHE D 133 -10.01 -37.46 -2.01
C PHE D 133 -10.35 -37.22 -0.55
N ALA D 134 -11.40 -36.44 -0.28
CA ALA D 134 -11.79 -36.22 1.10
C ALA D 134 -12.15 -37.53 1.79
N ILE D 135 -12.93 -38.37 1.12
CA ILE D 135 -13.35 -39.63 1.75
C ILE D 135 -12.15 -40.55 1.96
N ASN D 136 -11.25 -40.63 0.98
CA ASN D 136 -10.08 -41.50 1.10
C ASN D 136 -9.14 -41.02 2.19
N GLN D 137 -8.94 -39.71 2.31
CA GLN D 137 -8.09 -39.19 3.38
C GLN D 137 -8.69 -39.46 4.74
N TYR D 138 -10.03 -39.39 4.86
CA TYR D 138 -10.65 -39.77 6.12
C TYR D 138 -10.42 -41.24 6.43
N HIS D 139 -10.46 -42.10 5.41
CA HIS D 139 -10.25 -43.52 5.65
C HIS D 139 -8.86 -43.79 6.21
N GLN D 140 -7.84 -43.08 5.72
CA GLN D 140 -6.45 -43.30 6.09
C GLN D 140 -5.95 -42.26 7.11
N LEU D 141 -6.81 -41.81 8.02
CA LEU D 141 -6.46 -40.70 8.88
C LEU D 141 -5.28 -41.03 9.79
N LYS D 142 -5.27 -42.24 10.37
CA LYS D 142 -4.28 -42.57 11.38
C LYS D 142 -2.86 -42.57 10.81
N ASP D 143 -2.72 -42.86 9.53
CA ASP D 143 -1.40 -42.94 8.90
C ASP D 143 -0.98 -41.64 8.24
N ILE D 144 -1.80 -40.59 8.32
CA ILE D 144 -1.52 -39.36 7.60
C ILE D 144 -1.34 -38.20 8.57
N THR D 145 -2.07 -38.22 9.67
CA THR D 145 -2.09 -37.06 10.56
C THR D 145 -0.79 -36.96 11.34
N LEU D 146 -0.36 -35.73 11.56
CA LEU D 146 0.82 -35.48 12.39
C LEU D 146 0.49 -35.20 13.84
N GLY D 147 -0.76 -34.84 14.15
CA GLY D 147 -1.16 -34.55 15.50
C GLY D 147 -1.74 -35.76 16.21
N THR D 148 -2.33 -35.49 17.37
CA THR D 148 -2.98 -36.52 18.18
C THR D 148 -4.46 -36.53 17.84
N LEU D 149 -4.77 -37.09 16.67
CA LEU D 149 -6.13 -37.13 16.16
C LEU D 149 -6.66 -38.55 16.19
N GLY D 150 -7.97 -38.67 16.37
CA GLY D 150 -8.62 -39.96 16.31
C GLY D 150 -10.02 -39.78 15.78
N TYR D 151 -10.62 -40.90 15.39
CA TYR D 151 -12.01 -40.88 14.96
C TYR D 151 -12.92 -40.60 16.13
N GLY D 152 -13.98 -39.85 15.90
CA GLY D 152 -14.94 -39.51 16.92
C GLY D 152 -16.31 -40.08 16.61
N GLU D 153 -17.02 -40.48 17.65
CA GLU D 153 -18.40 -40.92 17.48
C GLU D 153 -19.28 -39.75 17.05
N ASN D 154 -20.21 -40.03 16.15
CA ASN D 154 -21.07 -39.01 15.60
C ASN D 154 -22.26 -38.76 16.54
N GLU D 155 -23.25 -38.02 16.07
CA GLU D 155 -24.42 -37.72 16.88
C GLU D 155 -25.26 -38.97 17.16
N ASP D 156 -25.13 -40.01 16.34
CA ASP D 156 -25.82 -41.28 16.56
C ASP D 156 -24.95 -42.29 17.30
N ASN D 157 -23.78 -41.87 17.78
CA ASN D 157 -22.84 -42.71 18.52
C ASN D 157 -22.38 -43.90 17.68
N ARG D 158 -21.79 -43.57 16.53
CA ARG D 158 -21.21 -44.58 15.65
C ARG D 158 -20.11 -43.91 14.83
N ILE D 159 -18.93 -44.52 14.81
CA ILE D 159 -17.81 -43.96 14.09
C ILE D 159 -18.00 -44.17 12.60
N GLY D 160 -17.97 -43.09 11.84
CA GLY D 160 -18.11 -43.20 10.40
C GLY D 160 -18.19 -41.83 9.75
N LEU D 161 -18.51 -41.87 8.46
CA LEU D 161 -18.56 -40.70 7.62
C LEU D 161 -19.94 -40.63 6.99
N LYS D 162 -20.52 -39.43 6.96
CA LYS D 162 -21.84 -39.23 6.37
C LYS D 162 -21.72 -38.34 5.14
N VAL D 163 -22.35 -38.76 4.06
CA VAL D 163 -22.39 -37.98 2.83
C VAL D 163 -23.86 -37.72 2.50
N CYS D 164 -24.23 -36.45 2.39
CA CYS D 164 -25.57 -36.07 1.99
C CYS D 164 -25.51 -35.24 0.73
N LYS D 165 -26.47 -35.47 -0.17
CA LYS D 165 -26.55 -34.74 -1.42
C LYS D 165 -27.96 -34.25 -1.65
N GLN D 166 -28.07 -33.06 -2.25
CA GLN D 166 -29.35 -32.44 -2.54
C GLN D 166 -29.45 -32.17 -4.04
N HIS D 167 -30.53 -32.65 -4.63
CA HIS D 167 -30.84 -32.45 -6.04
C HIS D 167 -32.24 -31.86 -6.16
N TYR D 168 -32.46 -31.12 -7.24
CA TYR D 168 -33.82 -30.79 -7.65
C TYR D 168 -34.43 -32.04 -8.25
N LYS D 169 -35.47 -32.58 -7.61
CA LYS D 169 -36.08 -33.79 -8.11
C LYS D 169 -36.68 -33.56 -9.49
N LYS D 170 -36.55 -34.55 -10.36
CA LYS D 170 -36.96 -34.41 -11.75
C LYS D 170 -38.33 -35.05 -11.99
N LEU D 180 -34.15 -29.42 -17.44
CA LEU D 180 -35.19 -29.39 -18.51
C LEU D 180 -36.54 -29.74 -17.89
N ASN D 181 -36.57 -30.75 -17.02
CA ASN D 181 -37.83 -31.10 -16.32
C ASN D 181 -37.54 -31.22 -14.82
N ILE D 182 -37.42 -30.09 -14.12
CA ILE D 182 -37.01 -30.13 -12.69
C ILE D 182 -38.05 -29.42 -11.82
N ASP D 183 -38.39 -29.99 -10.67
CA ASP D 183 -39.36 -29.35 -9.73
C ASP D 183 -38.57 -28.56 -8.68
N ASN D 184 -39.23 -27.68 -7.93
CA ASN D 184 -38.54 -26.82 -6.93
C ASN D 184 -38.25 -27.59 -5.64
N ASP D 185 -38.88 -28.73 -5.46
CA ASP D 185 -38.60 -29.57 -4.28
C ASP D 185 -37.19 -30.15 -4.39
N VAL D 186 -36.40 -30.01 -3.32
CA VAL D 186 -35.02 -30.58 -3.29
C VAL D 186 -35.08 -31.99 -2.70
N GLU D 187 -34.52 -32.97 -3.41
CA GLU D 187 -34.49 -34.37 -2.90
C GLU D 187 -33.17 -34.60 -2.15
N LEU D 188 -33.23 -34.72 -0.82
CA LEU D 188 -32.03 -35.00 -0.01
C LEU D 188 -31.80 -36.51 0.01
N ASP D 189 -30.55 -36.96 -0.07
CA ASP D 189 -30.24 -38.41 0.04
C ASP D 189 -28.91 -38.54 0.78
N CYS D 190 -28.88 -39.30 1.87
CA CYS D 190 -27.66 -39.47 2.64
C CYS D 190 -27.21 -40.92 2.67
N VAL D 191 -25.93 -41.12 2.95
CA VAL D 191 -25.36 -42.45 3.17
C VAL D 191 -24.39 -42.36 4.32
N GLN D 192 -24.38 -43.37 5.18
CA GLN D 192 -23.47 -43.44 6.31
C GLN D 192 -22.39 -44.45 5.98
N LEU D 193 -21.16 -43.97 5.83
CA LEU D 193 -20.02 -44.82 5.49
C LEU D 193 -19.22 -45.12 6.76
N ASP D 194 -19.25 -46.39 7.19
CA ASP D 194 -18.50 -46.82 8.35
C ASP D 194 -17.03 -47.03 8.00
N LEU D 195 -16.22 -47.26 9.02
CA LEU D 195 -14.82 -47.62 8.78
C LEU D 195 -14.72 -49.01 8.17
N GLN D 196 -15.63 -49.91 8.53
CA GLN D 196 -15.67 -51.22 7.89
C GLN D 196 -16.00 -51.09 6.40
N ASP D 197 -16.96 -50.22 6.06
CA ASP D 197 -17.33 -50.04 4.67
C ASP D 197 -16.19 -49.46 3.84
N LEU D 198 -15.48 -48.47 4.38
CA LEU D 198 -14.38 -47.86 3.63
C LEU D 198 -13.16 -48.76 3.62
N SER D 199 -13.03 -49.65 4.61
CA SER D 199 -11.87 -50.51 4.74
C SER D 199 -11.98 -51.80 3.95
N LYS D 200 -13.12 -52.06 3.31
CA LYS D 200 -13.22 -53.22 2.44
C LYS D 200 -12.20 -53.11 1.32
N LYS D 201 -11.38 -54.16 1.16
CA LYS D 201 -10.26 -54.08 0.23
C LYS D 201 -10.70 -53.80 -1.20
N PRO D 202 -11.73 -54.45 -1.73
CA PRO D 202 -12.40 -53.89 -2.91
C PRO D 202 -13.45 -52.88 -2.47
N PRO D 203 -13.22 -51.60 -2.72
CA PRO D 203 -14.15 -50.57 -2.22
C PRO D 203 -15.43 -50.56 -3.05
N ASP D 204 -16.57 -50.68 -2.36
CA ASP D 204 -17.86 -50.71 -3.02
C ASP D 204 -18.56 -49.36 -3.04
N TRP D 205 -18.16 -48.42 -2.18
CA TRP D 205 -18.81 -47.11 -2.18
C TRP D 205 -18.50 -46.31 -3.43
N LYS D 206 -17.29 -46.46 -3.99
CA LYS D 206 -16.93 -45.68 -5.17
C LYS D 206 -17.84 -46.00 -6.35
N ASN D 207 -18.19 -47.27 -6.52
CA ASN D 207 -18.98 -47.71 -7.65
C ASN D 207 -20.48 -47.65 -7.38
N SER D 208 -20.88 -47.28 -6.17
CA SER D 208 -22.30 -47.28 -5.83
C SER D 208 -23.05 -46.21 -6.60
N SER D 209 -24.36 -46.41 -6.76
CA SER D 209 -25.20 -45.48 -7.48
C SER D 209 -25.38 -44.15 -6.76
N PHE D 210 -24.97 -44.06 -5.49
CA PHE D 210 -25.09 -42.80 -4.76
C PHE D 210 -24.23 -41.71 -5.38
N PHE D 211 -23.01 -42.07 -5.74
CA PHE D 211 -22.00 -41.06 -6.15
C PHE D 211 -22.07 -40.76 -7.64
N ARG D 212 -23.17 -41.12 -8.30
CA ARG D 212 -23.37 -40.71 -9.71
C ARG D 212 -24.20 -39.43 -9.63
N LEU D 213 -23.55 -38.26 -9.63
CA LEU D 213 -24.28 -36.99 -9.42
C LEU D 213 -24.71 -36.40 -10.77
N GLU D 214 -25.93 -35.88 -10.87
CA GLU D 214 -26.39 -35.20 -12.11
C GLU D 214 -26.07 -33.73 -11.87
N PHE D 215 -24.90 -33.28 -12.32
CA PHE D 215 -24.49 -31.96 -11.85
C PHE D 215 -25.42 -30.83 -12.30
N TYR D 216 -26.26 -31.05 -13.31
CA TYR D 216 -27.12 -29.96 -13.76
C TYR D 216 -28.26 -29.68 -12.78
N ARG D 217 -28.59 -30.63 -11.91
CA ARG D 217 -29.57 -30.40 -10.85
C ARG D 217 -28.95 -30.32 -9.46
N LEU D 218 -27.65 -30.61 -9.34
CA LEU D 218 -27.05 -30.70 -8.03
C LEU D 218 -27.08 -29.35 -7.33
N LEU D 219 -27.50 -29.35 -6.06
CA LEU D 219 -27.41 -28.18 -5.21
C LEU D 219 -26.15 -28.19 -4.37
N GLN D 220 -25.88 -29.29 -3.68
CA GLN D 220 -24.66 -29.41 -2.90
C GLN D 220 -24.46 -30.85 -2.50
N VAL D 221 -23.22 -31.15 -2.11
CA VAL D 221 -22.85 -32.41 -1.45
C VAL D 221 -22.16 -32.04 -0.16
N GLU D 222 -22.56 -32.65 0.95
CA GLU D 222 -21.98 -32.36 2.25
C GLU D 222 -21.38 -33.62 2.85
N ILE D 223 -20.16 -33.51 3.36
CA ILE D 223 -19.46 -34.60 4.01
C ILE D 223 -19.25 -34.19 5.46
N SER D 224 -19.73 -35.02 6.39
CA SER D 224 -19.66 -34.70 7.81
C SER D 224 -18.97 -35.82 8.57
N PHE D 225 -18.10 -35.44 9.49
CA PHE D 225 -17.43 -36.42 10.34
C PHE D 225 -16.93 -35.72 11.60
N HIS D 226 -16.57 -36.51 12.59
CA HIS D 226 -16.09 -36.04 13.88
C HIS D 226 -14.66 -36.53 14.10
N LEU D 227 -13.83 -35.68 14.72
CA LEU D 227 -12.48 -36.06 15.11
C LEU D 227 -12.25 -35.66 16.56
N LYS D 228 -11.46 -36.47 17.27
CA LYS D 228 -11.06 -36.20 18.65
C LYS D 228 -9.60 -35.81 18.69
N GLY D 229 -9.31 -34.71 19.36
CA GLY D 229 -7.95 -34.19 19.41
C GLY D 229 -7.54 -33.87 20.83
N ILE D 230 -6.22 -33.94 21.06
CA ILE D 230 -5.63 -33.57 22.34
C ILE D 230 -4.49 -32.59 22.07
N ASP D 231 -4.44 -31.50 22.81
CA ASP D 231 -3.29 -30.62 22.77
C ASP D 231 -2.32 -31.03 23.86
N LEU D 232 -1.19 -31.62 23.46
CA LEU D 232 -0.14 -31.97 24.40
C LEU D 232 0.74 -30.80 24.75
N GLN D 233 0.42 -29.61 24.25
CA GLN D 233 1.20 -28.43 24.59
C GLN D 233 1.09 -28.06 26.06
N THR D 234 0.11 -28.62 26.77
CA THR D 234 -0.14 -28.25 28.16
C THR D 234 0.53 -29.16 29.18
N ILE D 235 0.87 -30.40 28.83
CA ILE D 235 1.30 -31.36 29.84
C ILE D 235 2.62 -30.99 30.49
N HIS D 236 3.39 -30.05 29.91
CA HIS D 236 4.62 -29.65 30.57
C HIS D 236 4.36 -28.93 31.88
N SER D 237 3.11 -28.52 32.14
CA SER D 237 2.75 -27.77 33.33
C SER D 237 1.95 -28.60 34.33
N ARG D 238 1.93 -29.93 34.21
CA ARG D 238 1.20 -30.85 35.06
C ARG D 238 -0.32 -30.70 34.90
N GLU D 239 -0.78 -29.72 34.12
CA GLU D 239 -2.20 -29.60 33.84
C GLU D 239 -2.68 -30.81 33.06
N LEU D 240 -3.82 -31.39 33.45
CA LEU D 240 -4.36 -32.49 32.61
C LEU D 240 -4.67 -31.88 31.24
N PRO D 241 -4.32 -32.54 30.12
CA PRO D 241 -4.52 -31.97 28.75
C PRO D 241 -5.99 -31.77 28.46
N ASP D 242 -6.32 -30.79 27.63
CA ASP D 242 -7.73 -30.55 27.23
C ASP D 242 -8.06 -31.39 25.98
N CYS D 243 -9.13 -32.18 26.04
CA CYS D 243 -9.52 -33.00 24.86
C CYS D 243 -10.62 -32.27 24.08
N TYR D 244 -10.44 -32.12 22.78
CA TYR D 244 -11.42 -31.38 21.95
C TYR D 244 -12.11 -32.30 20.98
N VAL D 245 -13.33 -31.98 20.62
CA VAL D 245 -14.10 -32.70 19.61
C VAL D 245 -14.29 -31.74 18.44
N PHE D 246 -13.87 -32.17 17.25
CA PHE D 246 -14.04 -31.38 16.04
C PHE D 246 -15.19 -31.95 15.23
N GLN D 247 -16.13 -31.11 14.88
CA GLN D 247 -17.24 -31.48 14.01
C GLN D 247 -17.00 -30.82 12.67
N ASN D 248 -16.53 -31.60 11.70
CA ASN D 248 -16.08 -31.08 10.42
C ASN D 248 -17.12 -31.36 9.35
N THR D 249 -17.41 -30.34 8.53
CA THR D 249 -18.27 -30.49 7.37
C THR D 249 -17.55 -29.90 6.16
N ILE D 250 -17.53 -30.66 5.07
CA ILE D 250 -17.05 -30.16 3.78
C ILE D 250 -18.27 -30.03 2.88
N ILE D 251 -18.51 -28.84 2.35
CA ILE D 251 -19.68 -28.57 1.55
C ILE D 251 -19.22 -28.27 0.13
N PHE D 252 -19.63 -29.11 -0.81
CA PHE D 252 -19.36 -28.92 -2.23
C PHE D 252 -20.58 -28.24 -2.83
N ASP D 253 -20.54 -26.93 -2.94
CA ASP D 253 -21.71 -26.09 -3.08
C ASP D 253 -21.77 -25.47 -4.47
N ASN D 254 -22.88 -25.68 -5.17
CA ASN D 254 -23.13 -24.97 -6.42
C ASN D 254 -24.59 -24.50 -6.47
N LYS D 255 -25.03 -23.84 -5.39
CA LYS D 255 -26.32 -23.18 -5.41
C LYS D 255 -26.43 -22.17 -6.54
N ALA D 256 -25.30 -21.54 -6.90
CA ALA D 256 -25.32 -20.54 -7.96
C ALA D 256 -25.60 -21.16 -9.32
N HIS D 257 -25.19 -22.41 -9.53
CA HIS D 257 -25.33 -23.09 -10.82
C HIS D 257 -24.68 -22.29 -11.94
N SER D 258 -23.52 -21.72 -11.65
CA SER D 258 -22.80 -20.86 -12.58
C SER D 258 -21.58 -21.53 -13.16
N GLY D 259 -21.43 -22.84 -12.99
CA GLY D 259 -20.29 -23.55 -13.50
C GLY D 259 -19.14 -23.71 -12.54
N LYS D 260 -19.27 -23.23 -11.31
CA LYS D 260 -18.24 -23.36 -10.30
C LYS D 260 -18.83 -23.94 -9.03
N ILE D 261 -18.18 -24.95 -8.48
CA ILE D 261 -18.52 -25.49 -7.17
C ILE D 261 -17.56 -24.91 -6.16
N LYS D 262 -18.11 -24.26 -5.14
CA LYS D 262 -17.31 -23.69 -4.05
C LYS D 262 -17.25 -24.69 -2.93
N ILE D 263 -16.06 -24.91 -2.39
CA ILE D 263 -15.84 -25.91 -1.36
C ILE D 263 -15.59 -25.19 -0.04
N TYR D 264 -16.51 -25.35 0.90
CA TYR D 264 -16.40 -24.75 2.23
C TYR D 264 -15.98 -25.82 3.23
N PHE D 265 -14.97 -25.51 4.03
CA PHE D 265 -14.58 -26.38 5.13
C PHE D 265 -14.83 -25.65 6.44
N ASP D 266 -15.69 -26.21 7.28
CA ASP D 266 -16.04 -25.63 8.56
C ASP D 266 -15.72 -26.63 9.66
N SER D 267 -14.94 -26.21 10.64
CA SER D 267 -14.59 -27.04 11.79
C SER D 267 -15.11 -26.36 13.05
N ASP D 268 -15.99 -27.05 13.77
CA ASP D 268 -16.54 -26.57 15.03
C ASP D 268 -15.95 -27.41 16.15
N ALA D 269 -15.13 -26.79 16.99
CA ALA D 269 -14.43 -27.47 18.06
C ALA D 269 -15.08 -27.15 19.40
N LYS D 270 -15.33 -28.18 20.18
CA LYS D 270 -15.82 -28.04 21.54
C LYS D 270 -14.92 -28.85 22.46
N ILE D 271 -14.98 -28.54 23.76
CA ILE D 271 -14.12 -29.17 24.75
C ILE D 271 -14.97 -30.17 25.53
N GLU D 272 -14.50 -31.41 25.58
CA GLU D 272 -15.17 -32.49 26.27
C GLU D 272 -14.22 -33.11 27.28
N GLU D 273 -14.79 -33.95 28.16
CA GLU D 273 -13.96 -34.65 29.12
C GLU D 273 -13.07 -35.66 28.40
N CYS D 274 -11.85 -35.84 28.90
CA CYS D 274 -10.96 -36.86 28.38
C CYS D 274 -11.40 -38.20 28.98
N LYS D 275 -12.15 -38.96 28.20
CA LYS D 275 -12.65 -40.25 28.68
C LYS D 275 -11.51 -41.20 28.97
N ASP D 276 -10.60 -41.37 28.02
CA ASP D 276 -9.49 -42.31 28.14
C ASP D 276 -8.17 -41.55 27.94
N LEU D 277 -7.45 -41.32 29.03
CA LEU D 277 -6.17 -40.64 28.99
C LEU D 277 -5.45 -40.87 30.32
N ASN D 278 -4.16 -41.19 30.23
CA ASN D 278 -3.35 -41.47 31.40
C ASN D 278 -2.06 -40.66 31.31
N ILE D 279 -1.98 -39.59 32.09
CA ILE D 279 -0.83 -38.68 32.07
C ILE D 279 -0.21 -38.74 33.46
N PHE D 280 0.62 -39.76 33.68
CA PHE D 280 1.25 -40.08 34.98
C PHE D 280 0.50 -39.56 36.21
N ASN D 286 -6.43 -24.82 38.54
CA ASN D 286 -6.30 -23.37 38.52
C ASN D 286 -7.66 -22.70 38.30
N ALA D 287 -8.72 -23.52 38.26
CA ALA D 287 -10.06 -23.00 38.03
C ALA D 287 -10.51 -22.09 39.16
N GLN D 288 -10.18 -22.45 40.40
CA GLN D 288 -10.60 -21.64 41.55
C GLN D 288 -9.99 -20.26 41.51
N TYR D 289 -8.70 -20.17 41.17
CA TYR D 289 -7.99 -18.90 41.22
C TYR D 289 -8.56 -17.89 40.22
N VAL D 290 -8.90 -18.36 39.02
CA VAL D 290 -9.55 -17.47 38.05
C VAL D 290 -10.92 -17.03 38.53
N LEU D 291 -11.69 -17.97 39.09
CA LEU D 291 -13.06 -17.66 39.47
C LEU D 291 -13.13 -16.65 40.61
N VAL D 292 -12.24 -16.78 41.61
CA VAL D 292 -12.26 -15.83 42.71
C VAL D 292 -11.81 -14.45 42.25
N PHE D 293 -10.83 -14.39 41.34
CA PHE D 293 -10.36 -13.10 40.85
C PHE D 293 -11.46 -12.35 40.12
N ASP D 294 -12.24 -13.05 39.29
CA ASP D 294 -13.38 -12.42 38.64
C ASP D 294 -14.42 -11.96 39.64
N ALA D 295 -14.47 -12.61 40.81
CA ALA D 295 -15.41 -12.18 41.85
C ALA D 295 -14.93 -10.91 42.52
N PHE D 296 -13.61 -10.76 42.71
CA PHE D 296 -13.08 -9.53 43.27
C PHE D 296 -13.25 -8.37 42.31
N VAL D 297 -13.11 -8.62 41.02
CA VAL D 297 -13.34 -7.57 40.03
C VAL D 297 -14.79 -7.11 40.07
N ILE D 298 -15.72 -8.04 40.22
CA ILE D 298 -17.13 -7.66 40.33
C ILE D 298 -17.36 -6.84 41.58
N VAL D 299 -16.78 -7.25 42.71
CA VAL D 299 -17.02 -6.56 43.98
C VAL D 299 -16.48 -5.14 43.91
N ILE D 300 -15.26 -4.96 43.40
CA ILE D 300 -14.68 -3.63 43.31
C ILE D 300 -15.48 -2.75 42.36
N CYS D 301 -15.86 -3.29 41.21
CA CYS D 301 -16.68 -2.53 40.28
C CYS D 301 -18.05 -2.26 40.85
N LEU D 302 -18.62 -3.21 41.58
CA LEU D 302 -19.89 -2.98 42.26
C LEU D 302 -19.76 -1.90 43.32
N ALA D 303 -18.63 -1.87 44.04
CA ALA D 303 -18.41 -0.84 45.04
C ALA D 303 -18.27 0.53 44.40
N SER D 304 -17.55 0.61 43.28
CA SER D 304 -17.39 1.87 42.58
C SER D 304 -18.74 2.39 42.07
N LEU D 305 -19.64 1.49 41.69
CA LEU D 305 -20.99 1.89 41.33
C LEU D 305 -21.71 2.55 42.51
N ILE D 306 -21.58 1.98 43.69
CA ILE D 306 -22.22 2.54 44.87
C ILE D 306 -21.67 3.91 45.19
N LEU D 307 -20.35 4.04 45.20
CA LEU D 307 -19.73 5.31 45.57
C LEU D 307 -20.05 6.41 44.57
N CYS D 308 -19.99 6.10 43.27
CA CYS D 308 -20.27 7.11 42.27
C CYS D 308 -21.72 7.56 42.31
N THR D 309 -22.65 6.63 42.46
CA THR D 309 -24.06 6.99 42.54
C THR D 309 -24.35 7.76 43.84
N ARG D 310 -23.69 7.39 44.93
CA ARG D 310 -23.79 8.16 46.15
C ARG D 310 -23.26 9.57 45.94
N SER D 311 -22.15 9.71 45.22
CA SER D 311 -21.60 11.02 44.93
C SER D 311 -22.55 11.86 44.08
N ILE D 312 -23.17 11.24 43.08
CA ILE D 312 -24.08 11.98 42.21
C ILE D 312 -25.30 12.46 43.00
N VAL D 313 -25.82 11.62 43.90
CA VAL D 313 -26.97 12.02 44.70
C VAL D 313 -26.61 13.19 45.62
N LEU D 314 -25.47 13.09 46.30
CA LEU D 314 -25.03 14.20 47.15
C LEU D 314 -24.76 15.45 46.34
N ALA D 315 -24.43 15.29 45.06
CA ALA D 315 -24.27 16.46 44.19
C ALA D 315 -25.61 17.11 43.89
N LEU D 316 -26.63 16.31 43.59
CA LEU D 316 -27.96 16.87 43.33
C LEU D 316 -28.58 17.49 44.57
N ARG D 317 -28.19 17.03 45.76
CA ARG D 317 -28.65 17.69 46.98
C ARG D 317 -28.09 19.10 47.08
N LEU D 318 -26.82 19.29 46.71
CA LEU D 318 -26.22 20.61 46.75
C LEU D 318 -26.83 21.54 45.70
N ARG D 319 -27.22 21.00 44.54
CA ARG D 319 -27.93 21.81 43.56
C ARG D 319 -29.25 22.31 44.13
N LYS D 320 -29.97 21.43 44.84
CA LYS D 320 -31.22 21.84 45.48
C LYS D 320 -30.98 22.96 46.48
N ARG D 321 -29.97 22.80 47.33
CA ARG D 321 -29.67 23.82 48.33
C ARG D 321 -29.24 25.13 47.69
N PHE D 322 -28.39 25.06 46.66
CA PHE D 322 -27.84 26.29 46.09
C PHE D 322 -28.93 27.12 45.41
N LEU D 323 -29.90 26.46 44.77
CA LEU D 323 -30.99 27.20 44.15
C LEU D 323 -31.82 27.95 45.18
N ASN D 324 -31.92 27.43 46.40
CA ASN D 324 -32.67 28.12 47.46
C ASN D 324 -32.02 29.46 47.79
N PHE D 325 -30.70 29.48 47.92
CA PHE D 325 -29.99 30.74 48.14
C PHE D 325 -30.04 31.65 46.93
N PHE D 326 -30.29 31.12 45.75
CA PHE D 326 -30.39 31.92 44.53
C PHE D 326 -31.83 32.01 44.01
N LEU D 327 -32.80 31.85 44.91
CA LEU D 327 -34.21 32.08 44.59
C LEU D 327 -34.83 33.19 45.41
N GLU D 328 -34.15 33.63 46.48
CA GLU D 328 -34.56 34.78 47.27
C GLU D 328 -33.62 35.95 47.11
N LYS D 329 -32.31 35.69 47.15
CA LYS D 329 -31.33 36.77 47.00
C LYS D 329 -31.48 37.46 45.65
N TYR D 330 -31.70 36.70 44.58
CA TYR D 330 -31.91 37.25 43.26
C TYR D 330 -33.14 36.59 42.64
N TRP D 340 -24.98 21.09 34.49
CA TRP D 340 -23.89 20.14 34.41
C TRP D 340 -22.80 20.47 35.44
N GLU D 341 -22.99 21.58 36.15
CA GLU D 341 -22.01 21.97 37.15
C GLU D 341 -21.96 20.96 38.29
N PHE D 342 -23.07 20.28 38.55
CA PHE D 342 -23.15 19.29 39.61
C PHE D 342 -23.36 17.87 39.09
N ILE D 343 -23.53 17.70 37.79
CA ILE D 343 -23.55 16.38 37.18
C ILE D 343 -22.21 16.22 36.48
N ASN D 344 -21.29 15.51 37.12
CA ASN D 344 -19.98 15.27 36.54
C ASN D 344 -20.12 14.24 35.43
N GLY D 345 -19.72 14.61 34.22
CA GLY D 345 -19.80 13.68 33.10
C GLY D 345 -18.86 12.51 33.22
N TRP D 346 -17.84 12.62 34.07
CA TRP D 346 -16.95 11.49 34.30
C TRP D 346 -17.65 10.38 35.08
N TYR D 347 -18.53 10.75 36.00
CA TYR D 347 -19.21 9.74 36.81
C TYR D 347 -20.16 8.90 35.98
N VAL D 348 -20.77 9.49 34.96
CA VAL D 348 -21.58 8.70 34.03
C VAL D 348 -20.72 7.65 33.34
N LEU D 349 -19.53 8.05 32.90
CA LEU D 349 -18.62 7.12 32.26
C LEU D 349 -18.19 6.02 33.22
N VAL D 350 -17.94 6.36 34.49
CA VAL D 350 -17.52 5.37 35.46
C VAL D 350 -18.65 4.37 35.73
N ILE D 351 -19.89 4.86 35.81
CA ILE D 351 -21.02 3.98 36.02
C ILE D 351 -21.19 3.02 34.85
N ILE D 352 -21.10 3.52 33.63
CA ILE D 352 -21.22 2.66 32.46
C ILE D 352 -20.10 1.62 32.45
N SER D 353 -18.87 2.05 32.76
CA SER D 353 -17.75 1.13 32.77
C SER D 353 -17.93 0.04 33.82
N ASP D 354 -18.42 0.40 35.00
CA ASP D 354 -18.65 -0.61 36.04
C ASP D 354 -19.72 -1.60 35.61
N LEU D 355 -20.81 -1.11 35.03
CA LEU D 355 -21.85 -2.01 34.54
C LEU D 355 -21.28 -2.98 33.52
N MET D 356 -20.51 -2.46 32.55
CA MET D 356 -19.96 -3.33 31.52
C MET D 356 -18.96 -4.32 32.08
N THR D 357 -18.14 -3.90 33.04
CA THR D 357 -17.16 -4.82 33.63
C THR D 357 -17.87 -5.93 34.40
N ILE D 358 -18.93 -5.60 35.15
CA ILE D 358 -19.67 -6.62 35.86
C ILE D 358 -20.31 -7.60 34.89
N ILE D 359 -20.92 -7.09 33.82
CA ILE D 359 -21.56 -7.97 32.84
C ILE D 359 -20.53 -8.86 32.17
N GLY D 360 -19.40 -8.29 31.76
CA GLY D 360 -18.36 -9.07 31.13
C GLY D 360 -17.78 -10.13 32.05
N SER D 361 -17.59 -9.79 33.32
CA SER D 361 -17.09 -10.77 34.29
C SER D 361 -18.09 -11.89 34.51
N ILE D 362 -19.38 -11.57 34.57
CA ILE D 362 -20.38 -12.62 34.72
C ILE D 362 -20.37 -13.55 33.52
N LEU D 363 -20.31 -12.98 32.31
CA LEU D 363 -20.23 -13.81 31.11
C LEU D 363 -18.96 -14.64 31.10
N LYS D 364 -17.84 -14.07 31.57
CA LYS D 364 -16.58 -14.80 31.61
C LYS D 364 -16.65 -15.97 32.57
N MET D 365 -17.23 -15.76 33.75
CA MET D 365 -17.38 -16.84 34.71
C MET D 365 -18.30 -17.91 34.18
N GLU D 366 -19.38 -17.52 33.50
CA GLU D 366 -20.27 -18.49 32.89
C GLU D 366 -19.54 -19.32 31.83
N ILE D 367 -18.72 -18.66 31.01
CA ILE D 367 -17.97 -19.36 29.98
C ILE D 367 -17.01 -20.36 30.60
N LYS D 368 -16.27 -19.94 31.63
CA LYS D 368 -15.29 -20.84 32.23
C LYS D 368 -15.98 -21.97 32.99
N ALA D 369 -17.15 -21.71 33.57
CA ALA D 369 -17.84 -22.73 34.35
C ALA D 369 -18.31 -23.88 33.47
N LYS D 370 -18.95 -23.57 32.35
CA LYS D 370 -19.53 -24.60 31.49
C LYS D 370 -18.66 -24.91 30.27
N ASN D 371 -17.40 -24.45 30.28
CA ASN D 371 -16.40 -24.83 29.27
C ASN D 371 -16.86 -24.51 27.86
N LEU D 372 -17.10 -23.22 27.60
CA LEU D 372 -17.45 -22.79 26.23
C LEU D 372 -16.23 -22.12 25.57
N THR D 373 -16.18 -22.09 24.24
CA THR D 373 -14.98 -21.55 23.55
C THR D 373 -15.27 -20.34 22.69
N ASN D 374 -16.50 -19.83 22.70
CA ASN D 374 -16.79 -18.57 21.95
C ASN D 374 -16.73 -17.45 22.97
N TYR D 375 -15.77 -16.54 22.83
CA TYR D 375 -15.60 -15.46 23.84
C TYR D 375 -15.89 -14.09 23.24
N ASP D 376 -16.44 -14.01 22.02
CA ASP D 376 -16.82 -12.69 21.41
C ASP D 376 -17.57 -11.69 22.31
N LEU D 377 -18.78 -11.98 22.75
CA LEU D 377 -19.58 -10.97 23.49
C LEU D 377 -18.83 -10.58 24.78
N CYS D 378 -18.20 -11.54 25.46
CA CYS D 378 -17.51 -11.23 26.74
C CYS D 378 -16.32 -10.32 26.43
N SER D 379 -15.60 -10.58 25.36
CA SER D 379 -14.45 -9.73 24.95
C SER D 379 -14.94 -8.33 24.57
N ILE D 380 -16.12 -8.21 23.95
CA ILE D 380 -16.66 -6.88 23.54
C ILE D 380 -17.06 -6.08 24.79
N PHE D 381 -17.58 -6.73 25.82
CA PHE D 381 -17.90 -6.00 27.04
C PHE D 381 -16.63 -5.63 27.80
N LEU D 382 -15.71 -6.57 27.96
CA LEU D 382 -14.50 -6.30 28.71
C LEU D 382 -13.63 -5.26 28.00
N GLY D 383 -13.51 -5.35 26.68
CA GLY D 383 -12.71 -4.39 25.96
C GLY D 383 -13.27 -3.00 26.02
N THR D 384 -14.59 -2.86 25.85
CA THR D 384 -15.19 -1.54 25.95
C THR D 384 -15.06 -0.96 27.35
N SER D 385 -15.23 -1.80 28.38
CA SER D 385 -15.09 -1.30 29.74
C SER D 385 -13.65 -0.85 30.03
N THR D 386 -12.66 -1.60 29.54
CA THR D 386 -11.27 -1.20 29.73
C THR D 386 -10.96 0.10 28.98
N LEU D 387 -11.45 0.22 27.75
CA LEU D 387 -11.29 1.47 27.01
C LEU D 387 -11.86 2.64 27.79
N LEU D 388 -13.05 2.47 28.36
CA LEU D 388 -13.67 3.55 29.11
C LEU D 388 -12.94 3.85 30.41
N VAL D 389 -12.36 2.84 31.06
CA VAL D 389 -11.57 3.09 32.27
C VAL D 389 -10.34 3.94 31.95
N TRP D 390 -9.65 3.60 30.87
CA TRP D 390 -8.45 4.35 30.52
C TRP D 390 -8.80 5.74 29.99
N VAL D 391 -9.98 5.90 29.39
CA VAL D 391 -10.43 7.25 29.05
C VAL D 391 -10.76 8.04 30.31
N GLY D 392 -11.32 7.37 31.32
CA GLY D 392 -11.68 8.05 32.55
C GLY D 392 -10.52 8.49 33.40
N VAL D 393 -9.33 7.91 33.18
CA VAL D 393 -8.13 8.43 33.83
C VAL D 393 -7.88 9.92 33.50
N ILE D 394 -8.43 10.39 32.37
CA ILE D 394 -8.28 11.80 32.00
C ILE D 394 -8.93 12.71 33.02
N ARG D 395 -9.86 12.20 33.84
CA ARG D 395 -10.42 13.02 34.92
C ARG D 395 -9.34 13.41 35.92
N TYR D 396 -8.41 12.52 36.25
CA TYR D 396 -7.41 12.86 37.29
C TYR D 396 -6.43 13.92 36.76
N LEU D 397 -6.05 13.83 35.48
CA LEU D 397 -5.15 14.83 34.87
C LEU D 397 -5.85 16.18 34.82
N GLY D 398 -7.14 16.19 34.47
CA GLY D 398 -7.93 17.43 34.37
C GLY D 398 -8.06 18.09 35.72
N TYR D 399 -7.63 17.43 36.79
CA TYR D 399 -7.63 18.13 38.10
C TYR D 399 -6.62 19.26 37.97
N PHE D 400 -5.44 18.97 37.40
CA PHE D 400 -4.41 20.02 37.17
C PHE D 400 -4.88 20.90 36.01
N GLN D 401 -5.21 22.16 36.27
CA GLN D 401 -5.80 23.06 35.23
C GLN D 401 -4.91 23.21 33.99
N ALA D 402 -3.62 22.93 34.12
CA ALA D 402 -2.70 23.04 32.96
C ALA D 402 -3.15 22.06 31.87
N TYR D 403 -3.66 20.89 32.27
CA TYR D 403 -4.14 19.89 31.28
C TYR D 403 -5.63 20.12 30.97
N ASN D 404 -6.33 20.83 31.86
CA ASN D 404 -7.80 21.03 31.69
C ASN D 404 -8.11 21.80 30.42
N VAL D 405 -7.30 22.81 30.09
CA VAL D 405 -7.58 23.69 28.92
C VAL D 405 -7.58 22.86 27.62
N LEU D 406 -7.04 21.65 27.65
CA LEU D 406 -6.95 20.81 26.42
C LEU D 406 -8.18 19.93 26.32
N ILE D 407 -8.83 19.58 27.44
CA ILE D 407 -10.12 18.84 27.45
C ILE D 407 -11.23 19.83 27.08
N LEU D 408 -11.09 21.09 27.49
CA LEU D 408 -12.11 22.12 27.21
C LEU D 408 -12.11 22.49 25.71
N THR D 409 -10.95 22.46 25.06
CA THR D 409 -10.84 22.81 23.63
C THR D 409 -11.52 21.78 22.75
N MET D 410 -11.56 20.51 23.16
CA MET D 410 -12.26 19.46 22.41
C MET D 410 -13.77 19.57 22.61
N GLN D 411 -14.21 19.78 23.86
CA GLN D 411 -15.64 19.91 24.12
C GLN D 411 -16.23 21.10 23.38
N ALA D 412 -15.48 22.20 23.30
CA ALA D 412 -15.96 23.39 22.62
C ALA D 412 -16.06 23.16 21.11
N SER D 413 -15.11 22.42 20.55
CA SER D 413 -15.13 22.13 19.12
C SER D 413 -16.17 21.10 18.72
N LEU D 414 -16.64 20.29 19.66
CA LEU D 414 -17.57 19.21 19.30
C LEU D 414 -18.84 19.69 18.59
N PRO D 415 -19.59 20.69 19.08
CA PRO D 415 -20.84 21.04 18.39
C PRO D 415 -20.65 21.51 16.95
N LYS D 416 -19.59 22.27 16.66
CA LYS D 416 -19.32 22.67 15.30
C LYS D 416 -19.00 21.47 14.42
N VAL D 417 -18.26 20.50 14.96
CA VAL D 417 -17.97 19.27 14.24
C VAL D 417 -19.26 18.53 13.91
N LEU D 418 -20.17 18.43 14.88
CA LEU D 418 -21.41 17.71 14.64
C LEU D 418 -22.29 18.44 13.61
N ARG D 419 -22.41 19.76 13.73
CA ARG D 419 -23.18 20.51 12.75
C ARG D 419 -22.59 20.35 11.35
N PHE D 420 -21.26 20.33 11.27
CA PHE D 420 -20.59 20.17 9.98
C PHE D 420 -20.76 18.77 9.41
N CYS D 421 -20.81 17.74 10.26
CA CYS D 421 -20.99 16.38 9.77
C CYS D 421 -22.35 16.21 9.10
N ALA D 422 -23.37 16.94 9.57
CA ALA D 422 -24.68 16.86 8.94
C ALA D 422 -24.63 17.30 7.49
N CYS D 423 -23.91 18.38 7.20
CA CYS D 423 -23.79 18.85 5.82
C CYS D 423 -22.89 17.94 4.99
N ALA D 424 -21.73 17.59 5.52
CA ALA D 424 -20.82 16.70 4.80
C ALA D 424 -21.37 15.29 4.68
N GLY D 425 -22.20 14.87 5.64
CA GLY D 425 -22.77 13.54 5.58
C GLY D 425 -23.69 13.34 4.39
N MET D 426 -24.44 14.37 4.03
CA MET D 426 -25.34 14.27 2.88
C MET D 426 -24.57 14.10 1.58
N ILE D 427 -23.50 14.89 1.40
CA ILE D 427 -22.65 14.72 0.22
C ILE D 427 -22.02 13.34 0.22
N TYR D 428 -21.58 12.88 1.40
CA TYR D 428 -20.97 11.55 1.50
C TYR D 428 -21.96 10.46 1.11
N LEU D 429 -23.21 10.57 1.55
CA LEU D 429 -24.23 9.59 1.19
C LEU D 429 -24.53 9.62 -0.31
N GLY D 430 -24.62 10.81 -0.89
CA GLY D 430 -24.85 10.89 -2.33
C GLY D 430 -23.74 10.24 -3.12
N TYR D 431 -22.49 10.51 -2.74
CA TYR D 431 -21.36 9.89 -3.42
C TYR D 431 -21.37 8.38 -3.21
N THR D 432 -21.75 7.91 -2.03
CA THR D 432 -21.79 6.48 -1.78
C THR D 432 -22.80 5.80 -2.70
N PHE D 433 -24.02 6.35 -2.78
CA PHE D 433 -25.02 5.76 -3.66
C PHE D 433 -24.58 5.80 -5.11
N CYS D 434 -24.05 6.93 -5.57
CA CYS D 434 -23.61 7.05 -6.95
C CYS D 434 -22.51 6.04 -7.28
N GLY D 435 -21.51 5.96 -6.41
CA GLY D 435 -20.40 5.06 -6.67
C GLY D 435 -20.81 3.61 -6.66
N TRP D 436 -21.71 3.24 -5.76
CA TRP D 436 -22.18 1.86 -5.76
C TRP D 436 -22.97 1.53 -7.03
N ILE D 437 -23.87 2.43 -7.45
CA ILE D 437 -24.71 2.09 -8.60
C ILE D 437 -23.89 2.07 -9.88
N VAL D 438 -22.88 2.93 -9.99
CA VAL D 438 -22.15 3.03 -11.25
C VAL D 438 -20.95 2.10 -11.26
N LEU D 439 -20.06 2.24 -10.29
CA LEU D 439 -18.81 1.51 -10.28
C LEU D 439 -18.92 0.16 -9.59
N GLY D 440 -20.11 -0.25 -9.16
CA GLY D 440 -20.31 -1.52 -8.53
C GLY D 440 -19.97 -2.71 -9.41
N PRO D 441 -20.46 -2.73 -10.65
CA PRO D 441 -20.15 -3.85 -11.55
C PRO D 441 -18.72 -3.88 -12.08
N TYR D 442 -17.90 -2.85 -11.83
CA TYR D 442 -16.59 -2.75 -12.46
C TYR D 442 -15.47 -2.52 -11.46
N HIS D 443 -15.73 -2.56 -10.17
CA HIS D 443 -14.71 -2.23 -9.17
C HIS D 443 -14.99 -3.04 -7.93
N ASP D 444 -13.95 -3.64 -7.36
CA ASP D 444 -14.13 -4.50 -6.21
C ASP D 444 -14.15 -3.73 -4.90
N LYS D 445 -13.78 -2.46 -4.92
CA LYS D 445 -13.91 -1.58 -3.77
C LYS D 445 -15.25 -0.85 -3.77
N PHE D 446 -16.14 -1.16 -4.71
CA PHE D 446 -17.43 -0.52 -4.81
C PHE D 446 -18.56 -1.53 -4.98
N GLU D 447 -18.35 -2.76 -4.52
CA GLU D 447 -19.29 -3.83 -4.84
C GLU D 447 -20.62 -3.66 -4.09
N ASN D 448 -20.57 -3.41 -2.79
CA ASN D 448 -21.76 -3.11 -2.01
C ASN D 448 -21.59 -1.78 -1.28
N LEU D 449 -22.70 -1.31 -0.69
CA LEU D 449 -22.75 0.04 -0.13
C LEU D 449 -21.81 0.22 1.04
N ASN D 450 -21.72 -0.79 1.91
CA ASN D 450 -20.80 -0.69 3.05
C ASN D 450 -19.35 -0.62 2.58
N THR D 451 -19.00 -1.40 1.56
CA THR D 451 -17.66 -1.31 1.00
C THR D 451 -17.40 0.05 0.39
N VAL D 452 -18.40 0.62 -0.28
CA VAL D 452 -18.24 1.95 -0.87
C VAL D 452 -17.99 2.99 0.23
N ALA D 453 -18.73 2.89 1.33
CA ALA D 453 -18.52 3.83 2.43
C ALA D 453 -17.11 3.74 2.98
N GLU D 454 -16.63 2.51 3.19
CA GLU D 454 -15.26 2.36 3.69
C GLU D 454 -14.22 2.85 2.68
N CYS D 455 -14.45 2.60 1.39
CA CYS D 455 -13.53 3.07 0.37
C CYS D 455 -13.46 4.59 0.33
N LEU D 456 -14.61 5.25 0.44
CA LEU D 456 -14.61 6.72 0.43
C LEU D 456 -13.93 7.27 1.68
N PHE D 457 -14.15 6.64 2.83
CA PHE D 457 -13.46 7.04 4.05
C PHE D 457 -11.95 6.96 3.87
N SER D 458 -11.47 5.82 3.35
CA SER D 458 -10.05 5.64 3.14
C SER D 458 -9.50 6.62 2.13
N LEU D 459 -10.27 6.91 1.07
CA LEU D 459 -9.83 7.88 0.07
C LEU D 459 -9.71 9.27 0.66
N VAL D 460 -10.67 9.66 1.51
CA VAL D 460 -10.56 10.93 2.20
C VAL D 460 -9.28 10.98 3.02
N ASN D 461 -8.90 9.86 3.62
CA ASN D 461 -7.65 9.82 4.35
C ASN D 461 -6.45 9.51 3.46
N GLY D 462 -6.63 9.52 2.13
CA GLY D 462 -5.55 9.39 1.19
C GLY D 462 -5.12 7.98 0.84
N ASP D 463 -5.82 6.97 1.35
CA ASP D 463 -5.34 5.59 1.26
C ASP D 463 -5.61 4.99 -0.11
N ASP D 464 -4.56 4.49 -0.74
CA ASP D 464 -4.64 3.65 -1.95
C ASP D 464 -5.40 4.35 -3.07
N MET D 465 -4.96 5.55 -3.40
CA MET D 465 -5.63 6.33 -4.43
C MET D 465 -5.29 5.82 -5.83
N PHE D 466 -4.03 5.51 -6.10
CA PHE D 466 -3.64 5.10 -7.43
C PHE D 466 -4.23 3.74 -7.79
N ALA D 467 -4.25 2.81 -6.86
CA ALA D 467 -4.86 1.52 -7.12
C ALA D 467 -6.35 1.66 -7.36
N THR D 468 -7.02 2.55 -6.61
CA THR D 468 -8.43 2.82 -6.85
C THR D 468 -8.64 3.39 -8.23
N PHE D 469 -7.76 4.29 -8.67
CA PHE D 469 -7.89 4.84 -10.02
C PHE D 469 -7.63 3.78 -11.08
N ALA D 470 -6.76 2.83 -10.81
CA ALA D 470 -6.32 1.87 -11.81
C ALA D 470 -7.14 0.60 -11.84
N GLN D 471 -8.05 0.39 -10.90
CA GLN D 471 -8.83 -0.84 -10.89
C GLN D 471 -10.01 -0.83 -11.86
N ILE D 472 -10.28 0.31 -12.51
CA ILE D 472 -11.36 0.39 -13.50
C ILE D 472 -10.76 0.10 -14.88
N GLN D 473 -11.14 -1.02 -15.46
CA GLN D 473 -10.69 -1.34 -16.82
C GLN D 473 -11.30 -0.37 -17.82
N GLN D 474 -10.48 0.06 -18.77
CA GLN D 474 -10.88 1.05 -19.77
C GLN D 474 -11.69 0.44 -20.91
N LYS D 475 -12.18 -0.79 -20.76
CA LYS D 475 -12.97 -1.42 -21.81
C LYS D 475 -14.25 -0.65 -22.10
N SER D 476 -14.95 -0.22 -21.05
CA SER D 476 -16.10 0.67 -21.21
C SER D 476 -15.61 2.10 -21.05
N ILE D 477 -15.60 2.85 -22.15
CA ILE D 477 -15.05 4.20 -22.12
C ILE D 477 -15.94 5.13 -21.30
N LEU D 478 -17.26 4.93 -21.37
CA LEU D 478 -18.19 5.80 -20.65
C LEU D 478 -18.03 5.65 -19.15
N VAL D 479 -18.03 4.41 -18.65
CA VAL D 479 -17.84 4.17 -17.23
C VAL D 479 -16.46 4.59 -16.77
N TRP D 480 -15.44 4.44 -17.63
CA TRP D 480 -14.10 4.87 -17.26
C TRP D 480 -14.03 6.37 -17.08
N LEU D 481 -14.60 7.13 -18.03
CA LEU D 481 -14.64 8.58 -17.90
C LEU D 481 -15.41 9.00 -16.66
N PHE D 482 -16.54 8.34 -16.41
CA PHE D 482 -17.32 8.69 -15.23
C PHE D 482 -16.56 8.38 -13.95
N SER D 483 -15.83 7.25 -13.90
CA SER D 483 -15.04 6.94 -12.72
C SER D 483 -13.98 7.99 -12.49
N ARG D 484 -13.31 8.43 -13.57
CA ARG D 484 -12.31 9.50 -13.42
C ARG D 484 -12.95 10.75 -12.84
N LEU D 485 -14.07 11.19 -13.43
CA LEU D 485 -14.76 12.38 -12.94
C LEU D 485 -15.19 12.22 -11.49
N TYR D 486 -15.78 11.06 -11.17
CA TYR D 486 -16.25 10.77 -9.82
C TYR D 486 -15.13 10.84 -8.80
N LEU D 487 -14.03 10.14 -9.06
CA LEU D 487 -12.93 10.11 -8.09
C LEU D 487 -12.28 11.47 -7.95
N TYR D 488 -12.03 12.16 -9.07
CA TYR D 488 -11.43 13.48 -8.98
C TYR D 488 -12.32 14.45 -8.20
N SER D 489 -13.62 14.46 -8.49
CA SER D 489 -14.51 15.39 -7.81
C SER D 489 -14.62 15.06 -6.33
N PHE D 490 -14.78 13.78 -5.98
CA PHE D 490 -14.89 13.42 -4.57
C PHE D 490 -13.63 13.80 -3.83
N ILE D 491 -12.47 13.43 -4.36
CA ILE D 491 -11.23 13.67 -3.63
C ILE D 491 -10.96 15.16 -3.50
N SER D 492 -11.07 15.91 -4.60
CA SER D 492 -10.86 17.35 -4.52
C SER D 492 -11.80 17.99 -3.53
N LEU D 493 -13.12 17.76 -3.70
CA LEU D 493 -14.12 18.34 -2.81
C LEU D 493 -13.81 18.04 -1.36
N PHE D 494 -13.80 16.75 -0.99
CA PHE D 494 -13.71 16.40 0.41
C PHE D 494 -12.36 16.76 1.01
N ILE D 495 -11.25 16.48 0.32
CA ILE D 495 -9.94 16.68 0.91
C ILE D 495 -9.54 18.16 0.93
N TYR D 496 -10.13 18.99 0.10
CA TYR D 496 -9.60 20.34 -0.02
C TYR D 496 -10.59 21.45 0.28
N MET D 497 -11.89 21.18 0.36
CA MET D 497 -12.80 22.18 0.89
C MET D 497 -13.38 21.74 2.22
N ILE D 498 -13.91 20.52 2.27
CA ILE D 498 -14.64 20.03 3.43
C ILE D 498 -13.73 19.97 4.65
N LEU D 499 -12.59 19.30 4.50
CA LEU D 499 -11.69 19.14 5.65
C LEU D 499 -10.93 20.42 5.96
N SER D 500 -10.70 21.29 4.99
CA SER D 500 -10.06 22.57 5.30
C SER D 500 -10.97 23.45 6.13
N LEU D 501 -12.25 23.53 5.75
CA LEU D 501 -13.21 24.25 6.59
C LEU D 501 -13.32 23.62 7.97
N PHE D 502 -13.30 22.29 8.03
CA PHE D 502 -13.35 21.58 9.30
C PHE D 502 -12.16 21.94 10.18
N ILE D 503 -10.96 21.92 9.62
CA ILE D 503 -9.75 22.26 10.36
C ILE D 503 -9.80 23.70 10.83
N ALA D 504 -10.27 24.40 9.92
CA ALA D 504 -10.34 25.81 10.29
C ALA D 504 -11.30 26.03 11.45
N LEU D 505 -12.49 25.41 11.39
CA LEU D 505 -13.42 25.48 12.51
C LEU D 505 -12.75 25.05 13.81
N ILE D 506 -12.09 23.91 13.83
CA ILE D 506 -11.56 23.37 15.12
C ILE D 506 -10.37 24.16 15.66
N THR D 507 -9.34 24.35 14.86
CA THR D 507 -8.14 25.02 15.40
C THR D 507 -8.52 26.43 15.85
N ASP D 508 -9.47 27.09 15.21
CA ASP D 508 -9.76 28.50 15.59
C ASP D 508 -10.70 28.53 16.81
N SER D 509 -11.55 27.53 16.93
CA SER D 509 -12.34 27.45 18.19
C SER D 509 -11.34 27.26 19.31
N TYR D 510 -10.24 26.56 19.03
CA TYR D 510 -9.18 26.39 20.04
C TYR D 510 -8.40 27.64 20.27
N ASP D 511 -8.42 28.62 19.39
CA ASP D 511 -8.06 30.03 19.72
C ASP D 511 -8.87 30.67 20.86
N THR D 512 -10.19 30.50 20.88
CA THR D 512 -11.02 31.09 21.93
C THR D 512 -10.93 30.49 23.30
N ILE D 513 -10.87 29.18 23.40
CA ILE D 513 -10.57 28.56 24.71
C ILE D 513 -9.18 29.05 25.16
N LYS D 514 -8.24 29.23 24.24
CA LYS D 514 -6.87 29.64 24.66
C LYS D 514 -6.91 31.08 25.17
N LYS D 515 -7.65 31.98 24.50
CA LYS D 515 -7.75 33.32 25.07
C LYS D 515 -8.79 33.42 26.18
N PHE D 516 -9.73 32.48 26.25
CA PHE D 516 -10.77 32.55 27.27
C PHE D 516 -10.25 32.15 28.64
N GLN D 517 -9.24 31.29 28.65
CA GLN D 517 -8.61 30.86 29.92
C GLN D 517 -7.57 31.91 30.34
N GLN D 518 -6.93 32.57 29.37
CA GLN D 518 -6.01 33.69 29.70
C GLN D 518 -6.77 34.75 30.52
N ASN D 519 -7.95 35.17 30.05
CA ASN D 519 -8.75 36.20 30.76
C ASN D 519 -9.33 35.60 32.04
C16 ZB4 E . 14.71 19.36 4.36
C17 ZB4 E . 15.56 16.69 1.86
C18 ZB4 E . 15.28 16.94 0.52
C19 ZB4 E . 15.02 15.89 -0.34
C20 ZB4 E . 15.01 14.59 0.13
C21 ZB4 E . 15.28 14.34 1.46
C22 ZB4 E . 15.55 15.39 2.32
C01 ZB4 E . 10.56 21.82 0.63
C02 ZB4 E . 11.62 20.98 0.93
C03 ZB4 E . 12.86 21.18 0.34
C05 ZB4 E . 11.96 23.07 -0.86
C06 ZB4 E . 10.73 22.86 -0.27
C07 ZB4 E . 11.94 19.00 4.88
C08 ZB4 E . 10.55 18.41 5.10
C09 ZB4 E . 10.36 17.03 4.38
C23 ZB4 E . 14.62 18.38 -1.22
C04 ZB4 E . 13.02 22.23 -0.56
C10 ZB4 E . 11.31 15.98 4.96
C11 ZB4 E . 12.68 16.56 5.31
C12 ZB4 E . 13.02 17.91 4.62
C13 ZB4 E . 15.10 17.28 5.11
C14 ZB4 E . 16.29 17.45 4.16
C15 ZB4 E . 15.05 18.97 2.92
N01 ZB4 E . 11.86 19.99 3.74
N02 ZB4 E . 14.24 18.33 5.09
N03 ZB4 E . 15.86 17.77 2.82
O01 ZB4 E . 10.01 19.11 2.07
O02 ZB4 E . 12.10 18.40 1.64
O03 ZB4 E . 15.29 18.24 0.03
S01 ZB4 E . 11.39 19.57 2.13
C16 ZB4 F . 0.76 10.54 22.33
C17 ZB4 F . 2.53 7.32 21.53
C18 ZB4 F . 3.88 7.39 21.24
C19 ZB4 F . 4.46 6.43 20.41
C20 ZB4 F . 3.68 5.43 19.88
C21 ZB4 F . 2.34 5.37 20.17
C22 ZB4 F . 1.76 6.31 21.00
C01 ZB4 F . 4.92 13.82 19.30
C02 ZB4 F . 4.43 12.66 19.90
C03 ZB4 F . 5.08 12.12 21.00
C05 ZB4 F . 6.69 13.91 20.92
C06 ZB4 F . 6.05 14.44 19.82
C07 ZB4 F . 0.12 11.65 19.78
C08 ZB4 F . -0.25 11.84 18.32
C09 ZB4 F . 0.10 10.61 17.44
C23 ZB4 F . 5.92 8.57 21.08
C04 ZB4 F . 6.21 12.76 21.51
C10 ZB4 F . -0.71 9.37 17.88
C11 ZB4 F . -0.89 9.30 19.38
C12 ZB4 F . 0.12 10.16 20.21
C13 ZB4 F . -0.47 8.72 21.81
C14 ZB4 F . 0.50 8.11 22.82
C15 ZB4 F . 2.06 9.73 22.26
N01 ZB4 F . 1.47 12.29 20.03
N02 ZB4 F . -0.21 10.03 21.53
N03 ZB4 F . 1.86 8.31 22.42
O01 ZB4 F . 2.83 12.07 17.79
O02 ZB4 F . 3.11 10.38 19.24
O03 ZB4 F . 4.69 8.39 21.76
S01 ZB4 F . 2.93 11.82 19.21
C16 ZB4 G . -19.03 13.35 8.34
C17 ZB4 G . -19.03 9.59 8.34
C18 ZB4 G . -18.71 8.93 9.52
C19 ZB4 G . -18.13 7.69 9.48
C20 ZB4 G . -17.88 7.07 8.28
C21 ZB4 G . -18.19 7.72 7.10
C22 ZB4 G . -18.77 8.98 7.14
C01 ZB4 G . -15.23 13.55 13.10
C02 ZB4 G . -16.09 12.91 12.22
C03 ZB4 G . -17.28 12.38 12.70
C05 ZB4 G . -16.75 13.13 14.92
C06 ZB4 G . -15.55 13.65 14.45
C07 ZB4 G . -16.30 14.05 7.96
C08 ZB4 G . -14.85 14.09 7.52
C09 ZB4 G . -14.29 12.69 7.15
C23 ZB4 G . -18.23 8.97 11.83
C04 ZB4 G . -17.61 12.49 14.04
C10 ZB4 G . -15.03 12.10 5.94
C11 ZB4 G . -16.51 12.44 5.94
C12 ZB4 G . -17.09 12.87 7.33
C13 ZB4 G . -19.00 12.27 6.36
C14 ZB4 G . -20.11 11.49 7.08
C15 ZB4 G . -19.15 12.03 9.12
N01 ZB4 G . -16.36 14.03 9.47
N02 ZB4 G . -18.41 13.20 7.15
N03 ZB4 G . -19.66 10.93 8.32
O01 ZB4 G . -14.22 12.71 10.27
O02 ZB4 G . -16.04 11.45 9.94
O03 ZB4 G . -18.95 9.54 10.76
S01 ZB4 G . -15.66 12.76 10.43
C16 ZB4 H . -5.07 22.16 -9.60
C17 ZB4 H . -6.00 18.93 -11.31
C18 ZB4 H . -7.31 18.48 -11.16
C19 ZB4 H . -7.57 17.13 -11.22
C20 ZB4 H . -6.55 16.23 -11.44
C21 ZB4 H . -5.26 16.69 -11.58
C22 ZB4 H . -4.99 18.05 -11.51
C01 ZB4 H . -9.58 21.53 -5.54
C02 ZB4 H . -8.90 21.22 -6.70
C03 ZB4 H . -9.50 21.42 -7.92
C05 ZB4 H . -11.48 22.27 -6.82
C06 ZB4 H . -10.86 22.06 -5.59
C07 ZB4 H . -4.49 21.40 -6.91
C08 ZB4 H . -4.03 20.64 -5.68
C09 ZB4 H . -4.01 19.10 -5.87
C23 ZB4 H . -9.53 18.77 -10.43
C04 ZB4 H . -10.79 21.95 -7.99
C10 ZB4 H . -2.99 18.69 -6.95
C11 ZB4 H . -2.94 19.69 -8.10
C12 ZB4 H . -4.18 20.62 -8.23
C13 ZB4 H . -3.43 20.80 -10.31
C14 ZB4 H . -4.33 20.81 -11.56
C15 ZB4 H . -6.15 21.24 -10.20
N01 ZB4 H . -5.95 21.71 -6.78
N02 ZB4 H . -3.94 21.50 -9.26
N03 ZB4 H . -5.66 20.39 -11.25
O01 ZB4 H . -7.03 19.75 -5.40
O02 ZB4 H . -7.05 19.45 -7.62
O03 ZB4 H . -8.35 19.36 -10.95
S01 ZB4 H . -7.19 20.50 -6.62
#